data_1BP8
# 
_entry.id   1BP8 
# 
_audit_conform.dict_name       mmcif_pdbx.dic 
_audit_conform.dict_version    5.383 
_audit_conform.dict_location   http://mmcif.pdb.org/dictionaries/ascii/mmcif_pdbx.dic 
# 
loop_
_database_2.database_id 
_database_2.database_code 
_database_2.pdbx_database_accession 
_database_2.pdbx_DOI 
PDB   1BP8         pdb_00001bp8 10.2210/pdb1bp8/pdb 
RCSB  RCSB007303   ?            ?                   
WWPDB D_1000007303 ?            ?                   
# 
loop_
_pdbx_audit_revision_history.ordinal 
_pdbx_audit_revision_history.data_content_type 
_pdbx_audit_revision_history.major_revision 
_pdbx_audit_revision_history.minor_revision 
_pdbx_audit_revision_history.revision_date 
1 'Structure model' 1 0 1999-08-16 
2 'Structure model' 1 1 2008-04-27 
3 'Structure model' 1 2 2011-07-13 
4 'Structure model' 2 0 2019-10-02 
5 'Structure model' 3 0 2020-07-29 
6 'Structure model' 3 1 2023-12-27 
# 
loop_
_pdbx_audit_revision_details.ordinal 
_pdbx_audit_revision_details.revision_ordinal 
_pdbx_audit_revision_details.data_content_type 
_pdbx_audit_revision_details.provider 
_pdbx_audit_revision_details.type 
_pdbx_audit_revision_details.description 
_pdbx_audit_revision_details.details 
1 1 'Structure model' repository 'Initial release' ?                          ? 
2 5 'Structure model' repository Remediation       'Carbohydrate remediation' ? 
# 
loop_
_pdbx_audit_revision_group.ordinal 
_pdbx_audit_revision_group.revision_ordinal 
_pdbx_audit_revision_group.data_content_type 
_pdbx_audit_revision_group.group 
1  2 'Structure model' 'Version format compliance' 
2  3 'Structure model' 'Version format compliance' 
3  4 'Structure model' 'Atomic model'              
4  4 'Structure model' 'Data collection'           
5  4 'Structure model' 'Derived calculations'      
6  5 'Structure model' 'Atomic model'              
7  5 'Structure model' 'Data collection'           
8  5 'Structure model' 'Derived calculations'      
9  5 'Structure model' 'Structure summary'         
10 6 'Structure model' 'Data collection'           
11 6 'Structure model' 'Database references'       
12 6 'Structure model' 'Derived calculations'      
13 6 'Structure model' 'Structure summary'         
# 
loop_
_pdbx_audit_revision_category.ordinal 
_pdbx_audit_revision_category.revision_ordinal 
_pdbx_audit_revision_category.data_content_type 
_pdbx_audit_revision_category.category 
1  4 'Structure model' atom_site                     
2  4 'Structure model' ndb_struct_conf_na            
3  4 'Structure model' pdbx_struct_assembly          
4  4 'Structure model' pdbx_struct_assembly_prop     
5  4 'Structure model' pdbx_struct_oper_list         
6  4 'Structure model' struct_conn                   
7  5 'Structure model' atom_site                     
8  5 'Structure model' chem_comp                     
9  5 'Structure model' entity                        
10 5 'Structure model' pdbx_branch_scheme            
11 5 'Structure model' pdbx_chem_comp_identifier     
12 5 'Structure model' pdbx_entity_branch            
13 5 'Structure model' pdbx_entity_branch_descriptor 
14 5 'Structure model' pdbx_entity_branch_link       
15 5 'Structure model' pdbx_entity_branch_list       
16 5 'Structure model' pdbx_entity_nonpoly           
17 5 'Structure model' pdbx_nonpoly_scheme           
18 5 'Structure model' pdbx_struct_assembly_gen      
19 5 'Structure model' pdbx_struct_conn_angle        
20 5 'Structure model' struct_asym                   
21 5 'Structure model' struct_conn                   
22 5 'Structure model' struct_site                   
23 5 'Structure model' struct_site_gen               
24 6 'Structure model' chem_comp                     
25 6 'Structure model' chem_comp_atom                
26 6 'Structure model' chem_comp_bond                
27 6 'Structure model' database_2                    
28 6 'Structure model' struct_conn                   
# 
loop_
_pdbx_audit_revision_item.ordinal 
_pdbx_audit_revision_item.revision_ordinal 
_pdbx_audit_revision_item.data_content_type 
_pdbx_audit_revision_item.item 
1  4 'Structure model' '_atom_site.Cartn_x'                          
2  4 'Structure model' '_atom_site.Cartn_y'                          
3  4 'Structure model' '_atom_site.Cartn_z'                          
4  5 'Structure model' '_atom_site.Cartn_x'                          
5  5 'Structure model' '_atom_site.Cartn_y'                          
6  5 'Structure model' '_atom_site.Cartn_z'                          
7  5 'Structure model' '_atom_site.auth_asym_id'                     
8  5 'Structure model' '_atom_site.auth_atom_id'                     
9  5 'Structure model' '_atom_site.auth_comp_id'                     
10 5 'Structure model' '_atom_site.auth_seq_id'                      
11 5 'Structure model' '_atom_site.label_asym_id'                    
12 5 'Structure model' '_atom_site.label_atom_id'                    
13 5 'Structure model' '_atom_site.label_comp_id'                    
14 5 'Structure model' '_atom_site.label_entity_id'                  
15 5 'Structure model' '_atom_site.type_symbol'                      
16 5 'Structure model' '_chem_comp.name'                             
17 5 'Structure model' '_chem_comp.type'                             
18 5 'Structure model' '_pdbx_struct_assembly_gen.asym_id_list'      
19 5 'Structure model' '_pdbx_struct_conn_angle.ptnr1_auth_asym_id'  
20 5 'Structure model' '_pdbx_struct_conn_angle.ptnr1_auth_seq_id'   
21 5 'Structure model' '_pdbx_struct_conn_angle.ptnr1_label_asym_id' 
22 5 'Structure model' '_pdbx_struct_conn_angle.ptnr1_label_atom_id' 
23 5 'Structure model' '_pdbx_struct_conn_angle.ptnr3_auth_asym_id'  
24 5 'Structure model' '_pdbx_struct_conn_angle.ptnr3_auth_seq_id'   
25 5 'Structure model' '_pdbx_struct_conn_angle.ptnr3_label_asym_id' 
26 5 'Structure model' '_pdbx_struct_conn_angle.ptnr3_label_atom_id' 
27 5 'Structure model' '_pdbx_struct_conn_angle.value'               
28 5 'Structure model' '_struct_conn.pdbx_dist_value'                
29 5 'Structure model' '_struct_conn.pdbx_leaving_atom_flag'         
30 5 'Structure model' '_struct_conn.pdbx_value_order'               
31 5 'Structure model' '_struct_conn.ptnr1_auth_asym_id'             
32 5 'Structure model' '_struct_conn.ptnr1_auth_comp_id'             
33 5 'Structure model' '_struct_conn.ptnr1_auth_seq_id'              
34 5 'Structure model' '_struct_conn.ptnr1_label_asym_id'            
35 5 'Structure model' '_struct_conn.ptnr1_label_atom_id'            
36 5 'Structure model' '_struct_conn.ptnr1_label_comp_id'            
37 5 'Structure model' '_struct_conn.ptnr2_auth_asym_id'             
38 5 'Structure model' '_struct_conn.ptnr2_auth_comp_id'             
39 5 'Structure model' '_struct_conn.ptnr2_auth_seq_id'              
40 5 'Structure model' '_struct_conn.ptnr2_label_asym_id'            
41 5 'Structure model' '_struct_conn.ptnr2_label_atom_id'            
42 5 'Structure model' '_struct_conn.ptnr2_label_comp_id'            
43 6 'Structure model' '_chem_comp.pdbx_synonyms'                    
44 6 'Structure model' '_database_2.pdbx_DOI'                        
45 6 'Structure model' '_database_2.pdbx_database_accession'         
46 6 'Structure model' '_struct_conn.pdbx_leaving_atom_flag'         
# 
_pdbx_database_status.status_code                     REL 
_pdbx_database_status.entry_id                        1BP8 
_pdbx_database_status.recvd_initial_deposition_date   1998-08-13 
_pdbx_database_status.deposit_site                    BNL 
_pdbx_database_status.process_site                    RCSB 
_pdbx_database_status.status_code_sf                  ? 
_pdbx_database_status.status_code_mr                  REL 
_pdbx_database_status.SG_entry                        N 
_pdbx_database_status.pdb_format_compatible           Y 
_pdbx_database_status.status_code_cs                  ? 
_pdbx_database_status.methods_development_category    ? 
_pdbx_database_status.status_code_nmr_data            ? 
# 
loop_
_audit_author.name 
_audit_author.pdbx_ordinal 
'Keniry, M.A.' 1 
'Owen, E.A.'   2 
'Shafer, R.H.' 3 
# 
_citation.id                        primary 
_citation.title                     
'The three-dimensional structure of the 4:1 mithramycin:d(ACCCGGGT)2 complex: evidence for an interaction between the E saccharides' 
_citation.journal_abbrev            Biopolymers 
_citation.journal_volume            54 
_citation.page_first                104 
_citation.page_last                 114 
_citation.year                      2000 
_citation.journal_id_ASTM           BIPMAA 
_citation.country                   US 
_citation.journal_id_ISSN           0006-3525 
_citation.journal_id_CSD            0161 
_citation.book_publisher            ? 
_citation.pdbx_database_id_PubMed   10861371 
_citation.pdbx_database_id_DOI      '10.1002/1097-0282(200008)54:2<104::AID-BIP3>3.0.CO;2-2' 
# 
loop_
_citation_author.citation_id 
_citation_author.name 
_citation_author.ordinal 
_citation_author.identifier_ORCID 
primary 'Keniry, M.A.' 1 ? 
primary 'Owen, E.A.'   2 ? 
primary 'Shafer, R.H.' 3 ? 
# 
loop_
_entity.id 
_entity.type 
_entity.src_method 
_entity.pdbx_description 
_entity.formula_weight 
_entity.pdbx_number_of_molecules 
_entity.pdbx_ec 
_entity.pdbx_mutation 
_entity.pdbx_fragment 
_entity.details 
1 polymer     syn "5'-D(*AP*CP*CP*CP*GP*GP*GP*T)-3'" 2427.605 2 ? ? ? 
;FOUR MOLECULES OF MITHRAMYCIN (PLICAMYCIN) (RESIDUES
DDA-DDA-DXB-DDA-DDL-DDB, CHAINS C, D, E, F) BOUND IN THE MINOR
GROOVE. Oxygens of the MITHRAMYCIN chromophore (residue DXB) are
complexed with Mg++
;
2 branched    man 'beta-D-Olivopyranose-(1-3)-beta-D-Olivopyranose' 278.299  4 ? ? ? ? 
3 branched    syn 
'2,6-dideoxy-3-C-methyl-beta-D-ribo-hexopyranose-(1-3)-2,6-dideoxy-beta-D-galactopyranose-(1-3)-beta-D-Olivopyranose' 422.468  4 ? 
? ? ? 
4 non-polymer syn 'MAGNESIUM ION' 24.305   2 ? ? ? ? 
5 non-polymer syn '1,2-HYDRO-1-OXY-3,4-HYDRO-3-(1-METHOXY-2-OXY-3,4-DIHYDROXYPENTYL)-8,9-DIHYDROXY-7-METHYL-ANTHRACENE' 388.411  4 
? ? ? ? 
# 
_entity_poly.entity_id                      1 
_entity_poly.type                           polydeoxyribonucleotide 
_entity_poly.nstd_linkage                   no 
_entity_poly.nstd_monomer                   no 
_entity_poly.pdbx_seq_one_letter_code       '(DA)(DC)(DC)(DC)(DG)(DG)(DG)(DT)' 
_entity_poly.pdbx_seq_one_letter_code_can   ACCCGGGT 
_entity_poly.pdbx_strand_id                 A,B 
_entity_poly.pdbx_target_identifier         ? 
# 
loop_
_pdbx_entity_nonpoly.entity_id 
_pdbx_entity_nonpoly.name 
_pdbx_entity_nonpoly.comp_id 
4 'MAGNESIUM ION'                                                                                       MG  
5 '1,2-HYDRO-1-OXY-3,4-HYDRO-3-(1-METHOXY-2-OXY-3,4-DIHYDROXYPENTYL)-8,9-DIHYDROXY-7-METHYL-ANTHRACENE' DXB 
# 
loop_
_entity_poly_seq.entity_id 
_entity_poly_seq.num 
_entity_poly_seq.mon_id 
_entity_poly_seq.hetero 
1 1 DA n 
1 2 DC n 
1 3 DC n 
1 4 DC n 
1 5 DG n 
1 6 DG n 
1 7 DG n 
1 8 DT n 
# 
loop_
_pdbx_entity_branch.entity_id 
_pdbx_entity_branch.type 
2 oligosaccharide 
3 oligosaccharide 
# 
loop_
_pdbx_entity_branch_descriptor.ordinal 
_pdbx_entity_branch_descriptor.entity_id 
_pdbx_entity_branch_descriptor.descriptor 
_pdbx_entity_branch_descriptor.type 
_pdbx_entity_branch_descriptor.program 
_pdbx_entity_branch_descriptor.program_version 
1 2 DOlib1-3DOlib1-ROH                                                                    'Glycam Condensed Sequence' GMML       
1.0   
2 2 'WURCS=2.0/1,2,1/[ad122m-1b_1-5]/1-1/a3-b1'                                           WURCS                       PDB2Glycan 
1.1.0 
3 2 '[][b-D-2,6-deoxy-Glcp]{[(3+1)][b-D-2,6-deoxy-Glcp]{}}'                               LINUCS                      PDB-CARE   ? 
4 3 'WURCS=2.0/3,3,2/[ad122m-1b_1-5][ad112m-1b_1-5][ad622m-1b_1-5_3*C]/1-2-3/a3-b1_b3-c1' WURCS                       PDB2Glycan 
1.1.0 
5 3 '[][b-D-2,6-deoxy-Glcp]{[(3+1)][b-D-2-deoxy-Fucp]{[(3+1)][b-D-2,6-deoxy-Allp]{}}}'    LINUCS                      PDB-CARE   ? 
# 
loop_
_pdbx_entity_branch_link.link_id 
_pdbx_entity_branch_link.entity_id 
_pdbx_entity_branch_link.entity_branch_list_num_1 
_pdbx_entity_branch_link.comp_id_1 
_pdbx_entity_branch_link.atom_id_1 
_pdbx_entity_branch_link.leaving_atom_id_1 
_pdbx_entity_branch_link.entity_branch_list_num_2 
_pdbx_entity_branch_link.comp_id_2 
_pdbx_entity_branch_link.atom_id_2 
_pdbx_entity_branch_link.leaving_atom_id_2 
_pdbx_entity_branch_link.value_order 
_pdbx_entity_branch_link.details 
1 2 2 DDA C1 O1 1 DDA O3 HO3 sing ? 
2 3 2 DDL C1 O1 1 DDA O3 HO3 sing ? 
3 3 3 MDA C1 O1 2 DDL O3 HO3 sing ? 
# 
loop_
_chem_comp.id 
_chem_comp.type 
_chem_comp.mon_nstd_flag 
_chem_comp.name 
_chem_comp.pdbx_synonyms 
_chem_comp.formula 
_chem_comp.formula_weight 
DA  'DNA linking'                y "2'-DEOXYADENOSINE-5'-MONOPHOSPHATE" ? 'C10 H14 N5 O6 P' 331.222 
DC  'DNA linking'                y "2'-DEOXYCYTIDINE-5'-MONOPHOSPHATE" ? 'C9 H14 N3 O7 P'  307.197 
DDA 'D-saccharide, beta linking' . beta-D-Olivopyranose 
;beta-D-Olivose; 2,6-dideoxy-beta-D-arabino-hexopyranose; 2,6-dideoxy-beta-D-glucopyranose; 2,6-dideoxy-beta-D-mannopyranose; 2-deoxy-beta-D-quinovopyranose; 2-deoxy-beta-D-rhamnoopyranose; D-Olivose; Olivose; 2,6-DIDEOXY-BETA-D-GLUCOSE; 2,6-DIDEOXY-BETA-D-MANNOSE
;
'C6 H12 O4'       148.157 
DDL 'D-saccharide, beta linking' . 2,6-dideoxy-beta-D-galactopyranose 
;2,6-DIDEOXY-BETA-D-GALACTOSE; 2,6-DIDEOXY-BETA-D-TALOSE; 2,6-dideoxy-beta-D-lyxo-hexopyranose; 2-deoxy-beta-D-fucopyranose; 2,6-dideoxy-D-galactose; 2,6-dideoxy-galactose
;
'C6 H12 O4'       148.157 
DG  'DNA linking'                y "2'-DEOXYGUANOSINE-5'-MONOPHOSPHATE" ? 'C10 H14 N5 O7 P' 347.221 
DT  'DNA linking'                y "THYMIDINE-5'-MONOPHOSPHATE" ? 'C10 H15 N2 O8 P' 322.208 
DXB non-polymer                  . 
'1,2-HYDRO-1-OXY-3,4-HYDRO-3-(1-METHOXY-2-OXY-3,4-DIHYDROXYPENTYL)-8,9-DIHYDROXY-7-METHYL-ANTHRACENE' ? 'C21 H24 O7'      388.411 
MDA 'D-saccharide, beta linking' . 2,6-dideoxy-3-C-methyl-beta-D-ribo-hexopyranose 
;2,6-DIDEOXY-3 C-METHYL-D-RIBOPYRANOSIDE; 2,6-dideoxy-3-C-methyl-beta-D-ribo-hexose; 2,6-dideoxy-3-C-methyl-D-ribo-hexose; 2,6-dideoxy-3-C-methyl-ribo-hexose
;
'C7 H14 O4'       162.184 
MG  non-polymer                  . 'MAGNESIUM ION' ? 'Mg 2'            24.305  
# 
loop_
_pdbx_chem_comp_identifier.comp_id 
_pdbx_chem_comp_identifier.type 
_pdbx_chem_comp_identifier.program 
_pdbx_chem_comp_identifier.program_version 
_pdbx_chem_comp_identifier.identifier 
DDA 'CONDENSED IUPAC CARBOHYDRATE SYMBOL' GMML     1.0 DOlib              
DDA 'COMMON NAME'                         GMML     1.0 b-D-Olivopyranose  
DDA 'IUPAC CARBOHYDRATE SYMBOL'           PDB-CARE 1.0 b-D-2,6-deoxy-Glcp 
DDA 'SNFG CARBOHYDRATE SYMBOL'            GMML     1.0 Oli                
DDL 'IUPAC CARBOHYDRATE SYMBOL'           PDB-CARE 1.0 b-D-2-deoxy-Fucp   
# 
loop_
_pdbx_poly_seq_scheme.asym_id 
_pdbx_poly_seq_scheme.entity_id 
_pdbx_poly_seq_scheme.seq_id 
_pdbx_poly_seq_scheme.mon_id 
_pdbx_poly_seq_scheme.ndb_seq_num 
_pdbx_poly_seq_scheme.pdb_seq_num 
_pdbx_poly_seq_scheme.auth_seq_num 
_pdbx_poly_seq_scheme.pdb_mon_id 
_pdbx_poly_seq_scheme.auth_mon_id 
_pdbx_poly_seq_scheme.pdb_strand_id 
_pdbx_poly_seq_scheme.pdb_ins_code 
_pdbx_poly_seq_scheme.hetero 
A 1 1 DA 1 1 1 DA A A . n 
A 1 2 DC 2 2 2 DC C A . n 
A 1 3 DC 3 3 3 DC C A . n 
A 1 4 DC 4 4 4 DC C A . n 
A 1 5 DG 5 5 5 DG G A . n 
A 1 6 DG 6 6 6 DG G A . n 
A 1 7 DG 7 7 7 DG G A . n 
A 1 8 DT 8 8 8 DT T A . n 
B 1 1 DA 1 1 1 DA A B . n 
B 1 2 DC 2 2 2 DC C B . n 
B 1 3 DC 3 3 3 DC C B . n 
B 1 4 DC 4 4 4 DC C B . n 
B 1 5 DG 5 5 5 DG G B . n 
B 1 6 DG 6 6 6 DG G B . n 
B 1 7 DG 7 7 7 DG G B . n 
B 1 8 DT 8 8 8 DT T B . n 
# 
loop_
_pdbx_branch_scheme.asym_id 
_pdbx_branch_scheme.entity_id 
_pdbx_branch_scheme.mon_id 
_pdbx_branch_scheme.num 
_pdbx_branch_scheme.pdb_asym_id 
_pdbx_branch_scheme.pdb_mon_id 
_pdbx_branch_scheme.pdb_seq_num 
_pdbx_branch_scheme.auth_asym_id 
_pdbx_branch_scheme.auth_mon_id 
_pdbx_branch_scheme.auth_seq_num 
_pdbx_branch_scheme.hetero 
C 2 DDA 1 C DDA 1 ? DDA 1 n 
C 2 DDA 2 C DDA 2 ? DDA 1 n 
D 3 DDA 1 D DDA 1 ? DDA 1 n 
D 3 DDL 2 D DDL 2 ? DDA 1 n 
D 3 MDA 3 D MDA 3 ? DDA 1 n 
E 2 DDA 1 E DDA 1 ? DDA 9 n 
E 2 DDA 2 E DDA 2 ? DDA 9 n 
F 3 DDA 1 F DDA 1 ? DDA 9 n 
F 3 DDL 2 F DDL 2 ? DDA 9 n 
F 3 MDA 3 F MDA 3 ? DDA 9 n 
G 3 DDA 1 G DDA 1 ? DDA 2 n 
G 3 DDL 2 G DDL 2 ? DDA 2 n 
G 3 MDA 3 G MDA 3 ? DDA 2 n 
H 2 DDA 1 H DDA 1 ? DDA 2 n 
H 2 DDA 2 H DDA 2 ? DDA 2 n 
I 2 DDA 1 I DDA 1 ? DDA 1 n 
I 2 DDA 2 I DDA 2 ? DDA 1 n 
J 3 DDA 1 J DDA 1 ? DDA 1 n 
J 3 DDL 2 J DDL 2 ? DDA 1 n 
J 3 MDA 3 J MDA 3 ? DDA 1 n 
# 
loop_
_pdbx_nonpoly_scheme.asym_id 
_pdbx_nonpoly_scheme.entity_id 
_pdbx_nonpoly_scheme.mon_id 
_pdbx_nonpoly_scheme.ndb_seq_num 
_pdbx_nonpoly_scheme.pdb_seq_num 
_pdbx_nonpoly_scheme.auth_seq_num 
_pdbx_nonpoly_scheme.pdb_mon_id 
_pdbx_nonpoly_scheme.auth_mon_id 
_pdbx_nonpoly_scheme.pdb_strand_id 
_pdbx_nonpoly_scheme.pdb_ins_code 
K 4 MG  1 17 1 MG  MG  A . 
L 4 MG  1 18 9 MG  MG  A . 
M 5 DXB 1 21 1 DXB DXB A . 
N 5 DXB 1 22 9 DXB DXB A . 
O 5 DXB 1 19 2 DXB DXB B . 
P 5 DXB 1 20 1 DXB DXB B . 
# 
_cell.entry_id           1BP8 
_cell.length_a           1.000 
_cell.length_b           1.000 
_cell.length_c           1.000 
_cell.angle_alpha        90.00 
_cell.angle_beta         90.00 
_cell.angle_gamma        90.00 
_cell.Z_PDB              1 
_cell.pdbx_unique_axis   ? 
# 
_symmetry.entry_id                         1BP8 
_symmetry.space_group_name_H-M             'P 1' 
_symmetry.pdbx_full_space_group_name_H-M   ? 
_symmetry.cell_setting                     ? 
_symmetry.Int_Tables_number                1 
# 
_exptl.entry_id          1BP8 
_exptl.method            'SOLUTION NMR' 
_exptl.crystals_number   ? 
# 
_struct.entry_id                  1BP8 
_struct.title                     '4:2:1 mithramycin:Mg++:d(ACCCGGGT)2 complex' 
_struct.pdbx_model_details        ? 
_struct.pdbx_CASP_flag            ? 
_struct.pdbx_model_type_details   ? 
# 
_struct_keywords.entry_id        1BP8 
_struct_keywords.pdbx_keywords   DNA 
_struct_keywords.text            'MITHRAMYCIN, DNA, OLIGONUCLEOTIDE' 
# 
loop_
_struct_asym.id 
_struct_asym.pdbx_blank_PDB_chainid_flag 
_struct_asym.pdbx_modified 
_struct_asym.entity_id 
_struct_asym.details 
A N N 1 ? 
B N N 1 ? 
C N N 2 ? 
D N N 3 ? 
E N N 2 ? 
F N N 3 ? 
G N N 3 ? 
H N N 2 ? 
I N N 2 ? 
J N N 3 ? 
K N N 4 ? 
L N N 4 ? 
M N N 5 ? 
N N N 5 ? 
O N N 5 ? 
P N N 5 ? 
# 
_struct_ref.id                         1 
_struct_ref.entity_id                  1 
_struct_ref.db_name                    PDB 
_struct_ref.db_code                    1BP8 
_struct_ref.pdbx_db_accession          1BP8 
_struct_ref.pdbx_db_isoform            ? 
_struct_ref.pdbx_seq_one_letter_code   ? 
_struct_ref.pdbx_align_begin           ? 
# 
loop_
_struct_ref_seq.align_id 
_struct_ref_seq.ref_id 
_struct_ref_seq.pdbx_PDB_id_code 
_struct_ref_seq.pdbx_strand_id 
_struct_ref_seq.seq_align_beg 
_struct_ref_seq.pdbx_seq_align_beg_ins_code 
_struct_ref_seq.seq_align_end 
_struct_ref_seq.pdbx_seq_align_end_ins_code 
_struct_ref_seq.pdbx_db_accession 
_struct_ref_seq.db_align_beg 
_struct_ref_seq.pdbx_db_align_beg_ins_code 
_struct_ref_seq.db_align_end 
_struct_ref_seq.pdbx_db_align_end_ins_code 
_struct_ref_seq.pdbx_auth_seq_align_beg 
_struct_ref_seq.pdbx_auth_seq_align_end 
1 1 1BP8 A 1 ? 8 ? 1BP8 1 ? 8 ? 1 8 
2 1 1BP8 B 1 ? 8 ? 1BP8 1 ? 8 ? 1 8 
# 
_pdbx_struct_assembly.id                   1 
_pdbx_struct_assembly.details              author_defined_assembly 
_pdbx_struct_assembly.method_details       ? 
_pdbx_struct_assembly.oligomeric_details   dimeric 
_pdbx_struct_assembly.oligomeric_count     2 
# 
loop_
_pdbx_struct_assembly_prop.biol_id 
_pdbx_struct_assembly_prop.type 
_pdbx_struct_assembly_prop.value 
_pdbx_struct_assembly_prop.details 
1 'ABSA (A^2)' 9960 ? 
1 MORE         125  ? 
1 'SSA (A^2)'  1860 ? 
# 
_pdbx_struct_assembly_gen.assembly_id       1 
_pdbx_struct_assembly_gen.oper_expression   1 
_pdbx_struct_assembly_gen.asym_id_list      A,B,C,D,E,F,G,H,I,J,K,L,M,N,O,P 
# 
_pdbx_struct_oper_list.id                   1 
_pdbx_struct_oper_list.type                 'identity operation' 
_pdbx_struct_oper_list.name                 1_555 
_pdbx_struct_oper_list.symmetry_operation   ? 
_pdbx_struct_oper_list.matrix[1][1]         1.0000000000 
_pdbx_struct_oper_list.matrix[1][2]         0.0000000000 
_pdbx_struct_oper_list.matrix[1][3]         0.0000000000 
_pdbx_struct_oper_list.vector[1]            0.0000000000 
_pdbx_struct_oper_list.matrix[2][1]         0.0000000000 
_pdbx_struct_oper_list.matrix[2][2]         1.0000000000 
_pdbx_struct_oper_list.matrix[2][3]         0.0000000000 
_pdbx_struct_oper_list.vector[2]            0.0000000000 
_pdbx_struct_oper_list.matrix[3][1]         0.0000000000 
_pdbx_struct_oper_list.matrix[3][2]         0.0000000000 
_pdbx_struct_oper_list.matrix[3][3]         1.0000000000 
_pdbx_struct_oper_list.vector[3]            0.0000000000 
# 
loop_
_struct_conn.id 
_struct_conn.conn_type_id 
_struct_conn.pdbx_leaving_atom_flag 
_struct_conn.pdbx_PDB_id 
_struct_conn.ptnr1_label_asym_id 
_struct_conn.ptnr1_label_comp_id 
_struct_conn.ptnr1_label_seq_id 
_struct_conn.ptnr1_label_atom_id 
_struct_conn.pdbx_ptnr1_label_alt_id 
_struct_conn.pdbx_ptnr1_PDB_ins_code 
_struct_conn.pdbx_ptnr1_standard_comp_id 
_struct_conn.ptnr1_symmetry 
_struct_conn.ptnr2_label_asym_id 
_struct_conn.ptnr2_label_comp_id 
_struct_conn.ptnr2_label_seq_id 
_struct_conn.ptnr2_label_atom_id 
_struct_conn.pdbx_ptnr2_label_alt_id 
_struct_conn.pdbx_ptnr2_PDB_ins_code 
_struct_conn.ptnr1_auth_asym_id 
_struct_conn.ptnr1_auth_comp_id 
_struct_conn.ptnr1_auth_seq_id 
_struct_conn.ptnr2_auth_asym_id 
_struct_conn.ptnr2_auth_comp_id 
_struct_conn.ptnr2_auth_seq_id 
_struct_conn.ptnr2_symmetry 
_struct_conn.pdbx_ptnr3_label_atom_id 
_struct_conn.pdbx_ptnr3_label_seq_id 
_struct_conn.pdbx_ptnr3_label_comp_id 
_struct_conn.pdbx_ptnr3_label_asym_id 
_struct_conn.pdbx_ptnr3_label_alt_id 
_struct_conn.pdbx_ptnr3_PDB_ins_code 
_struct_conn.details 
_struct_conn.pdbx_dist_value 
_struct_conn.pdbx_value_order 
_struct_conn.pdbx_role 
covale1  covale one  ? M DXB . C6 ? ? ? 1_555 C DDA . O1 ? ? A DXB 21 C DDA 1  1_555 ? ? ? ? ? ? ?            1.340 ?    ? 
covale2  covale one  ? M DXB . C2 ? ? ? 1_555 D DDA . O1 ? ? A DXB 21 D DDA 1  1_555 ? ? ? ? ? ? ?            1.416 ?    ? 
covale3  covale one  ? N DXB . C6 ? ? ? 1_555 E DDA . O1 ? ? A DXB 22 E DDA 1  1_555 ? ? ? ? ? ? ?            1.356 ?    ? 
covale4  covale one  ? N DXB . C2 ? ? ? 1_555 F DDA . O1 ? ? A DXB 22 F DDA 1  1_555 ? ? ? ? ? ? ?            1.431 ?    ? 
covale5  covale one  ? O DXB . C2 ? ? ? 1_555 G DDA . O1 ? ? B DXB 19 G DDA 1  1_555 ? ? ? ? ? ? ?            1.426 ?    ? 
covale6  covale one  ? O DXB . C6 ? ? ? 1_555 H DDA . O1 ? ? B DXB 19 H DDA 1  1_555 ? ? ? ? ? ? ?            1.356 ?    ? 
covale7  covale one  ? P DXB . C6 ? ? ? 1_555 I DDA . O1 ? ? B DXB 20 I DDA 1  1_555 ? ? ? ? ? ? ?            1.345 ?    ? 
covale8  covale one  ? P DXB . C2 ? ? ? 1_555 J DDA . O1 ? ? B DXB 20 J DDA 1  1_555 ? ? ? ? ? ? ?            1.412 ?    ? 
covale9  covale both ? C DDA . O3 ? ? ? 1_555 C DDA . C1 ? ? C DDA 1  C DDA 2  1_555 ? ? ? ? ? ? ?            1.386 ?    ? 
covale10 covale both ? D DDA . O3 ? ? ? 1_555 D DDL . C1 ? ? D DDA 1  D DDL 2  1_555 ? ? ? ? ? ? ?            1.400 sing ? 
covale11 covale both ? D DDL . O3 ? ? ? 1_555 D MDA . C1 ? ? D DDL 2  D MDA 3  1_555 ? ? ? ? ? ? ?            1.414 sing ? 
covale12 covale both ? E DDA . O3 ? ? ? 1_555 E DDA . C1 ? ? E DDA 1  E DDA 2  1_555 ? ? ? ? ? ? ?            1.353 ?    ? 
covale13 covale both ? F DDA . O3 ? ? ? 1_555 F DDL . C1 ? ? F DDA 1  F DDL 2  1_555 ? ? ? ? ? ? ?            1.410 sing ? 
covale14 covale both ? F DDL . O3 ? ? ? 1_555 F MDA . C1 ? ? F DDL 2  F MDA 3  1_555 ? ? ? ? ? ? ?            1.424 sing ? 
covale15 covale both ? G DDA . O3 ? ? ? 1_555 G DDL . C1 ? ? G DDA 1  G DDL 2  1_555 ? ? ? ? ? ? ?            1.410 sing ? 
covale16 covale both ? G DDL . O3 ? ? ? 1_555 G MDA . C1 ? ? G DDL 2  G MDA 3  1_555 ? ? ? ? ? ? ?            1.432 sing ? 
covale17 covale both ? H DDA . O3 ? ? ? 1_555 H DDA . C1 ? ? H DDA 1  H DDA 2  1_555 ? ? ? ? ? ? ?            1.402 ?    ? 
covale18 covale both ? I DDA . O3 ? ? ? 1_555 I DDA . C1 ? ? I DDA 1  I DDA 2  1_555 ? ? ? ? ? ? ?            1.404 ?    ? 
covale19 covale both ? J DDA . O3 ? ? ? 1_555 J DDL . C1 ? ? J DDA 1  J DDL 2  1_555 ? ? ? ? ? ? ?            1.398 sing ? 
covale20 covale both ? J DDL . O3 ? ? ? 1_555 J MDA . C1 ? ? J DDL 2  J MDA 3  1_555 ? ? ? ? ? ? ?            1.414 sing ? 
metalc1  metalc ?    ? K MG  . MG ? ? ? 1_555 M DXB . O9 ? ? A MG  17 A DXB 21 1_555 ? ? ? ? ? ? ?            1.652 ?    ? 
metalc2  metalc ?    ? K MG  . MG ? ? ? 1_555 M DXB . O1 ? ? A MG  17 A DXB 21 1_555 ? ? ? ? ? ? ?            2.133 ?    ? 
metalc3  metalc ?    ? K MG  . MG ? ? ? 1_555 O DXB . O9 ? ? A MG  17 B DXB 19 1_555 ? ? ? ? ? ? ?            2.255 ?    ? 
metalc4  metalc ?    ? K MG  . MG ? ? ? 1_555 O DXB . O1 ? ? A MG  17 B DXB 19 1_555 ? ? ? ? ? ? ?            2.072 ?    ? 
metalc5  metalc ?    ? L MG  . MG ? ? ? 1_555 N DXB . O9 ? ? A MG  18 A DXB 22 1_555 ? ? ? ? ? ? ?            2.305 ?    ? 
metalc6  metalc ?    ? L MG  . MG ? ? ? 1_555 N DXB . O1 ? ? A MG  18 A DXB 22 1_555 ? ? ? ? ? ? ?            2.031 ?    ? 
metalc7  metalc ?    ? L MG  . MG ? ? ? 1_555 P DXB . O1 ? ? A MG  18 B DXB 20 1_555 ? ? ? ? ? ? ?            2.112 ?    ? 
metalc8  metalc ?    ? L MG  . MG ? ? ? 1_555 P DXB . O9 ? ? A MG  18 B DXB 20 1_555 ? ? ? ? ? ? ?            1.657 ?    ? 
hydrog1  hydrog ?    ? A DA  1 N1 ? ? ? 1_555 B DT  8 N3 ? ? A DA  1  B DT  8  1_555 ? ? ? ? ? ? WATSON-CRICK ?     ?    ? 
hydrog2  hydrog ?    ? A DA  1 N6 ? ? ? 1_555 B DT  8 O4 ? ? A DA  1  B DT  8  1_555 ? ? ? ? ? ? WATSON-CRICK ?     ?    ? 
hydrog3  hydrog ?    ? A DC  2 N3 ? ? ? 1_555 B DG  7 N1 ? ? A DC  2  B DG  7  1_555 ? ? ? ? ? ? WATSON-CRICK ?     ?    ? 
hydrog4  hydrog ?    ? A DC  2 N4 ? ? ? 1_555 B DG  7 O6 ? ? A DC  2  B DG  7  1_555 ? ? ? ? ? ? WATSON-CRICK ?     ?    ? 
hydrog5  hydrog ?    ? A DC  2 O2 ? ? ? 1_555 B DG  7 N2 ? ? A DC  2  B DG  7  1_555 ? ? ? ? ? ? WATSON-CRICK ?     ?    ? 
hydrog6  hydrog ?    ? A DC  3 N3 ? ? ? 1_555 B DG  6 N1 ? ? A DC  3  B DG  6  1_555 ? ? ? ? ? ? WATSON-CRICK ?     ?    ? 
hydrog7  hydrog ?    ? A DC  3 N4 ? ? ? 1_555 B DG  6 O6 ? ? A DC  3  B DG  6  1_555 ? ? ? ? ? ? WATSON-CRICK ?     ?    ? 
hydrog8  hydrog ?    ? A DC  3 O2 ? ? ? 1_555 B DG  6 N2 ? ? A DC  3  B DG  6  1_555 ? ? ? ? ? ? WATSON-CRICK ?     ?    ? 
hydrog9  hydrog ?    ? A DC  4 N3 ? ? ? 1_555 B DG  5 N1 ? ? A DC  4  B DG  5  1_555 ? ? ? ? ? ? WATSON-CRICK ?     ?    ? 
hydrog10 hydrog ?    ? A DC  4 N4 ? ? ? 1_555 B DG  5 O6 ? ? A DC  4  B DG  5  1_555 ? ? ? ? ? ? WATSON-CRICK ?     ?    ? 
hydrog11 hydrog ?    ? A DC  4 O2 ? ? ? 1_555 B DG  5 N2 ? ? A DC  4  B DG  5  1_555 ? ? ? ? ? ? WATSON-CRICK ?     ?    ? 
hydrog12 hydrog ?    ? A DG  5 N1 ? ? ? 1_555 B DC  4 N3 ? ? A DG  5  B DC  4  1_555 ? ? ? ? ? ? WATSON-CRICK ?     ?    ? 
hydrog13 hydrog ?    ? A DG  5 N2 ? ? ? 1_555 B DC  4 O2 ? ? A DG  5  B DC  4  1_555 ? ? ? ? ? ? WATSON-CRICK ?     ?    ? 
hydrog14 hydrog ?    ? A DG  5 O6 ? ? ? 1_555 B DC  4 N4 ? ? A DG  5  B DC  4  1_555 ? ? ? ? ? ? WATSON-CRICK ?     ?    ? 
hydrog15 hydrog ?    ? A DG  6 N1 ? ? ? 1_555 B DC  3 N3 ? ? A DG  6  B DC  3  1_555 ? ? ? ? ? ? WATSON-CRICK ?     ?    ? 
hydrog16 hydrog ?    ? A DG  6 N2 ? ? ? 1_555 B DC  3 O2 ? ? A DG  6  B DC  3  1_555 ? ? ? ? ? ? WATSON-CRICK ?     ?    ? 
hydrog17 hydrog ?    ? A DG  6 O6 ? ? ? 1_555 B DC  3 N4 ? ? A DG  6  B DC  3  1_555 ? ? ? ? ? ? WATSON-CRICK ?     ?    ? 
hydrog18 hydrog ?    ? A DG  7 N1 ? ? ? 1_555 B DC  2 N3 ? ? A DG  7  B DC  2  1_555 ? ? ? ? ? ? WATSON-CRICK ?     ?    ? 
hydrog19 hydrog ?    ? A DG  7 N2 ? ? ? 1_555 B DC  2 O2 ? ? A DG  7  B DC  2  1_555 ? ? ? ? ? ? WATSON-CRICK ?     ?    ? 
hydrog20 hydrog ?    ? A DG  7 O6 ? ? ? 1_555 B DC  2 N4 ? ? A DG  7  B DC  2  1_555 ? ? ? ? ? ? WATSON-CRICK ?     ?    ? 
hydrog21 hydrog ?    ? A DT  8 N3 ? ? ? 1_555 B DA  1 N1 ? ? A DT  8  B DA  1  1_555 ? ? ? ? ? ? WATSON-CRICK ?     ?    ? 
hydrog22 hydrog ?    ? A DT  8 O4 ? ? ? 1_555 B DA  1 N6 ? ? A DT  8  B DA  1  1_555 ? ? ? ? ? ? WATSON-CRICK ?     ?    ? 
# 
loop_
_struct_conn_type.id 
_struct_conn_type.criteria 
_struct_conn_type.reference 
covale ? ? 
metalc ? ? 
hydrog ? ? 
# 
loop_
_pdbx_struct_conn_angle.id 
_pdbx_struct_conn_angle.ptnr1_label_atom_id 
_pdbx_struct_conn_angle.ptnr1_label_alt_id 
_pdbx_struct_conn_angle.ptnr1_label_asym_id 
_pdbx_struct_conn_angle.ptnr1_label_comp_id 
_pdbx_struct_conn_angle.ptnr1_label_seq_id 
_pdbx_struct_conn_angle.ptnr1_auth_atom_id 
_pdbx_struct_conn_angle.ptnr1_auth_asym_id 
_pdbx_struct_conn_angle.ptnr1_auth_comp_id 
_pdbx_struct_conn_angle.ptnr1_auth_seq_id 
_pdbx_struct_conn_angle.ptnr1_PDB_ins_code 
_pdbx_struct_conn_angle.ptnr1_symmetry 
_pdbx_struct_conn_angle.ptnr2_label_atom_id 
_pdbx_struct_conn_angle.ptnr2_label_alt_id 
_pdbx_struct_conn_angle.ptnr2_label_asym_id 
_pdbx_struct_conn_angle.ptnr2_label_comp_id 
_pdbx_struct_conn_angle.ptnr2_label_seq_id 
_pdbx_struct_conn_angle.ptnr2_auth_atom_id 
_pdbx_struct_conn_angle.ptnr2_auth_asym_id 
_pdbx_struct_conn_angle.ptnr2_auth_comp_id 
_pdbx_struct_conn_angle.ptnr2_auth_seq_id 
_pdbx_struct_conn_angle.ptnr2_PDB_ins_code 
_pdbx_struct_conn_angle.ptnr2_symmetry 
_pdbx_struct_conn_angle.ptnr3_label_atom_id 
_pdbx_struct_conn_angle.ptnr3_label_alt_id 
_pdbx_struct_conn_angle.ptnr3_label_asym_id 
_pdbx_struct_conn_angle.ptnr3_label_comp_id 
_pdbx_struct_conn_angle.ptnr3_label_seq_id 
_pdbx_struct_conn_angle.ptnr3_auth_atom_id 
_pdbx_struct_conn_angle.ptnr3_auth_asym_id 
_pdbx_struct_conn_angle.ptnr3_auth_comp_id 
_pdbx_struct_conn_angle.ptnr3_auth_seq_id 
_pdbx_struct_conn_angle.ptnr3_PDB_ins_code 
_pdbx_struct_conn_angle.ptnr3_symmetry 
_pdbx_struct_conn_angle.value 
_pdbx_struct_conn_angle.value_esd 
1  O9 ? M DXB . ? A DXB 21 ? 1_555 MG ? K MG . ? A MG 17 ? 1_555 O1 ? M DXB . ? A DXB 21 ? 1_555 83.4  ? 
2  O9 ? M DXB . ? A DXB 21 ? 1_555 MG ? K MG . ? A MG 17 ? 1_555 O9 ? O DXB . ? B DXB 19 ? 1_555 174.1 ? 
3  O1 ? M DXB . ? A DXB 21 ? 1_555 MG ? K MG . ? A MG 17 ? 1_555 O9 ? O DXB . ? B DXB 19 ? 1_555 97.6  ? 
4  O9 ? M DXB . ? A DXB 21 ? 1_555 MG ? K MG . ? A MG 17 ? 1_555 O1 ? O DXB . ? B DXB 19 ? 1_555 111.0 ? 
5  O1 ? M DXB . ? A DXB 21 ? 1_555 MG ? K MG . ? A MG 17 ? 1_555 O1 ? O DXB . ? B DXB 19 ? 1_555 84.9  ? 
6  O9 ? O DXB . ? B DXB 19 ? 1_555 MG ? K MG . ? A MG 17 ? 1_555 O1 ? O DXB . ? B DXB 19 ? 1_555 74.9  ? 
7  O9 ? N DXB . ? A DXB 22 ? 1_555 MG ? L MG . ? A MG 18 ? 1_555 O1 ? N DXB . ? A DXB 22 ? 1_555 74.4  ? 
8  O9 ? N DXB . ? A DXB 22 ? 1_555 MG ? L MG . ? A MG 18 ? 1_555 O1 ? P DXB . ? B DXB 20 ? 1_555 95.7  ? 
9  O1 ? N DXB . ? A DXB 22 ? 1_555 MG ? L MG . ? A MG 18 ? 1_555 O1 ? P DXB . ? B DXB 20 ? 1_555 89.0  ? 
10 O9 ? N DXB . ? A DXB 22 ? 1_555 MG ? L MG . ? A MG 18 ? 1_555 O9 ? P DXB . ? B DXB 20 ? 1_555 177.6 ? 
11 O1 ? N DXB . ? A DXB 22 ? 1_555 MG ? L MG . ? A MG 18 ? 1_555 O9 ? P DXB . ? B DXB 20 ? 1_555 104.2 ? 
12 O1 ? P DXB . ? B DXB 20 ? 1_555 MG ? L MG . ? A MG 18 ? 1_555 O9 ? P DXB . ? B DXB 20 ? 1_555 86.2  ? 
# 
loop_
_pdbx_validate_rmsd_bond.id 
_pdbx_validate_rmsd_bond.PDB_model_num 
_pdbx_validate_rmsd_bond.auth_atom_id_1 
_pdbx_validate_rmsd_bond.auth_asym_id_1 
_pdbx_validate_rmsd_bond.auth_comp_id_1 
_pdbx_validate_rmsd_bond.auth_seq_id_1 
_pdbx_validate_rmsd_bond.PDB_ins_code_1 
_pdbx_validate_rmsd_bond.label_alt_id_1 
_pdbx_validate_rmsd_bond.auth_atom_id_2 
_pdbx_validate_rmsd_bond.auth_asym_id_2 
_pdbx_validate_rmsd_bond.auth_comp_id_2 
_pdbx_validate_rmsd_bond.auth_seq_id_2 
_pdbx_validate_rmsd_bond.PDB_ins_code_2 
_pdbx_validate_rmsd_bond.label_alt_id_2 
_pdbx_validate_rmsd_bond.bond_value 
_pdbx_validate_rmsd_bond.bond_target_value 
_pdbx_validate_rmsd_bond.bond_deviation 
_pdbx_validate_rmsd_bond.bond_standard_deviation 
_pdbx_validate_rmsd_bond.linker_flag 
1  1 "O5'" A DA 1 ? ? "C5'" A DA 1 ? ? 0.776 1.418 -0.642 0.025 N 
2  1 C4    A DC 2 ? ? C5    A DC 2 ? ? 1.365 1.425 -0.060 0.008 N 
3  1 "C5'" A DC 3 ? ? "C4'" A DC 3 ? ? 1.557 1.512 0.045  0.007 N 
4  1 N1    A DC 3 ? ? C6    A DC 3 ? ? 1.283 1.367 -0.084 0.006 N 
5  1 C4    A DC 3 ? ? C5    A DC 3 ? ? 1.372 1.425 -0.053 0.008 N 
6  1 N1    A DC 4 ? ? C6    A DC 4 ? ? 1.309 1.367 -0.058 0.006 N 
7  1 N1    A DG 5 ? ? C2    A DG 5 ? ? 1.303 1.373 -0.070 0.008 N 
8  1 N7    A DG 5 ? ? C8    A DG 5 ? ? 1.350 1.305 0.045  0.006 N 
9  1 C8    A DG 5 ? ? N9    A DG 5 ? ? 1.306 1.374 -0.068 0.007 N 
10 1 N1    A DG 6 ? ? C2    A DG 6 ? ? 1.296 1.373 -0.077 0.008 N 
11 1 N7    A DG 6 ? ? C8    A DG 6 ? ? 1.349 1.305 0.044  0.006 N 
12 1 C8    A DG 6 ? ? N9    A DG 6 ? ? 1.330 1.374 -0.044 0.007 N 
13 1 N1    A DG 7 ? ? C2    A DG 7 ? ? 1.288 1.373 -0.085 0.008 N 
14 1 N7    A DG 7 ? ? C8    A DG 7 ? ? 1.345 1.305 0.040  0.006 N 
15 1 C8    A DG 7 ? ? N9    A DG 7 ? ? 1.325 1.374 -0.049 0.007 N 
16 1 "C3'" A DT 8 ? ? "C2'" A DT 8 ? ? 1.337 1.516 -0.179 0.008 N 
17 1 "O3'" A DT 8 ? ? "C3'" A DT 8 ? ? 1.198 1.419 -0.221 0.006 N 
18 1 C2    A DT 8 ? ? N3    A DT 8 ? ? 1.322 1.373 -0.051 0.008 N 
19 1 N3    A DT 8 ? ? C4    A DT 8 ? ? 1.332 1.382 -0.050 0.008 N 
20 1 C6    A DT 8 ? ? N1    A DT 8 ? ? 1.314 1.378 -0.064 0.007 N 
21 1 C4    B DC 2 ? ? C5    B DC 2 ? ? 1.363 1.425 -0.062 0.008 N 
22 1 "C2'" B DC 3 ? ? "C1'" B DC 3 ? ? 1.456 1.518 -0.062 0.010 N 
23 1 N1    B DC 3 ? ? C6    B DC 3 ? ? 1.293 1.367 -0.074 0.006 N 
24 1 C4    B DC 3 ? ? C5    B DC 3 ? ? 1.372 1.425 -0.053 0.008 N 
25 1 N1    B DC 4 ? ? C6    B DC 4 ? ? 1.308 1.367 -0.059 0.006 N 
26 1 N1    B DG 5 ? ? C2    B DG 5 ? ? 1.303 1.373 -0.070 0.008 N 
27 1 N7    B DG 5 ? ? C8    B DG 5 ? ? 1.347 1.305 0.042  0.006 N 
28 1 C8    B DG 5 ? ? N9    B DG 5 ? ? 1.310 1.374 -0.064 0.007 N 
29 1 N1    B DG 6 ? ? C2    B DG 6 ? ? 1.296 1.373 -0.077 0.008 N 
30 1 N7    B DG 6 ? ? C8    B DG 6 ? ? 1.348 1.305 0.043  0.006 N 
31 1 C8    B DG 6 ? ? N9    B DG 6 ? ? 1.328 1.374 -0.046 0.007 N 
32 1 N1    B DG 7 ? ? C2    B DG 7 ? ? 1.284 1.373 -0.089 0.008 N 
33 1 N7    B DG 7 ? ? C8    B DG 7 ? ? 1.347 1.305 0.042  0.006 N 
34 1 C2    B DT 8 ? ? N3    B DT 8 ? ? 1.315 1.373 -0.058 0.008 N 
35 1 C6    B DT 8 ? ? N1    B DT 8 ? ? 1.311 1.378 -0.067 0.007 N 
# 
loop_
_pdbx_validate_rmsd_angle.id 
_pdbx_validate_rmsd_angle.PDB_model_num 
_pdbx_validate_rmsd_angle.auth_atom_id_1 
_pdbx_validate_rmsd_angle.auth_asym_id_1 
_pdbx_validate_rmsd_angle.auth_comp_id_1 
_pdbx_validate_rmsd_angle.auth_seq_id_1 
_pdbx_validate_rmsd_angle.PDB_ins_code_1 
_pdbx_validate_rmsd_angle.label_alt_id_1 
_pdbx_validate_rmsd_angle.auth_atom_id_2 
_pdbx_validate_rmsd_angle.auth_asym_id_2 
_pdbx_validate_rmsd_angle.auth_comp_id_2 
_pdbx_validate_rmsd_angle.auth_seq_id_2 
_pdbx_validate_rmsd_angle.PDB_ins_code_2 
_pdbx_validate_rmsd_angle.label_alt_id_2 
_pdbx_validate_rmsd_angle.auth_atom_id_3 
_pdbx_validate_rmsd_angle.auth_asym_id_3 
_pdbx_validate_rmsd_angle.auth_comp_id_3 
_pdbx_validate_rmsd_angle.auth_seq_id_3 
_pdbx_validate_rmsd_angle.PDB_ins_code_3 
_pdbx_validate_rmsd_angle.label_alt_id_3 
_pdbx_validate_rmsd_angle.angle_value 
_pdbx_validate_rmsd_angle.angle_target_value 
_pdbx_validate_rmsd_angle.angle_deviation 
_pdbx_validate_rmsd_angle.angle_standard_deviation 
_pdbx_validate_rmsd_angle.linker_flag 
1  1 N1    A DA 1 ? ? C2    A DA 1 ? ? N3    A DA 1 ? ? 125.63 129.30 -3.67 0.50 N 
2  1 C2    A DA 1 ? ? N3    A DA 1 ? ? C4    A DA 1 ? ? 114.99 110.60 4.39  0.50 N 
3  1 C5    A DA 1 ? ? C6    A DA 1 ? ? N1    A DA 1 ? ? 122.56 117.70 4.86  0.50 N 
4  1 C6    A DA 1 ? ? C5    A DA 1 ? ? N7    A DA 1 ? ? 136.73 132.30 4.43  0.70 N 
5  1 "C5'" A DC 2 ? ? "C4'" A DC 2 ? ? "O4'" A DC 2 ? ? 119.19 109.80 9.39  1.10 N 
6  1 "O4'" A DC 2 ? ? "C1'" A DC 2 ? ? N1    A DC 2 ? ? 111.36 108.30 3.06  0.30 N 
7  1 N1    A DC 2 ? ? C2    A DC 2 ? ? N3    A DC 2 ? ? 114.46 119.20 -4.74 0.70 N 
8  1 N1    A DC 2 ? ? C2    A DC 2 ? ? O2    A DC 2 ? ? 127.41 118.90 8.51  0.60 N 
9  1 "O4'" A DC 3 ? ? "C4'" A DC 3 ? ? "C3'" A DC 3 ? ? 101.72 104.50 -2.78 0.40 N 
10 1 "C5'" A DC 3 ? ? "C4'" A DC 3 ? ? "O4'" A DC 3 ? ? 121.92 109.80 12.12 1.10 N 
11 1 "O4'" A DC 3 ? ? "C1'" A DC 3 ? ? N1    A DC 3 ? ? 111.66 108.30 3.36  0.30 N 
12 1 N1    A DC 3 ? ? C2    A DC 3 ? ? O2    A DC 3 ? ? 123.05 118.90 4.15  0.60 N 
13 1 "O4'" A DC 4 ? ? "C1'" A DC 4 ? ? N1    A DC 4 ? ? 111.36 108.30 3.06  0.30 N 
14 1 N1    A DC 4 ? ? C2    A DC 4 ? ? O2    A DC 4 ? ? 123.35 118.90 4.45  0.60 N 
15 1 N3    A DG 5 ? ? C4    A DG 5 ? ? C5    A DG 5 ? ? 124.78 128.60 -3.82 0.50 N 
16 1 C4    A DG 5 ? ? C5    A DG 5 ? ? N7    A DG 5 ? ? 108.40 110.80 -2.40 0.40 N 
17 1 C6    A DG 5 ? ? C5    A DG 5 ? ? N7    A DG 5 ? ? 134.28 130.40 3.88  0.60 N 
18 1 N1    A DG 5 ? ? C6    A DG 5 ? ? O6    A DG 5 ? ? 116.09 119.90 -3.81 0.60 N 
19 1 N9    A DG 6 ? ? "C1'" A DG 6 ? ? "C2'" A DG 6 ? ? 126.99 114.30 12.69 1.40 N 
20 1 N3    A DG 6 ? ? C4    A DG 6 ? ? C5    A DG 6 ? ? 124.55 128.60 -4.05 0.50 N 
21 1 C4    A DG 6 ? ? C5    A DG 6 ? ? N7    A DG 6 ? ? 108.12 110.80 -2.68 0.40 N 
22 1 C6    A DG 6 ? ? C5    A DG 6 ? ? N7    A DG 6 ? ? 134.44 130.40 4.04  0.60 N 
23 1 N1    A DG 6 ? ? C6    A DG 6 ? ? O6    A DG 6 ? ? 115.90 119.90 -4.00 0.60 N 
24 1 "O4'" A DG 7 ? ? "C1'" A DG 7 ? ? N9    A DG 7 ? ? 110.93 108.30 2.63  0.30 N 
25 1 N3    A DG 7 ? ? C4    A DG 7 ? ? C5    A DG 7 ? ? 124.85 128.60 -3.75 0.50 N 
26 1 C4    A DG 7 ? ? C5    A DG 7 ? ? N7    A DG 7 ? ? 108.00 110.80 -2.80 0.40 N 
27 1 C6    A DG 7 ? ? C5    A DG 7 ? ? N7    A DG 7 ? ? 134.74 130.40 4.34  0.60 N 
28 1 N1    A DG 7 ? ? C6    A DG 7 ? ? O6    A DG 7 ? ? 116.06 119.90 -3.84 0.60 N 
29 1 "C4'" A DT 8 ? ? "C3'" A DT 8 ? ? "C2'" A DT 8 ? ? 111.37 103.10 8.27  0.90 N 
30 1 "O4'" A DT 8 ? ? "C1'" A DT 8 ? ? N1    A DT 8 ? ? 112.21 108.30 3.91  0.30 N 
31 1 N1    B DA 1 ? ? C2    B DA 1 ? ? N3    B DA 1 ? ? 125.78 129.30 -3.52 0.50 N 
32 1 C2    B DA 1 ? ? N3    B DA 1 ? ? C4    B DA 1 ? ? 115.10 110.60 4.50  0.50 N 
33 1 C5    B DA 1 ? ? C6    B DA 1 ? ? N1    B DA 1 ? ? 122.55 117.70 4.85  0.50 N 
34 1 N9    B DA 1 ? ? C4    B DA 1 ? ? C5    B DA 1 ? ? 108.26 105.80 2.46  0.40 N 
35 1 C6    B DA 1 ? ? C5    B DA 1 ? ? N7    B DA 1 ? ? 137.28 132.30 4.98  0.70 N 
36 1 "C5'" B DC 2 ? ? "C4'" B DC 2 ? ? "O4'" B DC 2 ? ? 118.37 109.80 8.57  1.10 N 
37 1 "O4'" B DC 2 ? ? "C1'" B DC 2 ? ? N1    B DC 2 ? ? 110.50 108.30 2.20  0.30 N 
38 1 N1    B DC 2 ? ? C2    B DC 2 ? ? N3    B DC 2 ? ? 114.59 119.20 -4.61 0.70 N 
39 1 N1    B DC 2 ? ? C2    B DC 2 ? ? O2    B DC 2 ? ? 127.23 118.90 8.33  0.60 N 
40 1 "C5'" B DC 3 ? ? "C4'" B DC 3 ? ? "O4'" B DC 3 ? ? 117.85 109.80 8.05  1.10 N 
41 1 "O4'" B DC 3 ? ? "C1'" B DC 3 ? ? N1    B DC 3 ? ? 113.07 108.30 4.77  0.30 N 
42 1 "O4'" B DC 4 ? ? "C1'" B DC 4 ? ? N1    B DC 4 ? ? 112.03 108.30 3.73  0.30 N 
43 1 C6    B DC 4 ? ? N1    B DC 4 ? ? C2    B DC 4 ? ? 122.74 120.30 2.44  0.40 N 
44 1 N1    B DC 4 ? ? C2    B DC 4 ? ? O2    B DC 4 ? ? 123.21 118.90 4.31  0.60 N 
45 1 N3    B DG 5 ? ? C4    B DG 5 ? ? C5    B DG 5 ? ? 124.39 128.60 -4.21 0.50 N 
46 1 N3    B DG 5 ? ? C4    B DG 5 ? ? N9    B DG 5 ? ? 129.67 126.00 3.67  0.60 N 
47 1 N1    B DG 5 ? ? C6    B DG 5 ? ? O6    B DG 5 ? ? 115.99 119.90 -3.91 0.60 N 
48 1 N9    B DG 6 ? ? "C1'" B DG 6 ? ? "C2'" B DG 6 ? ? 126.37 114.30 12.07 1.40 N 
49 1 N3    B DG 6 ? ? C4    B DG 6 ? ? C5    B DG 6 ? ? 124.42 128.60 -4.18 0.50 N 
50 1 C4    B DG 6 ? ? C5    B DG 6 ? ? N7    B DG 6 ? ? 108.25 110.80 -2.55 0.40 N 
51 1 C6    B DG 6 ? ? C5    B DG 6 ? ? N7    B DG 6 ? ? 134.22 130.40 3.82  0.60 N 
52 1 N1    B DG 6 ? ? C6    B DG 6 ? ? O6    B DG 6 ? ? 115.82 119.90 -4.08 0.60 N 
53 1 N3    B DG 7 ? ? C4    B DG 7 ? ? C5    B DG 7 ? ? 124.69 128.60 -3.91 0.50 N 
54 1 C4    B DG 7 ? ? C5    B DG 7 ? ? N7    B DG 7 ? ? 107.88 110.80 -2.92 0.40 N 
55 1 C6    B DG 7 ? ? C5    B DG 7 ? ? N7    B DG 7 ? ? 134.92 130.40 4.52  0.60 N 
56 1 N1    B DG 7 ? ? C6    B DG 7 ? ? O6    B DG 7 ? ? 115.63 119.90 -4.27 0.60 N 
57 1 "O4'" B DT 8 ? ? "C1'" B DT 8 ? ? N1    B DT 8 ? ? 112.94 108.30 4.64  0.30 N 
# 
loop_
_pdbx_validate_planes.id 
_pdbx_validate_planes.PDB_model_num 
_pdbx_validate_planes.auth_comp_id 
_pdbx_validate_planes.auth_asym_id 
_pdbx_validate_planes.auth_seq_id 
_pdbx_validate_planes.PDB_ins_code 
_pdbx_validate_planes.label_alt_id 
_pdbx_validate_planes.rmsd 
_pdbx_validate_planes.type 
1 1 DC A 3 ? ? 0.071 'SIDE CHAIN' 
2 1 DG A 6 ? ? 0.068 'SIDE CHAIN' 
3 1 DC B 3 ? ? 0.076 'SIDE CHAIN' 
4 1 DG B 6 ? ? 0.067 'SIDE CHAIN' 
# 
_pdbx_nmr_ensemble.entry_id                                      1BP8 
_pdbx_nmr_ensemble.conformers_calculated_total_number            7 
_pdbx_nmr_ensemble.conformers_submitted_total_number             1 
_pdbx_nmr_ensemble.conformer_selection_criteria                  ? 
_pdbx_nmr_ensemble.average_constraints_per_residue               ? 
_pdbx_nmr_ensemble.average_constraint_violations_per_residue     ? 
_pdbx_nmr_ensemble.maximum_distance_constraint_violation         ? 
_pdbx_nmr_ensemble.average_distance_constraint_violation         ? 
_pdbx_nmr_ensemble.maximum_upper_distance_constraint_violation   ? 
_pdbx_nmr_ensemble.maximum_lower_distance_constraint_violation   ? 
_pdbx_nmr_ensemble.distance_constraint_violation_method          ? 
_pdbx_nmr_ensemble.maximum_torsion_angle_constraint_violation    ? 
_pdbx_nmr_ensemble.average_torsion_angle_constraint_violation    ? 
_pdbx_nmr_ensemble.torsion_angle_constraint_violation_method     ? 
# 
_pdbx_nmr_exptl_sample_conditions.conditions_id       1 
_pdbx_nmr_exptl_sample_conditions.temperature         293 
_pdbx_nmr_exptl_sample_conditions.pressure            1 
_pdbx_nmr_exptl_sample_conditions.pH                  7.2 
_pdbx_nmr_exptl_sample_conditions.ionic_strength      ? 
_pdbx_nmr_exptl_sample_conditions.pressure_units      atm 
_pdbx_nmr_exptl_sample_conditions.temperature_units   K 
# 
loop_
_pdbx_nmr_exptl.experiment_id 
_pdbx_nmr_exptl.conditions_id 
_pdbx_nmr_exptl.type 
_pdbx_nmr_exptl.solution_id 
1 1 NOESY 1 
2 1 PCOSY 1 
3 1 TOCSY 1 
# 
_pdbx_nmr_details.entry_id   1BP8 
_pdbx_nmr_details.text       'THE STRUCTURE WAS DETERMINED USING HOMONUCLEAR TWO DIMENSIONAL NMR SPECTROSCOPY' 
# 
_pdbx_nmr_refine.entry_id           1BP8 
_pdbx_nmr_refine.method             'FULL RELAXATION MATRIX ANALYSIS AND RESTRAINED MOLECULAR DYNAMICS' 
_pdbx_nmr_refine.details            'REFINEMENT DETAILS CAN BE FOUND IN THE JOURNAL CITATION ABOVE' 
_pdbx_nmr_refine.software_ordinal   1 
# 
loop_
_pdbx_nmr_software.classification 
_pdbx_nmr_software.name 
_pdbx_nmr_software.version 
_pdbx_nmr_software.authors 
_pdbx_nmr_software.ordinal 
refinement           CHARMM         23.2   'MSI, WALTHAM , MA' 1 
'structure solution' VNMR           ?      ?                   2 
'structure solution' MARDIGRAS      ?      ?                   3 
'structure solution' 'CORMA CHARMM' CHARMM ?                   4 
# 
loop_
_chem_comp_atom.comp_id 
_chem_comp_atom.atom_id 
_chem_comp_atom.type_symbol 
_chem_comp_atom.pdbx_aromatic_flag 
_chem_comp_atom.pdbx_stereo_config 
_chem_comp_atom.pdbx_ordinal 
DA  OP3    O  N N 1   
DA  P      P  N N 2   
DA  OP1    O  N N 3   
DA  OP2    O  N N 4   
DA  "O5'"  O  N N 5   
DA  "C5'"  C  N N 6   
DA  "C4'"  C  N R 7   
DA  "O4'"  O  N N 8   
DA  "C3'"  C  N S 9   
DA  "O3'"  O  N N 10  
DA  "C2'"  C  N N 11  
DA  "C1'"  C  N R 12  
DA  N9     N  Y N 13  
DA  C8     C  Y N 14  
DA  N7     N  Y N 15  
DA  C5     C  Y N 16  
DA  C6     C  Y N 17  
DA  N6     N  N N 18  
DA  N1     N  Y N 19  
DA  C2     C  Y N 20  
DA  N3     N  Y N 21  
DA  C4     C  Y N 22  
DA  HOP3   H  N N 23  
DA  HOP2   H  N N 24  
DA  "H5'"  H  N N 25  
DA  "H5''" H  N N 26  
DA  "H4'"  H  N N 27  
DA  "H3'"  H  N N 28  
DA  "HO3'" H  N N 29  
DA  "H2'"  H  N N 30  
DA  "H2''" H  N N 31  
DA  "H1'"  H  N N 32  
DA  H8     H  N N 33  
DA  H61    H  N N 34  
DA  H62    H  N N 35  
DA  H2     H  N N 36  
DC  OP3    O  N N 37  
DC  P      P  N N 38  
DC  OP1    O  N N 39  
DC  OP2    O  N N 40  
DC  "O5'"  O  N N 41  
DC  "C5'"  C  N N 42  
DC  "C4'"  C  N R 43  
DC  "O4'"  O  N N 44  
DC  "C3'"  C  N S 45  
DC  "O3'"  O  N N 46  
DC  "C2'"  C  N N 47  
DC  "C1'"  C  N R 48  
DC  N1     N  N N 49  
DC  C2     C  N N 50  
DC  O2     O  N N 51  
DC  N3     N  N N 52  
DC  C4     C  N N 53  
DC  N4     N  N N 54  
DC  C5     C  N N 55  
DC  C6     C  N N 56  
DC  HOP3   H  N N 57  
DC  HOP2   H  N N 58  
DC  "H5'"  H  N N 59  
DC  "H5''" H  N N 60  
DC  "H4'"  H  N N 61  
DC  "H3'"  H  N N 62  
DC  "HO3'" H  N N 63  
DC  "H2'"  H  N N 64  
DC  "H2''" H  N N 65  
DC  "H1'"  H  N N 66  
DC  H41    H  N N 67  
DC  H42    H  N N 68  
DC  H5     H  N N 69  
DC  H6     H  N N 70  
DDA C1     C  N R 71  
DDA C2     C  N N 72  
DDA C3     C  N R 73  
DDA C4     C  N S 74  
DDA C5     C  N R 75  
DDA C6     C  N N 76  
DDA O5     O  N N 77  
DDA O1     O  N N 78  
DDA O3     O  N N 79  
DDA O4     O  N N 80  
DDA H1     H  N N 81  
DDA H21    H  N N 82  
DDA H22    H  N N 83  
DDA H3     H  N N 84  
DDA H4     H  N N 85  
DDA H5     H  N N 86  
DDA H61    H  N N 87  
DDA H62    H  N N 88  
DDA H63    H  N N 89  
DDA HO1    H  N N 90  
DDA HO3    H  N N 91  
DDA HO4    H  N N 92  
DDL C1     C  N R 93  
DDL C2     C  N N 94  
DDL C3     C  N R 95  
DDL C4     C  N R 96  
DDL C5     C  N R 97  
DDL C6     C  N N 98  
DDL O1     O  N N 99  
DDL O5     O  N N 100 
DDL O3     O  N N 101 
DDL O4     O  N N 102 
DDL H1     H  N N 103 
DDL H2     H  N N 104 
DDL H22    H  N N 105 
DDL H3     H  N N 106 
DDL H4     H  N N 107 
DDL H5     H  N N 108 
DDL H61    H  N N 109 
DDL H62    H  N N 110 
DDL H63    H  N N 111 
DDL HO1    H  N N 112 
DDL HO3    H  N N 113 
DDL HO4    H  N N 114 
DG  OP3    O  N N 115 
DG  P      P  N N 116 
DG  OP1    O  N N 117 
DG  OP2    O  N N 118 
DG  "O5'"  O  N N 119 
DG  "C5'"  C  N N 120 
DG  "C4'"  C  N R 121 
DG  "O4'"  O  N N 122 
DG  "C3'"  C  N S 123 
DG  "O3'"  O  N N 124 
DG  "C2'"  C  N N 125 
DG  "C1'"  C  N R 126 
DG  N9     N  Y N 127 
DG  C8     C  Y N 128 
DG  N7     N  Y N 129 
DG  C5     C  Y N 130 
DG  C6     C  N N 131 
DG  O6     O  N N 132 
DG  N1     N  N N 133 
DG  C2     C  N N 134 
DG  N2     N  N N 135 
DG  N3     N  N N 136 
DG  C4     C  Y N 137 
DG  HOP3   H  N N 138 
DG  HOP2   H  N N 139 
DG  "H5'"  H  N N 140 
DG  "H5''" H  N N 141 
DG  "H4'"  H  N N 142 
DG  "H3'"  H  N N 143 
DG  "HO3'" H  N N 144 
DG  "H2'"  H  N N 145 
DG  "H2''" H  N N 146 
DG  "H1'"  H  N N 147 
DG  H8     H  N N 148 
DG  H1     H  N N 149 
DG  H21    H  N N 150 
DG  H22    H  N N 151 
DT  OP3    O  N N 152 
DT  P      P  N N 153 
DT  OP1    O  N N 154 
DT  OP2    O  N N 155 
DT  "O5'"  O  N N 156 
DT  "C5'"  C  N N 157 
DT  "C4'"  C  N R 158 
DT  "O4'"  O  N N 159 
DT  "C3'"  C  N S 160 
DT  "O3'"  O  N N 161 
DT  "C2'"  C  N N 162 
DT  "C1'"  C  N R 163 
DT  N1     N  N N 164 
DT  C2     C  N N 165 
DT  O2     O  N N 166 
DT  N3     N  N N 167 
DT  C4     C  N N 168 
DT  O4     O  N N 169 
DT  C5     C  N N 170 
DT  C7     C  N N 171 
DT  C6     C  N N 172 
DT  HOP3   H  N N 173 
DT  HOP2   H  N N 174 
DT  "H5'"  H  N N 175 
DT  "H5''" H  N N 176 
DT  "H4'"  H  N N 177 
DT  "H3'"  H  N N 178 
DT  "HO3'" H  N N 179 
DT  "H2'"  H  N N 180 
DT  "H2''" H  N N 181 
DT  "H1'"  H  N N 182 
DT  H3     H  N N 183 
DT  H71    H  N N 184 
DT  H72    H  N N 185 
DT  H73    H  N N 186 
DT  H6     H  N N 187 
DXB C1     C  N N 188 
DXB O1     O  N N 189 
DXB C9A    C  Y N 190 
DXB C2     C  N N 191 
DXB C3     C  N R 192 
DXB C4     C  N N 193 
DXB C4A    C  Y N 194 
DXB C10    C  Y N 195 
DXB C5A    C  Y N 196 
DXB C5     C  Y N 197 
DXB C6     C  Y N 198 
DXB C7     C  Y N 199 
DXB CC7    C  N N 200 
DXB C8     C  Y N 201 
DXB O8     O  N N 202 
DXB C8A    C  Y N 203 
DXB C9     C  Y N 204 
DXB O9     O  N N 205 
DXB CME    C  N N 206 
DXB C1S    C  N S 207 
DXB O1S    O  N N 208 
DXB C2S    C  N N 209 
DXB O2S    O  N N 210 
DXB C3S    C  N S 211 
DXB O3S    O  N N 212 
DXB C4S    C  N S 213 
DXB O4S    O  N N 214 
DXB C5S    C  N N 215 
DXB H21    H  N N 216 
DXB H22    H  N N 217 
DXB H3     H  N N 218 
DXB H4A    H  N N 219 
DXB H4E    H  N N 220 
DXB H10    H  N N 221 
DXB H5     H  N N 222 
DXB H6     H  N N 223 
DXB HM71   H  N N 224 
DXB HM72   H  N N 225 
DXB HM73   H  N N 226 
DXB HO8    H  N N 227 
DXB HO9    H  N N 228 
DXB HM11   H  N N 229 
DXB HM12   H  N N 230 
DXB HM13   H  N N 231 
DXB HS1    H  N N 232 
DXB HS3    H  N N 233 
DXB HO3    H  N N 234 
DXB HS4    H  N N 235 
DXB HO4    H  N N 236 
DXB HM51   H  N N 237 
DXB HM52   H  N N 238 
DXB HM53   H  N N 239 
MDA C1     C  N R 240 
MDA C2     C  N N 241 
MDA C3     C  N S 242 
MDA C4     C  N R 243 
MDA C5     C  N R 244 
MDA C6     C  N N 245 
MDA "C3'"  C  N N 246 
MDA O1     O  N N 247 
MDA O5     O  N N 248 
MDA O3     O  N N 249 
MDA O4     O  N N 250 
MDA H1     H  N N 251 
MDA H2     H  N N 252 
MDA H22    H  N N 253 
MDA H4     H  N N 254 
MDA H5     H  N N 255 
MDA H61    H  N N 256 
MDA H62    H  N N 257 
MDA H63    H  N N 258 
MDA "H3'1" H  N N 259 
MDA "H3'2" H  N N 260 
MDA "H3'3" H  N N 261 
MDA HO1    H  N N 262 
MDA HO3    H  N N 263 
MDA HO4    H  N N 264 
MG  MG     MG N N 265 
# 
loop_
_chem_comp_bond.comp_id 
_chem_comp_bond.atom_id_1 
_chem_comp_bond.atom_id_2 
_chem_comp_bond.value_order 
_chem_comp_bond.pdbx_aromatic_flag 
_chem_comp_bond.pdbx_stereo_config 
_chem_comp_bond.pdbx_ordinal 
DA  OP3   P      sing N N 1   
DA  OP3   HOP3   sing N N 2   
DA  P     OP1    doub N N 3   
DA  P     OP2    sing N N 4   
DA  P     "O5'"  sing N N 5   
DA  OP2   HOP2   sing N N 6   
DA  "O5'" "C5'"  sing N N 7   
DA  "C5'" "C4'"  sing N N 8   
DA  "C5'" "H5'"  sing N N 9   
DA  "C5'" "H5''" sing N N 10  
DA  "C4'" "O4'"  sing N N 11  
DA  "C4'" "C3'"  sing N N 12  
DA  "C4'" "H4'"  sing N N 13  
DA  "O4'" "C1'"  sing N N 14  
DA  "C3'" "O3'"  sing N N 15  
DA  "C3'" "C2'"  sing N N 16  
DA  "C3'" "H3'"  sing N N 17  
DA  "O3'" "HO3'" sing N N 18  
DA  "C2'" "C1'"  sing N N 19  
DA  "C2'" "H2'"  sing N N 20  
DA  "C2'" "H2''" sing N N 21  
DA  "C1'" N9     sing N N 22  
DA  "C1'" "H1'"  sing N N 23  
DA  N9    C8     sing Y N 24  
DA  N9    C4     sing Y N 25  
DA  C8    N7     doub Y N 26  
DA  C8    H8     sing N N 27  
DA  N7    C5     sing Y N 28  
DA  C5    C6     sing Y N 29  
DA  C5    C4     doub Y N 30  
DA  C6    N6     sing N N 31  
DA  C6    N1     doub Y N 32  
DA  N6    H61    sing N N 33  
DA  N6    H62    sing N N 34  
DA  N1    C2     sing Y N 35  
DA  C2    N3     doub Y N 36  
DA  C2    H2     sing N N 37  
DA  N3    C4     sing Y N 38  
DC  OP3   P      sing N N 39  
DC  OP3   HOP3   sing N N 40  
DC  P     OP1    doub N N 41  
DC  P     OP2    sing N N 42  
DC  P     "O5'"  sing N N 43  
DC  OP2   HOP2   sing N N 44  
DC  "O5'" "C5'"  sing N N 45  
DC  "C5'" "C4'"  sing N N 46  
DC  "C5'" "H5'"  sing N N 47  
DC  "C5'" "H5''" sing N N 48  
DC  "C4'" "O4'"  sing N N 49  
DC  "C4'" "C3'"  sing N N 50  
DC  "C4'" "H4'"  sing N N 51  
DC  "O4'" "C1'"  sing N N 52  
DC  "C3'" "O3'"  sing N N 53  
DC  "C3'" "C2'"  sing N N 54  
DC  "C3'" "H3'"  sing N N 55  
DC  "O3'" "HO3'" sing N N 56  
DC  "C2'" "C1'"  sing N N 57  
DC  "C2'" "H2'"  sing N N 58  
DC  "C2'" "H2''" sing N N 59  
DC  "C1'" N1     sing N N 60  
DC  "C1'" "H1'"  sing N N 61  
DC  N1    C2     sing N N 62  
DC  N1    C6     sing N N 63  
DC  C2    O2     doub N N 64  
DC  C2    N3     sing N N 65  
DC  N3    C4     doub N N 66  
DC  C4    N4     sing N N 67  
DC  C4    C5     sing N N 68  
DC  N4    H41    sing N N 69  
DC  N4    H42    sing N N 70  
DC  C5    C6     doub N N 71  
DC  C5    H5     sing N N 72  
DC  C6    H6     sing N N 73  
DDA C1    C2     sing N N 74  
DDA C1    O5     sing N N 75  
DDA C1    O1     sing N N 76  
DDA C1    H1     sing N N 77  
DDA C2    C3     sing N N 78  
DDA C2    H21    sing N N 79  
DDA C2    H22    sing N N 80  
DDA C3    C4     sing N N 81  
DDA C3    O3     sing N N 82  
DDA C3    H3     sing N N 83  
DDA C4    C5     sing N N 84  
DDA C4    O4     sing N N 85  
DDA C4    H4     sing N N 86  
DDA C5    C6     sing N N 87  
DDA C5    O5     sing N N 88  
DDA C5    H5     sing N N 89  
DDA C6    H61    sing N N 90  
DDA C6    H62    sing N N 91  
DDA C6    H63    sing N N 92  
DDA O1    HO1    sing N N 93  
DDA O3    HO3    sing N N 94  
DDA O4    HO4    sing N N 95  
DDL C1    C2     sing N N 96  
DDL C1    O1     sing N N 97  
DDL C1    O5     sing N N 98  
DDL C1    H1     sing N N 99  
DDL C2    C3     sing N N 100 
DDL C2    H2     sing N N 101 
DDL C2    H22    sing N N 102 
DDL C3    C4     sing N N 103 
DDL C3    O3     sing N N 104 
DDL C3    H3     sing N N 105 
DDL C4    C5     sing N N 106 
DDL C4    O4     sing N N 107 
DDL C4    H4     sing N N 108 
DDL C5    C6     sing N N 109 
DDL C5    O5     sing N N 110 
DDL C5    H5     sing N N 111 
DDL C6    H61    sing N N 112 
DDL C6    H62    sing N N 113 
DDL C6    H63    sing N N 114 
DDL O1    HO1    sing N N 115 
DDL O3    HO3    sing N N 116 
DDL O4    HO4    sing N N 117 
DG  OP3   P      sing N N 118 
DG  OP3   HOP3   sing N N 119 
DG  P     OP1    doub N N 120 
DG  P     OP2    sing N N 121 
DG  P     "O5'"  sing N N 122 
DG  OP2   HOP2   sing N N 123 
DG  "O5'" "C5'"  sing N N 124 
DG  "C5'" "C4'"  sing N N 125 
DG  "C5'" "H5'"  sing N N 126 
DG  "C5'" "H5''" sing N N 127 
DG  "C4'" "O4'"  sing N N 128 
DG  "C4'" "C3'"  sing N N 129 
DG  "C4'" "H4'"  sing N N 130 
DG  "O4'" "C1'"  sing N N 131 
DG  "C3'" "O3'"  sing N N 132 
DG  "C3'" "C2'"  sing N N 133 
DG  "C3'" "H3'"  sing N N 134 
DG  "O3'" "HO3'" sing N N 135 
DG  "C2'" "C1'"  sing N N 136 
DG  "C2'" "H2'"  sing N N 137 
DG  "C2'" "H2''" sing N N 138 
DG  "C1'" N9     sing N N 139 
DG  "C1'" "H1'"  sing N N 140 
DG  N9    C8     sing Y N 141 
DG  N9    C4     sing Y N 142 
DG  C8    N7     doub Y N 143 
DG  C8    H8     sing N N 144 
DG  N7    C5     sing Y N 145 
DG  C5    C6     sing N N 146 
DG  C5    C4     doub Y N 147 
DG  C6    O6     doub N N 148 
DG  C6    N1     sing N N 149 
DG  N1    C2     sing N N 150 
DG  N1    H1     sing N N 151 
DG  C2    N2     sing N N 152 
DG  C2    N3     doub N N 153 
DG  N2    H21    sing N N 154 
DG  N2    H22    sing N N 155 
DG  N3    C4     sing N N 156 
DT  OP3   P      sing N N 157 
DT  OP3   HOP3   sing N N 158 
DT  P     OP1    doub N N 159 
DT  P     OP2    sing N N 160 
DT  P     "O5'"  sing N N 161 
DT  OP2   HOP2   sing N N 162 
DT  "O5'" "C5'"  sing N N 163 
DT  "C5'" "C4'"  sing N N 164 
DT  "C5'" "H5'"  sing N N 165 
DT  "C5'" "H5''" sing N N 166 
DT  "C4'" "O4'"  sing N N 167 
DT  "C4'" "C3'"  sing N N 168 
DT  "C4'" "H4'"  sing N N 169 
DT  "O4'" "C1'"  sing N N 170 
DT  "C3'" "O3'"  sing N N 171 
DT  "C3'" "C2'"  sing N N 172 
DT  "C3'" "H3'"  sing N N 173 
DT  "O3'" "HO3'" sing N N 174 
DT  "C2'" "C1'"  sing N N 175 
DT  "C2'" "H2'"  sing N N 176 
DT  "C2'" "H2''" sing N N 177 
DT  "C1'" N1     sing N N 178 
DT  "C1'" "H1'"  sing N N 179 
DT  N1    C2     sing N N 180 
DT  N1    C6     sing N N 181 
DT  C2    O2     doub N N 182 
DT  C2    N3     sing N N 183 
DT  N3    C4     sing N N 184 
DT  N3    H3     sing N N 185 
DT  C4    O4     doub N N 186 
DT  C4    C5     sing N N 187 
DT  C5    C7     sing N N 188 
DT  C5    C6     doub N N 189 
DT  C7    H71    sing N N 190 
DT  C7    H72    sing N N 191 
DT  C7    H73    sing N N 192 
DT  C6    H6     sing N N 193 
DXB C1    O1     doub N N 194 
DXB C1    C9A    sing N N 195 
DXB C1    C2     sing N N 196 
DXB C9A   C4A    doub Y N 197 
DXB C9A   C9     sing Y N 198 
DXB C2    C3     sing N N 199 
DXB C2    H21    sing N N 200 
DXB C2    H22    sing N N 201 
DXB C3    C4     sing N N 202 
DXB C3    C1S    sing N N 203 
DXB C3    H3     sing N N 204 
DXB C4    C4A    sing N N 205 
DXB C4    H4A    sing N N 206 
DXB C4    H4E    sing N N 207 
DXB C4A   C10    sing Y N 208 
DXB C10   C5A    doub Y N 209 
DXB C10   H10    sing N N 210 
DXB C5A   C5     sing Y N 211 
DXB C5A   C8A    sing Y N 212 
DXB C5    C6     doub Y N 213 
DXB C5    H5     sing N N 214 
DXB C6    C7     sing Y N 215 
DXB C6    H6     sing N N 216 
DXB C7    CC7    sing N N 217 
DXB C7    C8     doub Y N 218 
DXB CC7   HM71   sing N N 219 
DXB CC7   HM72   sing N N 220 
DXB CC7   HM73   sing N N 221 
DXB C8    O8     sing N N 222 
DXB C8    C8A    sing Y N 223 
DXB O8    HO8    sing N N 224 
DXB C8A   C9     doub Y N 225 
DXB C9    O9     sing N N 226 
DXB O9    HO9    sing N N 227 
DXB CME   O1S    sing N N 228 
DXB CME   HM11   sing N N 229 
DXB CME   HM12   sing N N 230 
DXB CME   HM13   sing N N 231 
DXB C1S   O1S    sing N N 232 
DXB C1S   C2S    sing N N 233 
DXB C1S   HS1    sing N N 234 
DXB C2S   O2S    doub N N 235 
DXB C2S   C3S    sing N N 236 
DXB C3S   O3S    sing N N 237 
DXB C3S   C4S    sing N N 238 
DXB C3S   HS3    sing N N 239 
DXB O3S   HO3    sing N N 240 
DXB C4S   O4S    sing N N 241 
DXB C4S   C5S    sing N N 242 
DXB C4S   HS4    sing N N 243 
DXB O4S   HO4    sing N N 244 
DXB C5S   HM51   sing N N 245 
DXB C5S   HM52   sing N N 246 
DXB C5S   HM53   sing N N 247 
MDA C1    C2     sing N N 248 
MDA C1    O1     sing N N 249 
MDA C1    O5     sing N N 250 
MDA C1    H1     sing N N 251 
MDA C2    C3     sing N N 252 
MDA C2    H2     sing N N 253 
MDA C2    H22    sing N N 254 
MDA C3    C4     sing N N 255 
MDA C3    "C3'"  sing N N 256 
MDA C3    O3     sing N N 257 
MDA C4    C5     sing N N 258 
MDA C4    O4     sing N N 259 
MDA C4    H4     sing N N 260 
MDA C5    C6     sing N N 261 
MDA C5    O5     sing N N 262 
MDA C5    H5     sing N N 263 
MDA C6    H61    sing N N 264 
MDA C6    H62    sing N N 265 
MDA C6    H63    sing N N 266 
MDA "C3'" "H3'1" sing N N 267 
MDA "C3'" "H3'2" sing N N 268 
MDA "C3'" "H3'3" sing N N 269 
MDA O1    HO1    sing N N 270 
MDA O3    HO3    sing N N 271 
MDA O4    HO4    sing N N 272 
# 
loop_
_ndb_struct_conf_na.entry_id 
_ndb_struct_conf_na.feature 
1BP8 'double helix'        
1BP8 'a-form double helix' 
# 
loop_
_ndb_struct_na_base_pair.model_number 
_ndb_struct_na_base_pair.i_label_asym_id 
_ndb_struct_na_base_pair.i_label_comp_id 
_ndb_struct_na_base_pair.i_label_seq_id 
_ndb_struct_na_base_pair.i_symmetry 
_ndb_struct_na_base_pair.j_label_asym_id 
_ndb_struct_na_base_pair.j_label_comp_id 
_ndb_struct_na_base_pair.j_label_seq_id 
_ndb_struct_na_base_pair.j_symmetry 
_ndb_struct_na_base_pair.shear 
_ndb_struct_na_base_pair.stretch 
_ndb_struct_na_base_pair.stagger 
_ndb_struct_na_base_pair.buckle 
_ndb_struct_na_base_pair.propeller 
_ndb_struct_na_base_pair.opening 
_ndb_struct_na_base_pair.pair_number 
_ndb_struct_na_base_pair.pair_name 
_ndb_struct_na_base_pair.i_auth_asym_id 
_ndb_struct_na_base_pair.i_auth_seq_id 
_ndb_struct_na_base_pair.i_PDB_ins_code 
_ndb_struct_na_base_pair.j_auth_asym_id 
_ndb_struct_na_base_pair.j_auth_seq_id 
_ndb_struct_na_base_pair.j_PDB_ins_code 
_ndb_struct_na_base_pair.hbond_type_28 
_ndb_struct_na_base_pair.hbond_type_12 
1 A DA 1 1_555 B DT 8 1_555 -0.422 -0.313 1.216  -5.896  -8.404  -22.361 1 A_DA1:DT8_B A 1 ? B 8 ? 20 1 
1 A DC 2 1_555 B DG 7 1_555 -0.264 -0.163 0.912  -1.342  8.824   4.791   2 A_DC2:DG7_B A 2 ? B 7 ? 19 1 
1 A DC 3 1_555 B DG 6 1_555 0.376  -0.124 -0.098 -4.274  -24.129 6.749   3 A_DC3:DG6_B A 3 ? B 6 ? 19 1 
1 A DC 4 1_555 B DG 5 1_555 0.501  -0.002 0.481  -18.689 7.135   2.274   4 A_DC4:DG5_B A 4 ? B 5 ? 19 1 
1 A DG 5 1_555 B DC 4 1_555 -0.472 0.019  0.515  19.615  -0.427  3.142   5 A_DG5:DC4_B A 5 ? B 4 ? 19 1 
1 A DG 6 1_555 B DC 3 1_555 -0.254 -0.081 0.000  5.670   -21.658 5.755   6 A_DG6:DC3_B A 6 ? B 3 ? 19 1 
1 A DG 7 1_555 B DC 2 1_555 0.339  -0.193 0.950  1.430   7.320   3.766   7 A_DG7:DC2_B A 7 ? B 2 ? 19 1 
1 A DT 8 1_555 B DA 1 1_555 0.211  -0.243 1.344  5.703   -4.486  -20.935 8 A_DT8:DA1_B A 8 ? B 1 ? 20 1 
# 
loop_
_ndb_struct_na_base_pair_step.model_number 
_ndb_struct_na_base_pair_step.i_label_asym_id_1 
_ndb_struct_na_base_pair_step.i_label_comp_id_1 
_ndb_struct_na_base_pair_step.i_label_seq_id_1 
_ndb_struct_na_base_pair_step.i_symmetry_1 
_ndb_struct_na_base_pair_step.j_label_asym_id_1 
_ndb_struct_na_base_pair_step.j_label_comp_id_1 
_ndb_struct_na_base_pair_step.j_label_seq_id_1 
_ndb_struct_na_base_pair_step.j_symmetry_1 
_ndb_struct_na_base_pair_step.i_label_asym_id_2 
_ndb_struct_na_base_pair_step.i_label_comp_id_2 
_ndb_struct_na_base_pair_step.i_label_seq_id_2 
_ndb_struct_na_base_pair_step.i_symmetry_2 
_ndb_struct_na_base_pair_step.j_label_asym_id_2 
_ndb_struct_na_base_pair_step.j_label_comp_id_2 
_ndb_struct_na_base_pair_step.j_label_seq_id_2 
_ndb_struct_na_base_pair_step.j_symmetry_2 
_ndb_struct_na_base_pair_step.shift 
_ndb_struct_na_base_pair_step.slide 
_ndb_struct_na_base_pair_step.rise 
_ndb_struct_na_base_pair_step.tilt 
_ndb_struct_na_base_pair_step.roll 
_ndb_struct_na_base_pair_step.twist 
_ndb_struct_na_base_pair_step.x_displacement 
_ndb_struct_na_base_pair_step.y_displacement 
_ndb_struct_na_base_pair_step.helical_rise 
_ndb_struct_na_base_pair_step.inclination 
_ndb_struct_na_base_pair_step.tip 
_ndb_struct_na_base_pair_step.helical_twist 
_ndb_struct_na_base_pair_step.step_number 
_ndb_struct_na_base_pair_step.step_name 
_ndb_struct_na_base_pair_step.i_auth_asym_id_1 
_ndb_struct_na_base_pair_step.i_auth_seq_id_1 
_ndb_struct_na_base_pair_step.i_PDB_ins_code_1 
_ndb_struct_na_base_pair_step.j_auth_asym_id_1 
_ndb_struct_na_base_pair_step.j_auth_seq_id_1 
_ndb_struct_na_base_pair_step.j_PDB_ins_code_1 
_ndb_struct_na_base_pair_step.i_auth_asym_id_2 
_ndb_struct_na_base_pair_step.i_auth_seq_id_2 
_ndb_struct_na_base_pair_step.i_PDB_ins_code_2 
_ndb_struct_na_base_pair_step.j_auth_asym_id_2 
_ndb_struct_na_base_pair_step.j_auth_seq_id_2 
_ndb_struct_na_base_pair_step.j_PDB_ins_code_2 
1 A DA 1 1_555 B DT 8 1_555 A DC 2 1_555 B DG 7 1_555 1.626  -1.457 3.256 4.797   4.105  35.632 -2.927 -1.941 3.258 6.643  -7.764  
36.169 1 AA_DA1DC2:DG7DT8_BB A 1 ? B 8 ? A 2 ? B 7 ? 
1 A DC 2 1_555 B DG 7 1_555 A DC 3 1_555 B DG 6 1_555 0.130  -0.426 3.017 12.328  9.419  35.082 -1.735 1.223  2.714 14.767 -19.327 
38.261 2 AA_DC2DC3:DG6DG7_BB A 2 ? B 7 ? A 3 ? B 6 ? 
1 A DC 3 1_555 B DG 6 1_555 A DC 4 1_555 B DG 5 1_555 -0.334 -0.741 3.529 -5.699  8.827  32.985 -2.692 -0.373 3.242 15.077 9.734   
34.574 3 AA_DC3DC4:DG5DG6_BB A 3 ? B 6 ? A 4 ? B 5 ? 
1 A DC 4 1_555 B DG 5 1_555 A DG 5 1_555 B DC 4 1_555 0.194  -0.496 2.246 0.365   0.959  25.778 -1.294 -0.365 2.229 2.148  -0.818  
25.798 4 AA_DC4DG5:DC4DG5_BB A 4 ? B 5 ? A 5 ? B 4 ? 
1 A DG 5 1_555 B DC 4 1_555 A DG 6 1_555 B DC 3 1_555 0.220  -0.763 3.446 4.894   7.857  35.417 -2.336 0.348  3.211 12.651 -7.879  
36.569 5 AA_DG5DG6:DC3DC4_BB A 5 ? B 4 ? A 6 ? B 3 ? 
1 A DG 6 1_555 B DC 3 1_555 A DG 7 1_555 B DC 2 1_555 -0.116 -0.457 3.033 -11.248 11.106 34.963 -1.976 -1.119 2.685 17.427 17.649  
38.268 6 AA_DG6DG7:DC2DC3_BB A 6 ? B 3 ? A 7 ? B 2 ? 
1 A DG 7 1_555 B DC 2 1_555 A DT 8 1_555 B DA 1 1_555 -1.531 -1.550 3.310 -4.577  8.022  32.845 -3.906 1.892  3.038 13.849 7.902   
34.085 7 AA_DG7DT8:DA1DC2_BB A 7 ? B 2 ? A 8 ? B 1 ? 
# 
loop_
_pdbx_entity_branch_list.entity_id 
_pdbx_entity_branch_list.comp_id 
_pdbx_entity_branch_list.num 
_pdbx_entity_branch_list.hetero 
2 DDA 1 n 
2 DDA 2 n 
3 DDA 1 n 
3 DDL 2 n 
3 MDA 3 n 
# 
_pdbx_nmr_spectrometer.spectrometer_id   1 
_pdbx_nmr_spectrometer.model             'INOVA 600' 
_pdbx_nmr_spectrometer.manufacturer      Varian 
_pdbx_nmr_spectrometer.field_strength    600 
_pdbx_nmr_spectrometer.type              ? 
# 
_atom_sites.entry_id                    1BP8 
_atom_sites.fract_transf_matrix[1][1]   1.000000 
_atom_sites.fract_transf_matrix[1][2]   0.000000 
_atom_sites.fract_transf_matrix[1][3]   0.000000 
_atom_sites.fract_transf_matrix[2][1]   0.000000 
_atom_sites.fract_transf_matrix[2][2]   1.000000 
_atom_sites.fract_transf_matrix[2][3]   0.000000 
_atom_sites.fract_transf_matrix[3][1]   0.000000 
_atom_sites.fract_transf_matrix[3][2]   0.000000 
_atom_sites.fract_transf_matrix[3][3]   1.000000 
_atom_sites.fract_transf_vector[1]      0.00000 
_atom_sites.fract_transf_vector[2]      0.00000 
_atom_sites.fract_transf_vector[3]      0.00000 
# 
loop_
_atom_type.symbol 
C  
H  
MG 
N  
O  
P  
# 
loop_
_atom_site.group_PDB 
_atom_site.id 
_atom_site.type_symbol 
_atom_site.label_atom_id 
_atom_site.label_alt_id 
_atom_site.label_comp_id 
_atom_site.label_asym_id 
_atom_site.label_entity_id 
_atom_site.label_seq_id 
_atom_site.pdbx_PDB_ins_code 
_atom_site.Cartn_x 
_atom_site.Cartn_y 
_atom_site.Cartn_z 
_atom_site.occupancy 
_atom_site.B_iso_or_equiv 
_atom_site.pdbx_formal_charge 
_atom_site.auth_seq_id 
_atom_site.auth_comp_id 
_atom_site.auth_asym_id 
_atom_site.auth_atom_id 
_atom_site.pdbx_PDB_model_num 
ATOM   1    O  "O5'"  . DA  A 1 1 ? 12.695  1.549   -6.604  1.00 0.00 ? 1  DA  A "O5'"  1 
ATOM   2    C  "C5'"  . DA  A 1 1 ? 13.459  1.513   -6.479  1.00 0.00 ? 1  DA  A "C5'"  1 
ATOM   3    C  "C4'"  . DA  A 1 1 ? 13.965  1.506   -5.038  1.00 0.00 ? 1  DA  A "C4'"  1 
ATOM   4    O  "O4'"  . DA  A 1 1 ? 14.009  2.785   -4.443  1.00 0.00 ? 1  DA  A "O4'"  1 
ATOM   5    C  "C3'"  . DA  A 1 1 ? 13.148  0.631   -4.092  1.00 0.00 ? 1  DA  A "C3'"  1 
ATOM   6    O  "O3'"  . DA  A 1 1 ? 13.640  -0.708  -4.151  1.00 0.00 ? 1  DA  A "O3'"  1 
ATOM   7    C  "C2'"  . DA  A 1 1 ? 13.463  1.256   -2.763  1.00 0.00 ? 1  DA  A "C2'"  1 
ATOM   8    C  "C1'"  . DA  A 1 1 ? 13.715  2.704   -3.062  1.00 0.00 ? 1  DA  A "C1'"  1 
ATOM   9    N  N9     . DA  A 1 1 ? 12.470  3.423   -2.824  1.00 0.00 ? 1  DA  A N9     1 
ATOM   10   C  C8     . DA  A 1 1 ? 11.492  3.775   -3.666  1.00 0.00 ? 1  DA  A C8     1 
ATOM   11   N  N7     . DA  A 1 1 ? 10.467  4.401   -3.067  1.00 0.00 ? 1  DA  A N7     1 
ATOM   12   C  C5     . DA  A 1 1 ? 10.822  4.424   -1.723  1.00 0.00 ? 1  DA  A C5     1 
ATOM   13   C  C6     . DA  A 1 1 ? 10.259  4.832   -0.563  1.00 0.00 ? 1  DA  A C6     1 
ATOM   14   N  N6     . DA  A 1 1 ? 9.059   5.393   -0.579  1.00 0.00 ? 1  DA  A N6     1 
ATOM   15   N  N1     . DA  A 1 1 ? 10.843  4.642   0.629   1.00 0.00 ? 1  DA  A N1     1 
ATOM   16   C  C2     . DA  A 1 1 ? 12.032  4.006   0.629   1.00 0.00 ? 1  DA  A C2     1 
ATOM   17   N  N3     . DA  A 1 1 ? 12.679  3.594   -0.436  1.00 0.00 ? 1  DA  A N3     1 
ATOM   18   C  C4     . DA  A 1 1 ? 12.059  3.811   -1.586  1.00 0.00 ? 1  DA  A C4     1 
ATOM   19   H  "H5'"  . DA  A 1 1 ? 13.596  1.945   -7.005  1.00 0.00 ? 1  DA  A "H5'"  1 
ATOM   20   H  "H5''" . DA  A 1 1 ? 13.558  1.046   -6.945  1.00 0.00 ? 1  DA  A "H5''" 1 
ATOM   21   H  "H4'"  . DA  A 1 1 ? 14.981  1.128   -5.031  1.00 0.00 ? 1  DA  A "H4'"  1 
ATOM   22   H  "H3'"  . DA  A 1 1 ? 12.047  0.675   -4.168  1.00 0.00 ? 1  DA  A "H3'"  1 
ATOM   23   H  "H2'"  . DA  A 1 1 ? 12.613  1.226   -2.113  1.00 0.00 ? 1  DA  A "H2'"  1 
ATOM   24   H  "H2''" . DA  A 1 1 ? 14.338  0.852   -2.282  1.00 0.00 ? 1  DA  A "H2''" 1 
ATOM   25   H  "H1'"  . DA  A 1 1 ? 14.515  3.052   -2.392  1.00 0.00 ? 1  DA  A "H1'"  1 
ATOM   26   H  H8     . DA  A 1 1 ? 11.469  3.459   -4.689  1.00 0.00 ? 1  DA  A H8     1 
ATOM   27   H  H61    . DA  A 1 1 ? 8.875   6.253   -0.126  1.00 0.00 ? 1  DA  A H61    1 
ATOM   28   H  H62    . DA  A 1 1 ? 8.312   4.973   -1.085  1.00 0.00 ? 1  DA  A H62    1 
ATOM   29   H  H2     . DA  A 1 1 ? 12.515  3.643   1.528   1.00 0.00 ? 1  DA  A H2     1 
ATOM   30   H  "HO5'" . DA  A 1 1 ? 12.487  1.495   -6.846  1.00 0.00 ? 1  DA  A "HO5'" 1 
ATOM   31   P  P      . DC  A 1 2 ? 12.813  -1.865  -3.515  1.00 0.00 ? 2  DC  A P      1 
ATOM   32   O  OP1    . DC  A 1 2 ? 13.661  -3.163  -3.518  1.00 0.00 ? 2  DC  A OP1    1 
ATOM   33   O  OP2    . DC  A 1 2 ? 11.489  -2.038  -4.296  1.00 0.00 ? 2  DC  A OP2    1 
ATOM   34   O  "O5'"  . DC  A 1 2 ? 12.492  -1.427  -2.054  1.00 0.00 ? 2  DC  A "O5'"  1 
ATOM   35   C  "C5'"  . DC  A 1 2 ? 13.217  -1.940  -0.942  1.00 0.00 ? 2  DC  A "C5'"  1 
ATOM   36   C  "C4'"  . DC  A 1 2 ? 12.588  -1.428  0.343   1.00 0.00 ? 2  DC  A "C4'"  1 
ATOM   37   O  "O4'"  . DC  A 1 2 ? 12.268  -0.036  0.458   1.00 0.00 ? 2  DC  A "O4'"  1 
ATOM   38   C  "C3'"  . DC  A 1 2 ? 11.271  -2.082  0.587   1.00 0.00 ? 2  DC  A "C3'"  1 
ATOM   39   O  "O3'"  . DC  A 1 2 ? 11.456  -3.442  0.978   1.00 0.00 ? 2  DC  A "O3'"  1 
ATOM   40   C  "C2'"  . DC  A 1 2 ? 10.761  -1.243  1.693   1.00 0.00 ? 2  DC  A "C2'"  1 
ATOM   41   C  "C1'"  . DC  A 1 2 ? 11.095  0.134   1.269   1.00 0.00 ? 2  DC  A "C1'"  1 
ATOM   42   N  N1     . DC  A 1 2 ? 10.033  0.849   0.536   1.00 0.00 ? 2  DC  A N1     1 
ATOM   43   C  C2     . DC  A 1 2 ? 9.076   1.648   1.196   1.00 0.00 ? 2  DC  A C2     1 
ATOM   44   O  O2     . DC  A 1 2 ? 8.891   1.748   2.427   1.00 0.00 ? 2  DC  A O2     1 
ATOM   45   N  N3     . DC  A 1 2 ? 8.228   2.332   0.357   1.00 0.00 ? 2  DC  A N3     1 
ATOM   46   C  C4     . DC  A 1 2 ? 8.292   2.231   -0.944  1.00 0.00 ? 2  DC  A C4     1 
ATOM   47   N  N4     . DC  A 1 2 ? 7.453   2.950   -1.658  1.00 0.00 ? 2  DC  A N4     1 
ATOM   48   C  C5     . DC  A 1 2 ? 9.208   1.440   -1.576  1.00 0.00 ? 2  DC  A C5     1 
ATOM   49   C  C6     . DC  A 1 2 ? 10.081  0.751   -0.791  1.00 0.00 ? 2  DC  A C6     1 
ATOM   50   H  "H5'"  . DC  A 1 2 ? 14.287  -1.764  -1.009  1.00 0.00 ? 2  DC  A "H5'"  1 
ATOM   51   H  "H5''" . DC  A 1 2 ? 13.132  -3.028  -0.957  1.00 0.00 ? 2  DC  A "H5''" 1 
ATOM   52   H  "H4'"  . DC  A 1 2 ? 13.239  -1.705  1.157   1.00 0.00 ? 2  DC  A "H4'"  1 
ATOM   53   H  "H3'"  . DC  A 1 2 ? 10.622  -1.949  -0.279  1.00 0.00 ? 2  DC  A "H3'"  1 
ATOM   54   H  "H2'"  . DC  A 1 2 ? 9.729   -1.360  1.820   1.00 0.00 ? 2  DC  A "H2'"  1 
ATOM   55   H  "H2''" . DC  A 1 2 ? 11.301  -1.396  2.614   1.00 0.00 ? 2  DC  A "H2''" 1 
ATOM   56   H  "H1'"  . DC  A 1 2 ? 11.274  0.632   2.187   1.00 0.00 ? 2  DC  A "H1'"  1 
ATOM   57   H  H41    . DC  A 1 2 ? 6.732   3.471   -1.202  1.00 0.00 ? 2  DC  A H41    1 
ATOM   58   H  H42    . DC  A 1 2 ? 7.561   2.951   -2.645  1.00 0.00 ? 2  DC  A H42    1 
ATOM   59   H  H5     . DC  A 1 2 ? 9.302   1.332   -2.644  1.00 0.00 ? 2  DC  A H5     1 
ATOM   60   H  H6     . DC  A 1 2 ? 10.784  0.122   -1.326  1.00 0.00 ? 2  DC  A H6     1 
ATOM   61   P  P      . DC  A 1 3 ? 10.221  -4.362  1.247   1.00 0.00 ? 3  DC  A P      1 
ATOM   62   O  OP1    . DC  A 1 3 ? 10.704  -5.763  1.687   1.00 0.00 ? 3  DC  A OP1    1 
ATOM   63   O  OP2    . DC  A 1 3 ? 9.358   -4.430  -0.033  1.00 0.00 ? 3  DC  A OP2    1 
ATOM   64   O  "O5'"  . DC  A 1 3 ? 9.380   -3.698  2.379   1.00 0.00 ? 3  DC  A "O5'"  1 
ATOM   65   C  "C5'"  . DC  A 1 3 ? 9.779   -3.723  3.748   1.00 0.00 ? 3  DC  A "C5'"  1 
ATOM   66   C  "C4'"  . DC  A 1 3 ? 9.116   -2.553  4.534   1.00 0.00 ? 3  DC  A "C4'"  1 
ATOM   67   O  "O4'"  . DC  A 1 3 ? 9.044   -1.222  3.998   1.00 0.00 ? 3  DC  A "O4'"  1 
ATOM   68   C  "C3'"  . DC  A 1 3 ? 7.647   -2.861  4.794   1.00 0.00 ? 3  DC  A "C3'"  1 
ATOM   69   O  "O3'"  . DC  A 1 3 ? 7.545   -3.795  5.876   1.00 0.00 ? 3  DC  A "O3'"  1 
ATOM   70   C  "C2'"  . DC  A 1 3 ? 7.105   -1.531  5.154   1.00 0.00 ? 3  DC  A "C2'"  1 
ATOM   71   C  "C1'"  . DC  A 1 3 ? 7.740   -0.635  4.192   1.00 0.00 ? 3  DC  A "C1'"  1 
ATOM   72   N  N1     . DC  A 1 3 ? 7.031   -0.446  2.910   1.00 0.00 ? 3  DC  A N1     1 
ATOM   73   C  C2     . DC  A 1 3 ? 6.169   0.595   2.695   1.00 0.00 ? 3  DC  A C2     1 
ATOM   74   O  O2     . DC  A 1 3 ? 5.739   1.290   3.585   1.00 0.00 ? 3  DC  A O2     1 
ATOM   75   N  N3     . DC  A 1 3 ? 5.746   0.791   1.413   1.00 0.00 ? 3  DC  A N3     1 
ATOM   76   C  C4     . DC  A 1 3 ? 6.143   0.030   0.439   1.00 0.00 ? 3  DC  A C4     1 
ATOM   77   N  N4     . DC  A 1 3 ? 5.705   0.346   -0.755  1.00 0.00 ? 3  DC  A N4     1 
ATOM   78   C  C5     . DC  A 1 3 ? 6.994   -1.025  0.654   1.00 0.00 ? 3  DC  A C5     1 
ATOM   79   C  C6     . DC  A 1 3 ? 7.388   -1.214  1.947   1.00 0.00 ? 3  DC  A C6     1 
ATOM   80   H  "H5'"  . DC  A 1 3 ? 10.847  -3.905  3.885   1.00 0.00 ? 3  DC  A "H5'"  1 
ATOM   81   H  "H5''" . DC  A 1 3 ? 9.363   -4.637  4.174   1.00 0.00 ? 3  DC  A "H5''" 1 
ATOM   82   H  "H4'"  . DC  A 1 3 ? 9.684   -2.448  5.465   1.00 0.00 ? 3  DC  A "H4'"  1 
ATOM   83   H  "H3'"  . DC  A 1 3 ? 7.107   -3.134  3.874   1.00 0.00 ? 3  DC  A "H3'"  1 
ATOM   84   H  "H2'"  . DC  A 1 3 ? 6.057   -1.377  5.072   1.00 0.00 ? 3  DC  A "H2'"  1 
ATOM   85   H  "H2''" . DC  A 1 3 ? 7.477   -1.254  6.111   1.00 0.00 ? 3  DC  A "H2''" 1 
ATOM   86   H  "H1'"  . DC  A 1 3 ? 7.716   0.281   4.711   1.00 0.00 ? 3  DC  A "H1'"  1 
ATOM   87   H  H41    . DC  A 1 3 ? 5.152   1.180   -0.792  1.00 0.00 ? 3  DC  A H41    1 
ATOM   88   H  H42    . DC  A 1 3 ? 5.934   -0.228  -1.530  1.00 0.00 ? 3  DC  A H42    1 
ATOM   89   H  H5     . DC  A 1 3 ? 7.443   -1.653  -0.089  1.00 0.00 ? 3  DC  A H5     1 
ATOM   90   H  H6     . DC  A 1 3 ? 7.970   -2.026  2.275   1.00 0.00 ? 3  DC  A H6     1 
ATOM   91   P  P      . DC  A 1 4 ? 6.152   -4.239  6.418   1.00 0.00 ? 4  DC  A P      1 
ATOM   92   O  OP1    . DC  A 1 4 ? 6.330   -5.031  7.742   1.00 0.00 ? 4  DC  A OP1    1 
ATOM   93   O  OP2    . DC  A 1 4 ? 5.453   -5.093  5.332   1.00 0.00 ? 4  DC  A OP2    1 
ATOM   94   O  "O5'"  . DC  A 1 4 ? 5.320   -2.939  6.636   1.00 0.00 ? 4  DC  A "O5'"  1 
ATOM   95   C  "C5'"  . DC  A 1 4 ? 4.657   -2.589  7.838   1.00 0.00 ? 4  DC  A "C5'"  1 
ATOM   96   C  "C4'"  . DC  A 1 4 ? 3.320   -2.010  7.440   1.00 0.00 ? 4  DC  A "C4'"  1 
ATOM   97   O  "O4'"  . DC  A 1 4 ? 3.422   -1.003  6.450   1.00 0.00 ? 4  DC  A "O4'"  1 
ATOM   98   C  "C3'"  . DC  A 1 4 ? 2.460   -3.068  6.809   1.00 0.00 ? 4  DC  A "C3'"  1 
ATOM   99   O  "O3'"  . DC  A 1 4 ? 1.794   -3.775  7.863   1.00 0.00 ? 4  DC  A "O3'"  1 
ATOM   100  C  "C2'"  . DC  A 1 4 ? 1.593   -2.332  5.861   1.00 0.00 ? 4  DC  A "C2'"  1 
ATOM   101  C  "C1'"  . DC  A 1 4 ? 2.273   -1.029  5.616   1.00 0.00 ? 4  DC  A "C1'"  1 
ATOM   102  N  N1     . DC  A 1 4 ? 2.638   -0.969  4.207   1.00 0.00 ? 4  DC  A N1     1 
ATOM   103  C  C2     . DC  A 1 4 ? 1.800   -0.361  3.299   1.00 0.00 ? 4  DC  A C2     1 
ATOM   104  O  O2     . DC  A 1 4 ? 0.808   0.270   3.621   1.00 0.00 ? 4  DC  A O2     1 
ATOM   105  N  N3     . DC  A 1 4 ? 2.124   -0.497  1.984   1.00 0.00 ? 4  DC  A N3     1 
ATOM   106  C  C4     . DC  A 1 4 ? 3.170   -1.173  1.615   1.00 0.00 ? 4  DC  A C4     1 
ATOM   107  N  N4     . DC  A 1 4 ? 3.353   -1.260  0.323   1.00 0.00 ? 4  DC  A N4     1 
ATOM   108  C  C5     . DC  A 1 4 ? 4.026   -1.772  2.521   1.00 0.00 ? 4  DC  A C5     1 
ATOM   109  C  C6     . DC  A 1 4 ? 3.708   -1.629  3.842   1.00 0.00 ? 4  DC  A C6     1 
ATOM   110  H  "H5'"  . DC  A 1 4 ? 5.220   -1.848  8.384   1.00 0.00 ? 4  DC  A "H5'"  1 
ATOM   111  H  "H5''" . DC  A 1 4 ? 4.533   -3.459  8.484   1.00 0.00 ? 4  DC  A "H5''" 1 
ATOM   112  H  "H4'"  . DC  A 1 4 ? 2.785   -1.620  8.302   1.00 0.00 ? 4  DC  A "H4'"  1 
ATOM   113  H  "H3'"  . DC  A 1 4 ? 2.981   -3.717  6.122   1.00 0.00 ? 4  DC  A "H3'"  1 
ATOM   114  H  "H2'"  . DC  A 1 4 ? 1.422   -2.874  4.936   1.00 0.00 ? 4  DC  A "H2'"  1 
ATOM   115  H  "H2''" . DC  A 1 4 ? 0.715   -2.032  6.340   1.00 0.00 ? 4  DC  A "H2''" 1 
ATOM   116  H  "H1'"  . DC  A 1 4 ? 1.530   -0.306  5.868   1.00 0.00 ? 4  DC  A "H1'"  1 
ATOM   117  H  H41    . DC  A 1 4 ? 2.752   -0.678  -0.226  1.00 0.00 ? 4  DC  A H41    1 
ATOM   118  H  H42    . DC  A 1 4 ? 4.043   -1.875  -0.030  1.00 0.00 ? 4  DC  A H42    1 
ATOM   119  H  H5     . DC  A 1 4 ? 4.921   -2.330  2.296   1.00 0.00 ? 4  DC  A H5     1 
ATOM   120  H  H6     . DC  A 1 4 ? 4.352   -2.038  4.601   1.00 0.00 ? 4  DC  A H6     1 
ATOM   121  P  P      . DG  A 1 5 ? 0.503   -4.619  7.650   1.00 0.00 ? 5  DG  A P      1 
ATOM   122  O  OP1    . DG  A 1 5 ? 0.128   -5.310  8.986   1.00 0.00 ? 5  DG  A OP1    1 
ATOM   123  O  OP2    . DG  A 1 5 ? 0.758   -5.643  6.523   1.00 0.00 ? 5  DG  A OP2    1 
ATOM   124  O  "O5'"  . DG  A 1 5 ? -0.639  -3.661  7.213   1.00 0.00 ? 5  DG  A "O5'"  1 
ATOM   125  C  "C5'"  . DG  A 1 5 ? -1.463  -2.920  8.116   1.00 0.00 ? 5  DG  A "C5'"  1 
ATOM   126  C  "C4'"  . DG  A 1 5 ? -2.470  -2.141  7.252   1.00 0.00 ? 5  DG  A "C4'"  1 
ATOM   127  O  "O4'"  . DG  A 1 5 ? -1.836  -1.569  6.126   1.00 0.00 ? 5  DG  A "O4'"  1 
ATOM   128  C  "C3'"  . DG  A 1 5 ? -3.541  -3.061  6.713   1.00 0.00 ? 5  DG  A "C3'"  1 
ATOM   129  O  "O3'"  . DG  A 1 5 ? -4.816  -2.649  7.214   1.00 0.00 ? 5  DG  A "O3'"  1 
ATOM   130  C  "C2'"  . DG  A 1 5 ? -3.424  -2.999  5.229   1.00 0.00 ? 5  DG  A "C2'"  1 
ATOM   131  C  "C1'"  . DG  A 1 5 ? -2.616  -1.764  4.966   1.00 0.00 ? 5  DG  A "C1'"  1 
ATOM   132  N  N9     . DG  A 1 5 ? -1.729  -2.056  3.858   1.00 0.00 ? 5  DG  A N9     1 
ATOM   133  C  C8     . DG  A 1 5 ? -0.814  -2.986  3.918   1.00 0.00 ? 5  DG  A C8     1 
ATOM   134  N  N7     . DG  A 1 5 ? -0.099  -3.160  2.787   1.00 0.00 ? 5  DG  A N7     1 
ATOM   135  C  C5     . DG  A 1 5 ? -0.651  -2.221  1.908   1.00 0.00 ? 5  DG  A C5     1 
ATOM   136  C  C6     . DG  A 1 5 ? -0.410  -1.866  0.532   1.00 0.00 ? 5  DG  A C6     1 
ATOM   137  O  O6     . DG  A 1 5 ? 0.396   -2.302  -0.278  1.00 0.00 ? 5  DG  A O6     1 
ATOM   138  N  N1     . DG  A 1 5 ? -1.244  -0.875  0.079   1.00 0.00 ? 5  DG  A N1     1 
ATOM   139  C  C2     . DG  A 1 5 ? -2.161  -0.289  0.795   1.00 0.00 ? 5  DG  A C2     1 
ATOM   140  N  N2     . DG  A 1 5 ? -2.842  0.664   0.221   1.00 0.00 ? 5  DG  A N2     1 
ATOM   141  N  N3     . DG  A 1 5 ? -2.432  -0.556  2.048   1.00 0.00 ? 5  DG  A N3     1 
ATOM   142  C  C4     . DG  A 1 5 ? -1.677  -1.521  2.589   1.00 0.00 ? 5  DG  A C4     1 
ATOM   143  H  "H5'"  . DG  A 1 5 ? -0.885  -2.302  8.809   1.00 0.00 ? 5  DG  A "H5'"  1 
ATOM   144  H  "H5''" . DG  A 1 5 ? -1.994  -3.626  8.758   1.00 0.00 ? 5  DG  A "H5''" 1 
ATOM   145  H  "H4'"  . DG  A 1 5 ? -2.960  -1.332  7.753   1.00 0.00 ? 5  DG  A "H4'"  1 
ATOM   146  H  "H3'"  . DG  A 1 5 ? -3.310  -4.071  6.974   1.00 0.00 ? 5  DG  A "H3'"  1 
ATOM   147  H  "H2'"  . DG  A 1 5 ? -3.032  -3.932  4.836   1.00 0.00 ? 5  DG  A "H2'"  1 
ATOM   148  H  "H2''" . DG  A 1 5 ? -4.339  -2.875  4.744   1.00 0.00 ? 5  DG  A "H2''" 1 
ATOM   149  H  "H1'"  . DG  A 1 5 ? -3.308  -0.974  4.810   1.00 0.00 ? 5  DG  A "H1'"  1 
ATOM   150  H  H8     . DG  A 1 5 ? -0.818  -3.448  4.899   1.00 0.00 ? 5  DG  A H8     1 
ATOM   151  H  H1     . DG  A 1 5 ? -1.150  -0.607  -0.854  1.00 0.00 ? 5  DG  A H1     1 
ATOM   152  H  H21    . DG  A 1 5 ? -2.791  0.840   -0.760  1.00 0.00 ? 5  DG  A H21    1 
ATOM   153  H  H22    . DG  A 1 5 ? -3.404  1.196   0.839   1.00 0.00 ? 5  DG  A H22    1 
ATOM   154  P  P      . DG  A 1 6 ? -6.157  -3.340  6.782   1.00 0.00 ? 6  DG  A P      1 
ATOM   155  O  OP1    . DG  A 1 6 ? -7.266  -2.945  7.785   1.00 0.00 ? 6  DG  A OP1    1 
ATOM   156  O  OP2    . DG  A 1 6 ? -5.960  -4.868  6.714   1.00 0.00 ? 6  DG  A OP2    1 
ATOM   157  O  "O5'"  . DG  A 1 6 ? -6.552  -2.800  5.376   1.00 0.00 ? 6  DG  A "O5'"  1 
ATOM   158  C  "C5'"  . DG  A 1 6 ? -7.154  -1.517  5.261   1.00 0.00 ? 6  DG  A "C5'"  1 
ATOM   159  C  "C4'"  . DG  A 1 6 ? -7.142  -1.059  3.806   1.00 0.00 ? 6  DG  A "C4'"  1 
ATOM   160  O  "O4'"  . DG  A 1 6 ? -5.894  -1.313  3.200   1.00 0.00 ? 6  DG  A "O4'"  1 
ATOM   161  C  "C3'"  . DG  A 1 6 ? -8.116  -1.808  2.933   1.00 0.00 ? 6  DG  A "C3'"  1 
ATOM   162  O  "O3'"  . DG  A 1 6 ? -9.425  -1.254  3.076   1.00 0.00 ? 6  DG  A "O3'"  1 
ATOM   163  C  "C2'"  . DG  A 1 6 ? -7.566  -1.567  1.564   1.00 0.00 ? 6  DG  A "C2'"  1 
ATOM   164  C  "C1'"  . DG  A 1 6 ? -6.075  -1.595  1.823   1.00 0.00 ? 6  DG  A "C1'"  1 
ATOM   165  N  N9     . DG  A 1 6 ? -5.129  -2.646  1.427   1.00 0.00 ? 6  DG  A N9     1 
ATOM   166  C  C8     . DG  A 1 6 ? -4.567  -3.573  2.198   1.00 0.00 ? 6  DG  A C8     1 
ATOM   167  N  N7     . DG  A 1 6 ? -3.534  -4.236  1.639   1.00 0.00 ? 6  DG  A N7     1 
ATOM   168  C  C5     . DG  A 1 6 ? -3.437  -3.691  0.363   1.00 0.00 ? 6  DG  A C5     1 
ATOM   169  C  C6     . DG  A 1 6 ? -2.595  -3.939  -0.777  1.00 0.00 ? 6  DG  A C6     1 
ATOM   170  O  O6     . DG  A 1 6 ? -1.656  -4.704  -0.934  1.00 0.00 ? 6  DG  A O6     1 
ATOM   171  N  N1     . DG  A 1 6 ? -2.925  -3.169  -1.858  1.00 0.00 ? 6  DG  A N1     1 
ATOM   172  C  C2     . DG  A 1 6 ? -3.877  -2.289  -1.883  1.00 0.00 ? 6  DG  A C2     1 
ATOM   173  N  N2     . DG  A 1 6 ? -4.085  -1.694  -3.019  1.00 0.00 ? 6  DG  A N2     1 
ATOM   174  N  N3     . DG  A 1 6 ? -4.664  -1.999  -0.882  1.00 0.00 ? 6  DG  A N3     1 
ATOM   175  C  C4     . DG  A 1 6 ? -4.441  -2.705  0.229   1.00 0.00 ? 6  DG  A C4     1 
ATOM   176  H  "H5'"  . DG  A 1 6 ? -6.654  -0.807  5.921   1.00 0.00 ? 6  DG  A "H5'"  1 
ATOM   177  H  "H5''" . DG  A 1 6 ? -8.183  -1.601  5.595   1.00 0.00 ? 6  DG  A "H5''" 1 
ATOM   178  H  "H4'"  . DG  A 1 6 ? -7.363  0.001   3.742   1.00 0.00 ? 6  DG  A "H4'"  1 
ATOM   179  H  "H3'"  . DG  A 1 6 ? -8.044  -2.871  3.099   1.00 0.00 ? 6  DG  A "H3'"  1 
ATOM   180  H  "H2'"  . DG  A 1 6 ? -7.961  -2.163  0.766   1.00 0.00 ? 6  DG  A "H2'"  1 
ATOM   181  H  "H2''" . DG  A 1 6 ? -7.838  -0.577  1.246   1.00 0.00 ? 6  DG  A "H2''" 1 
ATOM   182  H  "H1'"  . DG  A 1 6 ? -5.750  -0.781  1.274   1.00 0.00 ? 6  DG  A "H1'"  1 
ATOM   183  H  H8     . DG  A 1 6 ? -4.993  -3.746  3.159   1.00 0.00 ? 6  DG  A H8     1 
ATOM   184  H  H1     . DG  A 1 6 ? -2.441  -3.323  -2.686  1.00 0.00 ? 6  DG  A H1     1 
ATOM   185  H  H21    . DG  A 1 6 ? -3.714  -2.035  -3.875  1.00 0.00 ? 6  DG  A H21    1 
ATOM   186  H  H22    . DG  A 1 6 ? -4.663  -0.887  -2.946  1.00 0.00 ? 6  DG  A H22    1 
ATOM   187  P  P      . DG  A 1 7 ? -10.665 -2.083  2.640   1.00 0.00 ? 7  DG  A P      1 
ATOM   188  O  OP1    . DG  A 1 7 ? -11.906 -1.156  2.652   1.00 0.00 ? 7  DG  A OP1    1 
ATOM   189  O  OP2    . DG  A 1 7 ? -10.835 -3.287  3.598   1.00 0.00 ? 7  DG  A OP2    1 
ATOM   190  O  "O5'"  . DG  A 1 7 ? -10.383 -2.590  1.201   1.00 0.00 ? 7  DG  A "O5'"  1 
ATOM   191  C  "C5'"  . DG  A 1 7 ? -11.065 -2.088  0.055   1.00 0.00 ? 7  DG  A "C5'"  1 
ATOM   192  C  "C4'"  . DG  A 1 7 ? -10.616 -2.922  -1.135  1.00 0.00 ? 7  DG  A "C4'"  1 
ATOM   193  O  "O4'"  . DG  A 1 7 ? -9.213  -2.903  -1.333  1.00 0.00 ? 7  DG  A "O4'"  1 
ATOM   194  C  "C3'"  . DG  A 1 7 ? -10.980 -4.377  -0.945  1.00 0.00 ? 7  DG  A "C3'"  1 
ATOM   195  O  "O3'"  . DG  A 1 7 ? -12.310 -4.600  -1.423  1.00 0.00 ? 7  DG  A "O3'"  1 
ATOM   196  C  "C2'"  . DG  A 1 7 ? -9.945  -5.087  -1.722  1.00 0.00 ? 7  DG  A "C2'"  1 
ATOM   197  C  "C1'"  . DG  A 1 7 ? -8.805  -4.130  -1.906  1.00 0.00 ? 7  DG  A "C1'"  1 
ATOM   198  N  N9     . DG  A 1 7 ? -7.555  -4.587  -1.322  1.00 0.00 ? 7  DG  A N9     1 
ATOM   199  C  C8     . DG  A 1 7 ? -7.194  -4.608  -0.046  1.00 0.00 ? 7  DG  A C8     1 
ATOM   200  N  N7     . DG  A 1 7 ? -6.031  -5.244  0.185   1.00 0.00 ? 7  DG  A N7     1 
ATOM   201  C  C5     . DG  A 1 7 ? -5.597  -5.645  -1.074  1.00 0.00 ? 7  DG  A C5     1 
ATOM   202  C  C6     . DG  A 1 7 ? -4.439  -6.336  -1.571  1.00 0.00 ? 7  DG  A C6     1 
ATOM   203  O  O6     . DG  A 1 7 ? -3.478  -6.812  -0.991  1.00 0.00 ? 7  DG  A O6     1 
ATOM   204  N  N1     . DG  A 1 7 ? -4.444  -6.466  -2.930  1.00 0.00 ? 7  DG  A N1     1 
ATOM   205  C  C2     . DG  A 1 7 ? -5.377  -6.043  -3.711  1.00 0.00 ? 7  DG  A C2     1 
ATOM   206  N  N2     . DG  A 1 7 ? -5.179  -6.265  -4.967  1.00 0.00 ? 7  DG  A N2     1 
ATOM   207  N  N3     . DG  A 1 7 ? -6.461  -5.422  -3.335  1.00 0.00 ? 7  DG  A N3     1 
ATOM   208  C  C4     . DG  A 1 7 ? -6.552  -5.225  -2.018  1.00 0.00 ? 7  DG  A C4     1 
ATOM   209  H  "H5'"  . DG  A 1 7 ? -10.899 -1.019  -0.085  1.00 0.00 ? 7  DG  A "H5'"  1 
ATOM   210  H  "H5''" . DG  A 1 7 ? -12.140 -2.217  0.200   1.00 0.00 ? 7  DG  A "H5''" 1 
ATOM   211  H  "H4'"  . DG  A 1 7 ? -11.075 -2.586  -2.053  1.00 0.00 ? 7  DG  A "H4'"  1 
ATOM   212  H  "H3'"  . DG  A 1 7 ? -10.839 -4.798  0.040   1.00 0.00 ? 7  DG  A "H3'"  1 
ATOM   213  H  "H2'"  . DG  A 1 7 ? -9.667  -6.002  -1.237  1.00 0.00 ? 7  DG  A "H2'"  1 
ATOM   214  H  "H2''" . DG  A 1 7 ? -10.286 -5.270  -2.704  1.00 0.00 ? 7  DG  A "H2''" 1 
ATOM   215  H  "H1'"  . DG  A 1 7 ? -8.651  -4.129  -2.963  1.00 0.00 ? 7  DG  A "H1'"  1 
ATOM   216  H  H8     . DG  A 1 7 ? -7.815  -4.109  0.663   1.00 0.00 ? 7  DG  A H8     1 
ATOM   217  H  H1     . DG  A 1 7 ? -3.669  -6.834  -3.386  1.00 0.00 ? 7  DG  A H1     1 
ATOM   218  H  H21    . DG  A 1 7 ? -4.276  -6.330  -5.367  1.00 0.00 ? 7  DG  A H21    1 
ATOM   219  H  H22    . DG  A 1 7 ? -5.956  -6.343  -5.574  1.00 0.00 ? 7  DG  A H22    1 
ATOM   220  P  P      . DT  A 1 8 ? -12.919 -6.037  -1.510  1.00 0.00 ? 8  DT  A P      1 
ATOM   221  O  OP1    . DT  A 1 8 ? -14.457 -5.927  -1.615  1.00 0.00 ? 8  DT  A OP1    1 
ATOM   222  O  OP2    . DT  A 1 8 ? -12.482 -6.862  -0.277  1.00 0.00 ? 8  DT  A OP2    1 
ATOM   223  O  "O5'"  . DT  A 1 8 ? -12.355 -6.715  -2.794  1.00 0.00 ? 8  DT  A "O5'"  1 
ATOM   224  C  "C5'"  . DT  A 1 8 ? -12.914 -6.434  -4.076  1.00 0.00 ? 8  DT  A "C5'"  1 
ATOM   225  C  "C4'"  . DT  A 1 8 ? -12.000 -7.016  -5.148  1.00 0.00 ? 8  DT  A "C4'"  1 
ATOM   226  O  "O4'"  . DT  A 1 8 ? -10.661 -6.795  -4.832  1.00 0.00 ? 8  DT  A "O4'"  1 
ATOM   227  C  "C3'"  . DT  A 1 8 ? -12.091 -8.487  -5.297  1.00 0.00 ? 8  DT  A "C3'"  1 
ATOM   228  O  "O3'"  . DT  A 1 8 ? -12.597 -8.887  -6.307  1.00 0.00 ? 8  DT  A "O3'"  1 
ATOM   229  C  "C2'"  . DT  A 1 8 ? -10.882 -9.056  -5.262  1.00 0.00 ? 8  DT  A "C2'"  1 
ATOM   230  C  "C1'"  . DT  A 1 8 ? -9.924  -7.924  -5.215  1.00 0.00 ? 8  DT  A "C1'"  1 
ATOM   231  N  N1     . DT  A 1 8 ? -8.836  -8.218  -4.283  1.00 0.00 ? 8  DT  A N1     1 
ATOM   232  C  C2     . DT  A 1 8 ? -7.739  -8.954  -4.703  1.00 0.00 ? 8  DT  A C2     1 
ATOM   233  O  O2     . DT  A 1 8 ? -7.628  -9.330  -5.853  1.00 0.00 ? 8  DT  A O2     1 
ATOM   234  N  N3     . DT  A 1 8 ? -6.839  -9.287  -3.794  1.00 0.00 ? 8  DT  A N3     1 
ATOM   235  C  C4     . DT  A 1 8 ? -6.929  -8.986  -2.499  1.00 0.00 ? 8  DT  A C4     1 
ATOM   236  O  O4     . DT  A 1 8 ? -6.061  -9.362  -1.741  1.00 0.00 ? 8  DT  A O4     1 
ATOM   237  C  C5     . DT  A 1 8 ? -8.102  -8.209  -2.068  1.00 0.00 ? 8  DT  A C5     1 
ATOM   238  C  C7     . DT  A 1 8 ? -8.318  -7.856  -0.617  1.00 0.00 ? 8  DT  A C7     1 
ATOM   239  C  C6     . DT  A 1 8 ? -9.012  -7.844  -3.036  1.00 0.00 ? 8  DT  A C6     1 
ATOM   240  H  "H5'"  . DT  A 1 8 ? -13.076 -5.367  -4.210  1.00 0.00 ? 8  DT  A "H5'"  1 
ATOM   241  H  "H5''" . DT  A 1 8 ? -13.903 -6.886  -4.137  1.00 0.00 ? 8  DT  A "H5''" 1 
ATOM   242  H  "H4'"  . DT  A 1 8 ? -12.148 -6.582  -6.071  1.00 0.00 ? 8  DT  A "H4'"  1 
ATOM   243  H  "H3'"  . DT  A 1 8 ? -12.515 -8.799  -4.608  1.00 0.00 ? 8  DT  A "H3'"  1 
ATOM   244  H  "HO3'" . DT  A 1 8 ? -12.808 -8.731  -6.437  1.00 0.00 ? 8  DT  A "HO3'" 1 
ATOM   245  H  "H2'"  . DT  A 1 8 ? -10.783 -9.540  -4.456  1.00 0.00 ? 8  DT  A "H2'"  1 
ATOM   246  H  "H2''" . DT  A 1 8 ? -10.768 -9.644  -6.035  1.00 0.00 ? 8  DT  A "H2''" 1 
ATOM   247  H  "H1'"  . DT  A 1 8 ? -9.601  -7.771  -6.189  1.00 0.00 ? 8  DT  A "H1'"  1 
ATOM   248  H  H3     . DT  A 1 8 ? -6.011  -9.704  -4.148  1.00 0.00 ? 8  DT  A H3     1 
ATOM   249  H  H71    . DT  A 1 8 ? -8.744  -7.674  -0.298  1.00 0.00 ? 8  DT  A H71    1 
ATOM   250  H  H72    . DT  A 1 8 ? -8.114  -7.475  -0.279  1.00 0.00 ? 8  DT  A H72    1 
ATOM   251  H  H73    . DT  A 1 8 ? -8.245  -8.089  -0.150  1.00 0.00 ? 8  DT  A H73    1 
ATOM   252  H  H6     . DT  A 1 8 ? -9.854  -7.194  -2.816  1.00 0.00 ? 8  DT  A H6     1 
ATOM   253  O  "O5'"  . DA  B 1 1 ? 2.686   -13.775 -3.431  1.00 0.00 ? 1  DA  B "O5'"  1 
ATOM   254  C  "C5'"  . DA  B 1 1 ? 3.187   -13.940 -4.589  1.00 0.00 ? 1  DA  B "C5'"  1 
ATOM   255  C  "C4'"  . DA  B 1 1 ? 2.217   -13.599 -5.732  1.00 0.00 ? 1  DA  B "C4'"  1 
ATOM   256  O  "O4'"  . DA  B 1 1 ? 0.873   -13.904 -5.401  1.00 0.00 ? 1  DA  B "O4'"  1 
ATOM   257  C  "C3'"  . DA  B 1 1 ? 2.222   -12.130 -6.145  1.00 0.00 ? 1  DA  B "C3'"  1 
ATOM   258  O  "O3'"  . DA  B 1 1 ? 3.224   -11.917 -7.140  1.00 0.00 ? 1  DA  B "O3'"  1 
ATOM   259  C  "C2'"  . DA  B 1 1 ? 0.844   -11.973 -6.724  1.00 0.00 ? 1  DA  B "C2'"  1 
ATOM   260  C  "C1'"  . DA  B 1 1 ? -0.007  -12.953 -5.963  1.00 0.00 ? 1  DA  B "C1'"  1 
ATOM   261  N  N9     . DA  B 1 1 ? -0.632  -12.207 -4.877  1.00 0.00 ? 1  DA  B N9     1 
ATOM   262  C  C8     . DA  B 1 1 ? -0.259  -12.011 -3.604  1.00 0.00 ? 1  DA  B C8     1 
ATOM   263  N  N7     . DA  B 1 1 ? -1.095  -11.211 -2.919  1.00 0.00 ? 1  DA  B N7     1 
ATOM   264  C  C5     . DA  B 1 1 ? -2.065  -10.849 -3.851  1.00 0.00 ? 1  DA  B C5     1 
ATOM   265  C  C6     . DA  B 1 1 ? -3.152  -10.039 -3.894  1.00 0.00 ? 1  DA  B C6     1 
ATOM   266  N  N6     . DA  B 1 1 ? -3.519  -9.367  -2.814  1.00 0.00 ? 1  DA  B N6     1 
ATOM   267  N  N1     . DA  B 1 1 ? -3.858  -9.838  -5.017  1.00 0.00 ? 1  DA  B N1     1 
ATOM   268  C  C2     . DA  B 1 1 ? -3.430  -10.476 -6.123  1.00 0.00 ? 1  DA  B C2     1 
ATOM   269  N  N3     . DA  B 1 1 ? -2.415  -11.301 -6.187  1.00 0.00 ? 1  DA  B N3     1 
ATOM   270  C  C4     . DA  B 1 1 ? -1.758  -11.468 -5.054  1.00 0.00 ? 1  DA  B C4     1 
ATOM   271  H  "H5'"  . DA  B 1 1 ? 3.496   -14.869 -4.634  1.00 0.00 ? 1  DA  B "H5'"  1 
ATOM   272  H  "H5''" . DA  B 1 1 ? 4.017   -13.405 -4.609  1.00 0.00 ? 1  DA  B "H5''" 1 
ATOM   273  H  "H4'"  . DA  B 1 1 ? 2.481   -14.187 -6.609  1.00 0.00 ? 1  DA  B "H4'"  1 
ATOM   274  H  "H3'"  . DA  B 1 1 ? 2.273   -11.389 -5.336  1.00 0.00 ? 1  DA  B "H3'"  1 
ATOM   275  H  "H2'"  . DA  B 1 1 ? 0.455   -10.994 -6.528  1.00 0.00 ? 1  DA  B "H2'"  1 
ATOM   276  H  "H2''" . DA  B 1 1 ? 0.772   -12.197 -7.771  1.00 0.00 ? 1  DA  B "H2''" 1 
ATOM   277  H  "H1'"  . DA  B 1 1 ? -0.760  -13.384 -6.643  1.00 0.00 ? 1  DA  B "H1'"  1 
ATOM   278  H  H8     . DA  B 1 1 ? 0.690   -12.335 -3.222  1.00 0.00 ? 1  DA  B H8     1 
ATOM   279  H  H61    . DA  B 1 1 ? -4.470  -9.303  -2.544  1.00 0.00 ? 1  DA  B H61    1 
ATOM   280  H  H62    . DA  B 1 1 ? -2.834  -8.933  -2.236  1.00 0.00 ? 1  DA  B H62    1 
ATOM   281  H  H2     . DA  B 1 1 ? -3.807  -10.275 -7.118  1.00 0.00 ? 1  DA  B H2     1 
ATOM   282  H  "HO5'" . DA  B 1 1 ? 2.455   -14.056 -3.228  1.00 0.00 ? 1  DA  B "HO5'" 1 
ATOM   283  P  P      . DC  B 1 2 ? 3.793   -10.481 -7.393  1.00 0.00 ? 2  DC  B P      1 
ATOM   284  O  OP1    . DC  B 1 2 ? 4.794   -10.529 -8.576  1.00 0.00 ? 2  DC  B OP1    1 
ATOM   285  O  OP2    . DC  B 1 2 ? 4.458   -9.955  -6.096  1.00 0.00 ? 2  DC  B OP2    1 
ATOM   286  O  "O5'"  . DC  B 1 2 ? 2.581   -9.568  -7.754  1.00 0.00 ? 2  DC  B "O5'"  1 
ATOM   287  C  "C5'"  . DC  B 1 2 ? 2.192   -9.401  -9.111  1.00 0.00 ? 2  DC  B "C5'"  1 
ATOM   288  C  "C4'"  . DC  B 1 2 ? 0.881   -8.626  -9.193  1.00 0.00 ? 2  DC  B "C4'"  1 
ATOM   289  O  "O4'"  . DC  B 1 2 ? -0.174  -8.986  -8.303  1.00 0.00 ? 2  DC  B "O4'"  1 
ATOM   290  C  "C3'"  . DC  B 1 2 ? 1.075   -7.169  -8.927  1.00 0.00 ? 2  DC  B "C3'"  1 
ATOM   291  O  "O3'"  . DC  B 1 2 ? 1.717   -6.562  -10.049 1.00 0.00 ? 2  DC  B "O3'"  1 
ATOM   292  C  "C2'"  . DC  B 1 2 ? -0.330  -6.733  -8.776  1.00 0.00 ? 2  DC  B "C2'"  1 
ATOM   293  C  "C1'"  . DC  B 1 2 ? -0.946  -7.824  -7.983  1.00 0.00 ? 2  DC  B "C1'"  1 
ATOM   294  N  N1     . DC  B 1 2 ? -0.984  -7.616  -6.524  1.00 0.00 ? 2  DC  B N1     1 
ATOM   295  C  C2     . DC  B 1 2 ? -2.022  -6.887  -5.912  1.00 0.00 ? 2  DC  B C2     1 
ATOM   296  O  O2     . DC  B 1 2 ? -2.895  -6.199  -6.478  1.00 0.00 ? 2  DC  B O2     1 
ATOM   297  N  N3     . DC  B 1 2 ? -2.000  -6.902  -4.539  1.00 0.00 ? 2  DC  B N3     1 
ATOM   298  C  C4     . DC  B 1 2 ? -1.074  -7.524  -3.859  1.00 0.00 ? 2  DC  B C4     1 
ATOM   299  N  N4     . DC  B 1 2 ? -1.141  -7.500  -2.544  1.00 0.00 ? 2  DC  B N4     1 
ATOM   300  C  C5     . DC  B 1 2 ? -0.055  -8.209  -4.452  1.00 0.00 ? 2  DC  B C5     1 
ATOM   301  C  C6     . DC  B 1 2 ? -0.037  -8.238  -5.818  1.00 0.00 ? 2  DC  B C6     1 
ATOM   302  H  "H5'"  . DC  B 1 2 ? 2.188   -10.340 -9.657  1.00 0.00 ? 2  DC  B "H5'"  1 
ATOM   303  H  "H5''" . DC  B 1 2 ? 2.965   -8.811  -9.609  1.00 0.00 ? 2  DC  B "H5''" 1 
ATOM   304  H  "H4'"  . DC  B 1 2 ? 0.510   -8.699  -10.204 1.00 0.00 ? 2  DC  B "H4'"  1 
ATOM   305  H  "H3'"  . DC  B 1 2 ? 1.550   -6.966  -7.970  1.00 0.00 ? 2  DC  B "H3'"  1 
ATOM   306  H  "H2'"  . DC  B 1 2 ? -0.387  -5.836  -8.235  1.00 0.00 ? 2  DC  B "H2'"  1 
ATOM   307  H  "H2''" . DC  B 1 2 ? -0.867  -6.689  -9.715  1.00 0.00 ? 2  DC  B "H2''" 1 
ATOM   308  H  "H1'"  . DC  B 1 2 ? -1.937  -7.875  -8.355  1.00 0.00 ? 2  DC  B "H1'"  1 
ATOM   309  H  H41    . DC  B 1 2 ? -1.870  -6.988  -2.091  1.00 0.00 ? 2  DC  B H41    1 
ATOM   310  H  H42    . DC  B 1 2 ? -0.450  -7.993  -2.032  1.00 0.00 ? 2  DC  B H42    1 
ATOM   311  H  H5     . DC  B 1 2 ? 0.705   -8.738  -3.904  1.00 0.00 ? 2  DC  B H5     1 
ATOM   312  H  H6     . DC  B 1 2 ? 0.796   -8.774  -6.265  1.00 0.00 ? 2  DC  B H6     1 
ATOM   313  P  P      . DC  B 1 3 ? 2.251   -5.098  -9.977  1.00 0.00 ? 3  DC  B P      1 
ATOM   314  O  OP1    . DC  B 1 3 ? 2.903   -4.735  -11.335 1.00 0.00 ? 3  DC  B OP1    1 
ATOM   315  O  OP2    . DC  B 1 3 ? 3.251   -4.974  -8.802  1.00 0.00 ? 3  DC  B OP2    1 
ATOM   316  O  "O5'"  . DC  B 1 3 ? 1.028   -4.174  -9.709  1.00 0.00 ? 3  DC  B "O5'"  1 
ATOM   317  C  "C5'"  . DC  B 1 3 ? 0.102   -3.855  -10.740 1.00 0.00 ? 3  DC  B "C5'"  1 
ATOM   318  C  "C4'"  . DC  B 1 3 ? -1.265  -3.486  -10.127 1.00 0.00 ? 3  DC  B "C4'"  1 
ATOM   319  O  "O4'"  . DC  B 1 3 ? -1.710  -4.231  -8.991  1.00 0.00 ? 3  DC  B "O4'"  1 
ATOM   320  C  "C3'"  . DC  B 1 3 ? -1.247  -2.065  -9.596  1.00 0.00 ? 3  DC  B "C3'"  1 
ATOM   321  O  "O3'"  . DC  B 1 3 ? -1.555  -1.116  -10.620 1.00 0.00 ? 3  DC  B "O3'"  1 
ATOM   322  C  "C2'"  . DC  B 1 3 ? -2.276  -2.066  -8.535  1.00 0.00 ? 3  DC  B "C2'"  1 
ATOM   323  C  "C1'"  . DC  B 1 3 ? -2.217  -3.396  -7.943  1.00 0.00 ? 3  DC  B "C1'"  1 
ATOM   324  N  N1     . DC  B 1 3 ? -1.494  -3.567  -6.663  1.00 0.00 ? 3  DC  B N1     1 
ATOM   325  C  C2     . DC  B 1 3 ? -2.139  -3.402  -5.468  1.00 0.00 ? 3  DC  B C2     1 
ATOM   326  O  O2     . DC  B 1 3 ? -3.229  -2.880  -5.384  1.00 0.00 ? 3  DC  B O2     1 
ATOM   327  N  N3     . DC  B 1 3 ? -1.482  -3.813  -4.345  1.00 0.00 ? 3  DC  B N3     1 
ATOM   328  C  C4     . DC  B 1 3 ? -0.299  -4.346  -4.405  1.00 0.00 ? 3  DC  B C4     1 
ATOM   329  N  N4     . DC  B 1 3 ? 0.220   -4.743  -3.268  1.00 0.00 ? 3  DC  B N4     1 
ATOM   330  C  C5     . DC  B 1 3 ? 0.366   -4.510  -5.594  1.00 0.00 ? 3  DC  B C5     1 
ATOM   331  C  C6     . DC  B 1 3 ? -0.301  -4.063  -6.713  1.00 0.00 ? 3  DC  B C6     1 
ATOM   332  H  "H5'"  . DC  B 1 3 ? 0.101   -4.589  -11.546 1.00 0.00 ? 3  DC  B "H5'"  1 
ATOM   333  H  "H5''" . DC  B 1 3 ? 0.474   -2.960  -11.242 1.00 0.00 ? 3  DC  B "H5''" 1 
ATOM   334  H  "H4'"  . DC  B 1 3 ? -2.022  -3.635  -10.895 1.00 0.00 ? 3  DC  B "H4'"  1 
ATOM   335  H  "H3'"  . DC  B 1 3 ? -0.336  -1.838  -9.067  1.00 0.00 ? 3  DC  B "H3'"  1 
ATOM   336  H  "H2'"  . DC  B 1 3 ? -2.182  -1.365  -7.765  1.00 0.00 ? 3  DC  B "H2'"  1 
ATOM   337  H  "H2''" . DC  B 1 3 ? -3.228  -1.973  -8.968  1.00 0.00 ? 3  DC  B "H2''" 1 
ATOM   338  H  "H1'"  . DC  B 1 3 ? -3.237  -3.549  -7.725  1.00 0.00 ? 3  DC  B "H1'"  1 
ATOM   339  H  H41    . DC  B 1 3 ? -0.389  -4.693  -2.474  1.00 0.00 ? 3  DC  B H41    1 
ATOM   340  H  H42    . DC  B 1 3 ? 1.157   -5.063  -3.245  1.00 0.00 ? 3  DC  B H42    1 
ATOM   341  H  H5     . DC  B 1 3 ? 1.287   -5.070  -5.679  1.00 0.00 ? 3  DC  B H5     1 
ATOM   342  H  H6     . DC  B 1 3 ? 0.091   -4.036  -7.697  1.00 0.00 ? 3  DC  B H6     1 
ATOM   343  P  P      . DC  B 1 4 ? -1.361  0.404   -10.317 1.00 0.00 ? 4  DC  B P      1 
ATOM   344  O  OP1    . DC  B 1 4 ? -1.900  1.273   -11.484 1.00 0.00 ? 4  DC  B OP1    1 
ATOM   345  O  OP2    . DC  B 1 4 ? 0.144   0.665   -10.069 1.00 0.00 ? 4  DC  B OP2    1 
ATOM   346  O  "O5'"  . DC  B 1 4 ? -2.133  0.694   -8.991  1.00 0.00 ? 4  DC  B "O5'"  1 
ATOM   347  C  "C5'"  . DC  B 1 4 ? -3.268  1.549   -8.911  1.00 0.00 ? 4  DC  B "C5'"  1 
ATOM   348  C  "C4'"  . DC  B 1 4 ? -3.389  2.027   -7.473  1.00 0.00 ? 4  DC  B "C4'"  1 
ATOM   349  O  "O4'"  . DC  B 1 4 ? -3.513  1.003   -6.499  1.00 0.00 ? 4  DC  B "O4'"  1 
ATOM   350  C  "C3'"  . DC  B 1 4 ? -2.162  2.790   -7.039  1.00 0.00 ? 4  DC  B "C3'"  1 
ATOM   351  O  "O3'"  . DC  B 1 4 ? -2.239  4.118   -7.583  1.00 0.00 ? 4  DC  B "O3'"  1 
ATOM   352  C  "C2'"  . DC  B 1 4 ? -2.220  2.711   -5.569  1.00 0.00 ? 4  DC  B "C2'"  1 
ATOM   353  C  "C1'"  . DC  B 1 4 ? -2.965  1.461   -5.270  1.00 0.00 ? 4  DC  B "C1'"  1 
ATOM   354  N  N1     . DC  B 1 4 ? -2.007  0.518   -4.716  1.00 0.00 ? 4  DC  B N1     1 
ATOM   355  C  C2     . DC  B 1 4 ? -1.845  0.425   -3.352  1.00 0.00 ? 4  DC  B C2     1 
ATOM   356  O  O2     . DC  B 1 4 ? -2.544  1.025   -2.554  1.00 0.00 ? 4  DC  B O2     1 
ATOM   357  N  N3     . DC  B 1 4 ? -0.836  -0.373  -2.909  1.00 0.00 ? 4  DC  B N3     1 
ATOM   358  C  C4     . DC  B 1 4 ? -0.064  -0.999  -3.745  1.00 0.00 ? 4  DC  B C4     1 
ATOM   359  N  N4     . DC  B 1 4 ? 0.880   -1.725  -3.200  1.00 0.00 ? 4  DC  B N4     1 
ATOM   360  C  C5     . DC  B 1 4 ? -0.228  -0.911  -5.113  1.00 0.00 ? 4  DC  B C5     1 
ATOM   361  C  C6     . DC  B 1 4 ? -1.246  -0.123  -5.564  1.00 0.00 ? 4  DC  B C6     1 
ATOM   362  H  "H5'"  . DC  B 1 4 ? -4.174  1.044   -9.232  1.00 0.00 ? 4  DC  B "H5'"  1 
ATOM   363  H  "H5''" . DC  B 1 4 ? -3.130  2.402   -9.576  1.00 0.00 ? 4  DC  B "H5''" 1 
ATOM   364  H  "H4'"  . DC  B 1 4 ? -4.240  2.702   -7.378  1.00 0.00 ? 4  DC  B "H4'"  1 
ATOM   365  H  "H3'"  . DC  B 1 4 ? -1.212  2.284   -7.222  1.00 0.00 ? 4  DC  B "H3'"  1 
ATOM   366  H  "H2'"  . DC  B 1 4 ? -1.241  2.715   -5.111  1.00 0.00 ? 4  DC  B "H2'"  1 
ATOM   367  H  "H2''" . DC  B 1 4 ? -2.885  3.432   -5.205  1.00 0.00 ? 4  DC  B "H2''" 1 
ATOM   368  H  "H1'"  . DC  B 1 4 ? -3.687  1.764   -4.547  1.00 0.00 ? 4  DC  B "H1'"  1 
ATOM   369  H  H41    . DC  B 1 4 ? 0.784   -1.851  -2.212  1.00 0.00 ? 4  DC  B H41    1 
ATOM   370  H  H42    . DC  B 1 4 ? 1.601   -2.089  -3.772  1.00 0.00 ? 4  DC  B H42    1 
ATOM   371  H  H5     . DC  B 1 4 ? 0.352   -1.401  -5.869  1.00 0.00 ? 4  DC  B H5     1 
ATOM   372  H  H6     . DC  B 1 4 ? -1.441  -0.034  -6.624  1.00 0.00 ? 4  DC  B H6     1 
ATOM   373  P  P      . DG  B 1 5 ? -1.617  5.374   -6.882  1.00 0.00 ? 5  DG  B P      1 
ATOM   374  O  OP1    . DG  B 1 5 ? -1.936  6.630   -7.733  1.00 0.00 ? 5  DG  B OP1    1 
ATOM   375  O  OP2    . DG  B 1 5 ? -0.091  5.159   -6.729  1.00 0.00 ? 5  DG  B OP2    1 
ATOM   376  O  "O5'"  . DG  B 1 5 ? -2.254  5.520   -5.457  1.00 0.00 ? 5  DG  B "O5'"  1 
ATOM   377  C  "C5'"  . DG  B 1 5 ? -3.290  6.429   -5.080  1.00 0.00 ? 5  DG  B "C5'"  1 
ATOM   378  C  "C4'"  . DG  B 1 5 ? -3.190  6.605   -3.551  1.00 0.00 ? 5  DG  B "C4'"  1 
ATOM   379  O  "O4'"  . DG  B 1 5 ? -2.932  5.378   -2.889  1.00 0.00 ? 5  DG  B "O4'"  1 
ATOM   380  C  "C3'"  . DG  B 1 5 ? -2.053  7.528   -3.189  1.00 0.00 ? 5  DG  B "C3'"  1 
ATOM   381  O  "O3'"  . DG  B 1 5 ? -2.571  8.663   -2.486  1.00 0.00 ? 5  DG  B "O3'"  1 
ATOM   382  C  "C2'"  . DG  B 1 5 ? -1.094  6.706   -2.402  1.00 0.00 ? 5  DG  B "C2'"  1 
ATOM   383  C  "C1'"  . DG  B 1 5 ? -1.886  5.510   -1.943  1.00 0.00 ? 5  DG  B "C1'"  1 
ATOM   384  N  N9     . DG  B 1 5 ? -1.031  4.336   -2.047  1.00 0.00 ? 5  DG  B N9     1 
ATOM   385  C  C8     . DG  B 1 5 ? -0.460  3.983   -3.171  1.00 0.00 ? 5  DG  B C8     1 
ATOM   386  N  N7     . DG  B 1 5 ? 0.365   2.922   -3.089  1.00 0.00 ? 5  DG  B N7     1 
ATOM   387  C  C5     . DG  B 1 5 ? 0.299   2.564   -1.741  1.00 0.00 ? 5  DG  B C5     1 
ATOM   388  C  C6     . DG  B 1 5 ? 0.927   1.539   -0.949  1.00 0.00 ? 5  DG  B C6     1 
ATOM   389  O  O6     . DG  B 1 5 ? 1.733   0.674   -1.255  1.00 0.00 ? 5  DG  B O6     1 
ATOM   390  N  N1     . DG  B 1 5 ? 0.547   1.568   0.368   1.00 0.00 ? 5  DG  B N1     1 
ATOM   391  C  C2     . DG  B 1 5 ? -0.297  2.418   0.881   1.00 0.00 ? 5  DG  B C2     1 
ATOM   392  N  N2     . DG  B 1 5 ? -0.606  2.237   2.137   1.00 0.00 ? 5  DG  B N2     1 
ATOM   393  N  N3     . DG  B 1 5 ? -0.899  3.383   0.224   1.00 0.00 ? 5  DG  B N3     1 
ATOM   394  C  C4     . DG  B 1 5 ? -0.593  3.449   -1.081  1.00 0.00 ? 5  DG  B C4     1 
ATOM   395  H  "H5'"  . DG  B 1 5 ? -4.278  6.081   -5.392  1.00 0.00 ? 5  DG  B "H5'"  1 
ATOM   396  H  "H5''" . DG  B 1 5 ? -3.142  7.380   -5.594  1.00 0.00 ? 5  DG  B "H5''" 1 
ATOM   397  H  "H4'"  . DG  B 1 5 ? -4.081  6.990   -3.098  1.00 0.00 ? 5  DG  B "H4'"  1 
ATOM   398  H  "H3'"  . DG  B 1 5 ? -1.522  7.813   -4.073  1.00 0.00 ? 5  DG  B "H3'"  1 
ATOM   399  H  "H2'"  . DG  B 1 5 ? -0.186  6.515   -2.963  1.00 0.00 ? 5  DG  B "H2'"  1 
ATOM   400  H  "H2''" . DG  B 1 5 ? -0.761  7.215   -1.562  1.00 0.00 ? 5  DG  B "H2''" 1 
ATOM   401  H  "H1'"  . DG  B 1 5 ? -2.229  5.749   -0.958  1.00 0.00 ? 5  DG  B "H1'"  1 
ATOM   402  H  H8     . DG  B 1 5 ? -0.785  4.609   -3.992  1.00 0.00 ? 5  DG  B H8     1 
ATOM   403  H  H1     . DG  B 1 5 ? 0.958   0.909   0.957   1.00 0.00 ? 5  DG  B H1     1 
ATOM   404  H  H21    . DG  B 1 5 ? -0.124  1.581   2.717   1.00 0.00 ? 5  DG  B H21    1 
ATOM   405  H  H22    . DG  B 1 5 ? -1.364  2.782   2.464   1.00 0.00 ? 5  DG  B H22    1 
ATOM   406  P  P      . DG  B 1 6 ? -1.652  9.722   -1.774  1.00 0.00 ? 6  DG  B P      1 
ATOM   407  O  OP1    . DG  B 1 6 ? -2.488  10.992  -1.489  1.00 0.00 ? 6  DG  B OP1    1 
ATOM   408  O  OP2    . DG  B 1 6 ? -0.425  10.030  -2.658  1.00 0.00 ? 6  DG  B OP2    1 
ATOM   409  O  "O5'"  . DG  B 1 6 ? -1.178  9.125   -0.413  1.00 0.00 ? 6  DG  B "O5'"  1 
ATOM   410  C  "C5'"  . DG  B 1 6 ? -2.096  9.023   0.670   1.00 0.00 ? 6  DG  B "C5'"  1 
ATOM   411  C  "C4'"  . DG  B 1 6 ? -1.556  8.065   1.732   1.00 0.00 ? 6  DG  B "C4'"  1 
ATOM   412  O  "O4'"  . DG  B 1 6 ? -1.014  6.899   1.153   1.00 0.00 ? 6  DG  B "O4'"  1 
ATOM   413  C  "C3'"  . DG  B 1 6 ? -0.403  8.626   2.521   1.00 0.00 ? 6  DG  B "C3'"  1 
ATOM   414  O  "O3'"  . DG  B 1 6 ? -0.900  9.486   3.546   1.00 0.00 ? 6  DG  B "O3'"  1 
ATOM   415  C  "C2'"  . DG  B 1 6 ? 0.221   7.387   3.090   1.00 0.00 ? 6  DG  B "C2'"  1 
ATOM   416  C  "C1'"  . DG  B 1 6 ? 0.052   6.407   1.949   1.00 0.00 ? 6  DG  B "C1'"  1 
ATOM   417  N  N9     . DG  B 1 6 ? 1.115   5.908   1.063   1.00 0.00 ? 6  DG  B N9     1 
ATOM   418  C  C8     . DG  B 1 6 ? 1.326   6.235   -0.206  1.00 0.00 ? 6  DG  B C8     1 
ATOM   419  N  N7     . DG  B 1 6 ? 2.191   5.444   -0.871  1.00 0.00 ? 6  DG  B N7     1 
ATOM   420  C  C5     . DG  B 1 6 ? 2.595   4.519   0.083   1.00 0.00 ? 6  DG  B C5     1 
ATOM   421  C  C6     . DG  B 1 6 ? 3.513   3.412   0.080   1.00 0.00 ? 6  DG  B C6     1 
ATOM   422  O  O6     . DG  B 1 6 ? 4.195   2.929   -0.811  1.00 0.00 ? 6  DG  B O6     1 
ATOM   423  N  N1     . DG  B 1 6 ? 3.618   2.808   1.303   1.00 0.00 ? 6  DG  B N1     1 
ATOM   424  C  C2     . DG  B 1 6 ? 2.965   3.159   2.366   1.00 0.00 ? 6  DG  B C2     1 
ATOM   425  N  N2     . DG  B 1 6 ? 3.236   2.499   3.453   1.00 0.00 ? 6  DG  B N2     1 
ATOM   426  N  N3     . DG  B 1 6 ? 2.103   4.139   2.437   1.00 0.00 ? 6  DG  B N3     1 
ATOM   427  C  C4     . DG  B 1 6 ? 1.930   4.815   1.297   1.00 0.00 ? 6  DG  B C4     1 
ATOM   428  H  "H5'"  . DG  B 1 6 ? -3.076  8.719   0.299   1.00 0.00 ? 6  DG  B "H5'"  1 
ATOM   429  H  "H5''" . DG  B 1 6 ? -2.211  10.009  1.108   1.00 0.00 ? 6  DG  B "H5''" 1 
ATOM   430  H  "H4'"  . DG  B 1 6 ? -2.342  7.792   2.430   1.00 0.00 ? 6  DG  B "H4'"  1 
ATOM   431  H  "H3'"  . DG  B 1 6 ? 0.335   9.062   1.869   1.00 0.00 ? 6  DG  B "H3'"  1 
ATOM   432  H  "H2'"  . DG  B 1 6 ? 1.191   7.485   3.542   1.00 0.00 ? 6  DG  B "H2'"  1 
ATOM   433  H  "H2''" . DG  B 1 6 ? -0.376  7.044   3.916   1.00 0.00 ? 6  DG  B "H2''" 1 
ATOM   434  H  "H1'"  . DG  B 1 6 ? -0.272  5.552   2.433   1.00 0.00 ? 6  DG  B "H1'"  1 
ATOM   435  H  H8     . DG  B 1 6 ? 0.830   7.097   -0.580  1.00 0.00 ? 6  DG  B H8     1 
ATOM   436  H  H1     . DG  B 1 6 ? 4.274   2.099   1.390   1.00 0.00 ? 6  DG  B H1     1 
ATOM   437  H  H21    . DG  B 1 6 ? 4.048   1.932   3.532   1.00 0.00 ? 6  DG  B H21    1 
ATOM   438  H  H22    . DG  B 1 6 ? 2.579   2.653   4.185   1.00 0.00 ? 6  DG  B H22    1 
ATOM   439  P  P      . DG  B 1 7 ? 0.048   10.507  4.224   1.00 0.00 ? 7  DG  B P      1 
ATOM   440  O  OP1    . DG  B 1 7 ? -0.675  11.102  5.457   1.00 0.00 ? 7  DG  B OP1    1 
ATOM   441  O  OP2    . DG  B 1 7 ? 0.442   11.598  3.201   1.00 0.00 ? 7  DG  B OP2    1 
ATOM   442  O  "O5'"  . DG  B 1 7 ? 1.308   9.721   4.666   1.00 0.00 ? 7  DG  B "O5'"  1 
ATOM   443  C  "C5'"  . DG  B 1 7 ? 1.598   9.412   6.024   1.00 0.00 ? 7  DG  B "C5'"  1 
ATOM   444  C  "C4'"  . DG  B 1 7 ? 2.973   8.773   6.045   1.00 0.00 ? 7  DG  B "C4'"  1 
ATOM   445  O  "O4'"  . DG  B 1 7 ? 3.092   7.655   5.190   1.00 0.00 ? 7  DG  B "O4'"  1 
ATOM   446  C  "C3'"  . DG  B 1 7 ? 4.018   9.749   5.594   1.00 0.00 ? 7  DG  B "C3'"  1 
ATOM   447  O  "O3'"  . DG  B 1 7 ? 4.401   10.532  6.726   1.00 0.00 ? 7  DG  B "O3'"  1 
ATOM   448  C  "C2'"  . DG  B 1 7 ? 5.090   8.875   5.072   1.00 0.00 ? 7  DG  B "C2'"  1 
ATOM   449  C  "C1'"  . DG  B 1 7 ? 4.417   7.577   4.707   1.00 0.00 ? 7  DG  B "C1'"  1 
ATOM   450  N  N9     . DG  B 1 7 ? 4.405   7.189   3.300   1.00 0.00 ? 7  DG  B N9     1 
ATOM   451  C  C8     . DG  B 1 7 ? 3.590   7.562   2.313   1.00 0.00 ? 7  DG  B C8     1 
ATOM   452  N  N7     . DG  B 1 7 ? 3.928   7.056   1.111   1.00 0.00 ? 7  DG  B N7     1 
ATOM   453  C  C5     . DG  B 1 7 ? 5.043   6.266   1.358   1.00 0.00 ? 7  DG  B C5     1 
ATOM   454  C  C6     . DG  B 1 7 ? 5.883   5.416   0.556   1.00 0.00 ? 7  DG  B C6     1 
ATOM   455  O  O6     . DG  B 1 7 ? 5.869   5.162   -0.635  1.00 0.00 ? 7  DG  B O6     1 
ATOM   456  N  N1     . DG  B 1 7 ? 6.861   4.798   1.281   1.00 0.00 ? 7  DG  B N1     1 
ATOM   457  C  C2     . DG  B 1 7 ? 7.051   4.954   2.541   1.00 0.00 ? 7  DG  B C2     1 
ATOM   458  N  N2     . DG  B 1 7 ? 8.079   4.342   3.022   1.00 0.00 ? 7  DG  B N2     1 
ATOM   459  N  N3     . DG  B 1 7 ? 6.340   5.707   3.331   1.00 0.00 ? 7  DG  B N3     1 
ATOM   460  C  C4     . DG  B 1 7 ? 5.337   6.350   2.728   1.00 0.00 ? 7  DG  B C4     1 
ATOM   461  H  "H5'"  . DG  B 1 7 ? 0.826   8.798   6.482   1.00 0.00 ? 7  DG  B "H5'"  1 
ATOM   462  H  "H5''" . DG  B 1 7 ? 1.625   10.340  6.598   1.00 0.00 ? 7  DG  B "H5''" 1 
ATOM   463  H  "H4'"  . DG  B 1 7 ? 3.256   8.451   7.028   1.00 0.00 ? 7  DG  B "H4'"  1 
ATOM   464  H  "H3'"  . DG  B 1 7 ? 3.756   10.351  4.733   1.00 0.00 ? 7  DG  B "H3'"  1 
ATOM   465  H  "H2'"  . DG  B 1 7 ? 5.528   9.339   4.214   1.00 0.00 ? 7  DG  B "H2'"  1 
ATOM   466  H  "H2''" . DG  B 1 7 ? 5.824   8.664   5.835   1.00 0.00 ? 7  DG  B "H2''" 1 
ATOM   467  H  "H1'"  . DG  B 1 7 ? 5.034   6.853   5.186   1.00 0.00 ? 7  DG  B "H1'"  1 
ATOM   468  H  H8     . DG  B 1 7 ? 2.719   8.155   2.509   1.00 0.00 ? 7  DG  B H8     1 
ATOM   469  H  H1     . DG  B 1 7 ? 7.434   4.134   0.862   1.00 0.00 ? 7  DG  B H1     1 
ATOM   470  H  H21    . DG  B 1 7 ? 8.350   3.433   2.751   1.00 0.00 ? 7  DG  B H21    1 
ATOM   471  H  H22    . DG  B 1 7 ? 8.606   4.819   3.689   1.00 0.00 ? 7  DG  B H22    1 
ATOM   472  P  P      . DT  B 1 8 ? 5.553   11.573  6.689   1.00 0.00 ? 8  DT  B P      1 
ATOM   473  O  OP1    . DT  B 1 8 ? 5.541   12.379  8.013   1.00 0.00 ? 8  DT  B OP1    1 
ATOM   474  O  OP2    . DT  B 1 8 ? 5.385   12.490  5.455   1.00 0.00 ? 8  DT  B OP2    1 
ATOM   475  O  "O5'"  . DT  B 1 8 ? 6.902   10.795  6.560   1.00 0.00 ? 8  DT  B "O5'"  1 
ATOM   476  C  "C5'"  . DT  B 1 8 ? 7.634   10.410  7.721   1.00 0.00 ? 8  DT  B "C5'"  1 
ATOM   477  C  "C4'"  . DT  B 1 8 ? 8.784   9.491   7.308   1.00 0.00 ? 8  DT  B "C4'"  1 
ATOM   478  O  "O4'"  . DT  B 1 8 ? 8.349   8.399   6.530   1.00 0.00 ? 8  DT  B "O4'"  1 
ATOM   479  C  "C3'"  . DT  B 1 8 ? 9.790   10.149  6.406   1.00 0.00 ? 8  DT  B "C3'"  1 
ATOM   480  O  "O3'"  . DT  B 1 8 ? 10.641  11.052  7.074   1.00 0.00 ? 8  DT  B "O3'"  1 
ATOM   481  C  "C2'"  . DT  B 1 8 ? 10.515  8.986   5.837   1.00 0.00 ? 8  DT  B "C2'"  1 
ATOM   482  C  "C1'"  . DT  B 1 8 ? 9.419   7.972   5.703   1.00 0.00 ? 8  DT  B "C1'"  1 
ATOM   483  N  N1     . DT  B 1 8 ? 9.048   7.885   4.292   1.00 0.00 ? 8  DT  B N1     1 
ATOM   484  C  C2     . DT  B 1 8 ? 9.843   7.149   3.432   1.00 0.00 ? 8  DT  B C2     1 
ATOM   485  O  O2     . DT  B 1 8 ? 10.794  6.515   3.839   1.00 0.00 ? 8  DT  B O2     1 
ATOM   486  N  N3     . DT  B 1 8 ? 9.552   7.182   2.150   1.00 0.00 ? 8  DT  B N3     1 
ATOM   487  C  C4     . DT  B 1 8 ? 8.551   7.891   1.622   1.00 0.00 ? 8  DT  B C4     1 
ATOM   488  O  O4     . DT  B 1 8 ? 8.385   7.878   0.423   1.00 0.00 ? 8  DT  B O4     1 
ATOM   489  C  C5     . DT  B 1 8 ? 7.708   8.664   2.550   1.00 0.00 ? 8  DT  B C5     1 
ATOM   490  C  C7     . DT  B 1 8 ? 6.535   9.483   2.061   1.00 0.00 ? 8  DT  B C7     1 
ATOM   491  C  C6     . DT  B 1 8 ? 8.025   8.597   3.886   1.00 0.00 ? 8  DT  B C6     1 
ATOM   492  H  "H5'"  . DT  B 1 8 ? 6.979   9.952   8.456   1.00 0.00 ? 8  DT  B "H5'"  1 
ATOM   493  H  "H5''" . DT  B 1 8 ? 8.021   11.305  8.205   1.00 0.00 ? 8  DT  B "H5''" 1 
ATOM   494  H  "H4'"  . DT  B 1 8 ? 9.319   9.085   8.143   1.00 0.00 ? 8  DT  B "H4'"  1 
ATOM   495  H  "H3'"  . DT  B 1 8 ? 9.269   10.585  5.570   1.00 0.00 ? 8  DT  B "H3'"  1 
ATOM   496  H  "HO3'" . DT  B 1 8 ? 10.647  11.648  7.001   1.00 0.00 ? 8  DT  B "HO3'" 1 
ATOM   497  H  "H2'"  . DT  B 1 8 ? 10.905  9.224   4.866   1.00 0.00 ? 8  DT  B "H2'"  1 
ATOM   498  H  "H2''" . DT  B 1 8 ? 11.291  8.607   6.492   1.00 0.00 ? 8  DT  B "H2''" 1 
ATOM   499  H  "H1'"  . DT  B 1 8 ? 9.766   7.053   6.049   1.00 0.00 ? 8  DT  B "H1'"  1 
ATOM   500  H  H3     . DT  B 1 8 ? 10.091  6.548   1.605   1.00 0.00 ? 8  DT  B H3     1 
ATOM   501  H  H71    . DT  B 1 8 ? 6.122   9.584   1.970   1.00 0.00 ? 8  DT  B H71    1 
ATOM   502  H  H72    . DT  B 1 8 ? 6.276   9.674   1.814   1.00 0.00 ? 8  DT  B H72    1 
ATOM   503  H  H73    . DT  B 1 8 ? 6.236   9.785   2.033   1.00 0.00 ? 8  DT  B H73    1 
ATOM   504  H  H6     . DT  B 1 8 ? 7.428   9.078   4.644   1.00 0.00 ? 8  DT  B H6     1 
HETATM 505  C  C1     . DDA C 2 . ? 13.741  -0.040  4.839   1.00 0.00 ? 1  DDA C C1     1 
HETATM 506  C  C2     . DDA C 2 . ? 14.168  -0.753  3.613   1.00 0.00 ? 1  DDA C C2     1 
HETATM 507  C  C3     . DDA C 2 . ? 14.765  -2.083  3.997   1.00 0.00 ? 1  DDA C C3     1 
HETATM 508  C  C4     . DDA C 2 . ? 15.769  -1.808  5.080   1.00 0.00 ? 1  DDA C C4     1 
HETATM 509  C  C5     . DDA C 2 . ? 15.052  -1.295  6.282   1.00 0.00 ? 1  DDA C C5     1 
HETATM 510  C  C6     . DDA C 2 . ? 15.888  -0.976  7.428   1.00 0.00 ? 1  DDA C C6     1 
HETATM 511  O  O5     . DDA C 2 . ? 14.702  -0.046  5.816   1.00 0.00 ? 1  DDA C O5     1 
HETATM 512  O  O1     . DDA C 2 . ? 13.296  1.244   4.608   1.00 0.00 ? 1  DDA C O1     1 
HETATM 513  O  O3     . DDA C 2 . ? 15.375  -2.650  2.860   1.00 0.00 ? 1  DDA C O3     1 
HETATM 514  O  O4     . DDA C 2 . ? 16.660  -2.900  5.237   1.00 0.00 ? 1  DDA C O4     1 
HETATM 515  H  H1     . DDA C 2 . ? 12.985  -0.807  5.078   1.00 0.00 ? 1  DDA C H1     1 
HETATM 516  H  H21    . DDA C 2 . ? 13.397  -0.856  2.903   1.00 0.00 ? 1  DDA C H21    1 
HETATM 517  H  H22    . DDA C 2 . ? 14.895  -0.110  3.186   1.00 0.00 ? 1  DDA C H22    1 
HETATM 518  H  H3     . DDA C 2 . ? 13.965  -2.693  4.424   1.00 0.00 ? 1  DDA C H3     1 
HETATM 519  H  H4     . DDA C 2 . ? 16.221  -0.892  4.705   1.00 0.00 ? 1  DDA C H4     1 
HETATM 520  H  H5     . DDA C 2 . ? 14.149  -1.840  6.566   1.00 0.00 ? 1  DDA C H5     1 
HETATM 521  H  H61    . DDA C 2 . ? 16.308  -1.003  7.560   1.00 0.00 ? 1  DDA C H61    1 
HETATM 522  H  H62    . DDA C 2 . ? 16.005  -0.579  7.659   1.00 0.00 ? 1  DDA C H62    1 
HETATM 523  H  H63    . DDA C 2 . ? 15.885  -1.063  7.863   1.00 0.00 ? 1  DDA C H63    1 
HETATM 524  H  HO4    . DDA C 2 . ? 16.630  -3.445  4.541   1.00 0.00 ? 1  DDA C HO4    1 
HETATM 525  C  C1     . DDA C 2 . ? 14.716  -3.786  2.419   1.00 0.00 ? 2  DDA C C1     1 
HETATM 526  C  C2     . DDA C 2 . ? 15.302  -4.332  1.133   1.00 0.00 ? 2  DDA C C2     1 
HETATM 527  C  C3     . DDA C 2 . ? 14.680  -5.640  0.722   1.00 0.00 ? 2  DDA C C3     1 
HETATM 528  C  C4     . DDA C 2 . ? 14.449  -6.495  1.970   1.00 0.00 ? 2  DDA C C4     1 
HETATM 529  C  C5     . DDA C 2 . ? 13.779  -5.726  3.039   1.00 0.00 ? 2  DDA C C5     1 
HETATM 530  C  C6     . DDA C 2 . ? 13.282  -6.429  4.269   1.00 0.00 ? 2  DDA C C6     1 
HETATM 531  O  O5     . DDA C 2 . ? 14.646  -4.737  3.414   1.00 0.00 ? 2  DDA C O5     1 
HETATM 532  O  O3     . DDA C 2 . ? 15.469  -6.291  -0.237  1.00 0.00 ? 2  DDA C O3     1 
HETATM 533  O  O4     . DDA C 2 . ? 13.699  -7.604  1.604   1.00 0.00 ? 2  DDA C O4     1 
HETATM 534  H  H1     . DDA C 2 . ? 13.713  -3.489  2.264   1.00 0.00 ? 2  DDA C H1     1 
HETATM 535  H  H21    . DDA C 2 . ? 16.299  -4.493  1.389   1.00 0.00 ? 2  DDA C H21    1 
HETATM 536  H  H22    . DDA C 2 . ? 15.186  -3.602  0.366   1.00 0.00 ? 2  DDA C H22    1 
HETATM 537  H  H3     . DDA C 2 . ? 13.745  -5.385  0.271   1.00 0.00 ? 2  DDA C H3     1 
HETATM 538  H  H4     . DDA C 2 . ? 15.374  -6.773  2.362   1.00 0.00 ? 2  DDA C H4     1 
HETATM 539  H  H5     . DDA C 2 . ? 12.998  -5.261  2.508   1.00 0.00 ? 2  DDA C H5     1 
HETATM 540  H  H61    . DDA C 2 . ? 13.075  -6.677  4.451   1.00 0.00 ? 2  DDA C H61    1 
HETATM 541  H  H62    . DDA C 2 . ? 13.312  -6.629  4.636   1.00 0.00 ? 2  DDA C H62    1 
HETATM 542  H  H63    . DDA C 2 . ? 13.091  -6.428  4.617   1.00 0.00 ? 2  DDA C H63    1 
HETATM 543  H  HO3    . DDA C 2 . ? 15.163  -6.952  -0.448  1.00 0.00 ? 2  DDA C HO3    1 
HETATM 544  H  HO4    . DDA C 2 . ? 13.162  -7.510  1.528   1.00 0.00 ? 2  DDA C HO4    1 
HETATM 545  C  C1     . DDA D 3 . ? 4.425   0.846   10.569  1.00 0.00 ? 1  DDA D C1     1 
HETATM 546  C  C2     . DDA D 3 . ? 2.983   0.492   10.700  1.00 0.00 ? 1  DDA D C2     1 
HETATM 547  C  C3     . DDA D 3 . ? 2.173   1.658   11.193  1.00 0.00 ? 1  DDA D C3     1 
HETATM 548  C  C4     . DDA D 3 . ? 2.697   2.061   12.586  1.00 0.00 ? 1  DDA D C4     1 
HETATM 549  C  C5     . DDA D 3 . ? 4.227   2.313   12.506  1.00 0.00 ? 1  DDA D C5     1 
HETATM 550  C  C6     . DDA D 3 . ? 4.941   2.329   13.830  1.00 0.00 ? 1  DDA D C6     1 
HETATM 551  O  O5     . DDA D 3 . ? 4.852   1.249   11.835  1.00 0.00 ? 1  DDA D O5     1 
HETATM 552  O  O1     . DDA D 3 . ? 5.185   -0.222  10.067  1.00 0.00 ? 1  DDA D O1     1 
HETATM 553  O  O3     . DDA D 3 . ? 0.794   1.373   11.142  1.00 0.00 ? 1  DDA D O3     1 
HETATM 554  O  O4     . DDA D 3 . ? 2.080   3.231   13.107  1.00 0.00 ? 1  DDA D O4     1 
HETATM 555  H  H1     . DDA D 3 . ? 4.520   1.671   9.874   1.00 0.00 ? 1  DDA D H1     1 
HETATM 556  H  H21    . DDA D 3 . ? 2.616   0.143   9.744   1.00 0.00 ? 1  DDA D H21    1 
HETATM 557  H  H22    . DDA D 3 . ? 2.838   -0.324  11.406  1.00 0.00 ? 1  DDA D H22    1 
HETATM 558  H  H3     . DDA D 3 . ? 2.406   2.503   10.541  1.00 0.00 ? 1  DDA D H3     1 
HETATM 559  H  H4     . DDA D 3 . ? 2.520   1.230   13.272  1.00 0.00 ? 1  DDA D H4     1 
HETATM 560  H  H5     . DDA D 3 . ? 4.398   3.279   12.014  1.00 0.00 ? 1  DDA D H5     1 
HETATM 561  H  H61    . DDA D 3 . ? 4.748   1.868   14.368  1.00 0.00 ? 1  DDA D H61    1 
HETATM 562  H  H62    . DDA D 3 . ? 5.671   2.110   13.797  1.00 0.00 ? 1  DDA D H62    1 
HETATM 563  H  H63    . DDA D 3 . ? 5.016   2.957   14.222  1.00 0.00 ? 1  DDA D H63    1 
HETATM 564  H  HO4    . DDA D 3 . ? 1.191   3.257   12.754  1.00 0.00 ? 1  DDA D HO4    1 
HETATM 565  C  C1     . DDL D 3 . ? 0.015   2.390   10.576  1.00 0.00 ? 2  DDL D C1     1 
HETATM 566  C  C2     . DDL D 3 . ? -1.269  1.943   9.931   1.00 0.00 ? 2  DDL D C2     1 
HETATM 567  C  C3     . DDL D 3 . ? -1.998  3.040   9.171   1.00 0.00 ? 2  DDL D C3     1 
HETATM 568  C  C4     . DDL D 3 . ? -2.178  4.188   10.185  1.00 0.00 ? 2  DDL D C4     1 
HETATM 569  C  C5     . DDL D 3 . ? -0.862  4.481   10.989  1.00 0.00 ? 2  DDL D C5     1 
HETATM 570  C  C6     . DDL D 3 . ? -1.150  5.518   12.048  1.00 0.00 ? 2  DDL D C6     1 
HETATM 571  O  O5     . DDL D 3 . ? -0.326  3.317   11.575  1.00 0.00 ? 2  DDL D O5     1 
HETATM 572  O  O3     . DDL D 3 . ? -3.244  2.540   8.713   1.00 0.00 ? 2  DDL D O3     1 
HETATM 573  O  O4     . DDL D 3 . ? -3.309  3.923   10.995  1.00 0.00 ? 2  DDL D O4     1 
HETATM 574  H  H1     . DDL D 3 . ? 0.576   2.880   9.772   1.00 0.00 ? 2  DDL D H1     1 
HETATM 575  H  H2     . DDL D 3 . ? -1.062  1.117   9.255   1.00 0.00 ? 2  DDL D H2     1 
HETATM 576  H  H22    . DDL D 3 . ? -1.907  1.541   10.719  1.00 0.00 ? 2  DDL D H22    1 
HETATM 577  H  H3     . DDL D 3 . ? -1.316  3.311   8.367   1.00 0.00 ? 2  DDL D H3     1 
HETATM 578  H  H4     . DDL D 3 . ? -2.404  5.087   9.613   1.00 0.00 ? 2  DDL D H4     1 
HETATM 579  H  H5     . DDL D 3 . ? -0.096  4.891   10.345  1.00 0.00 ? 2  DDL D H5     1 
HETATM 580  H  H61    . DDL D 3 . ? -0.779  5.830   12.413  1.00 0.00 ? 2  DDL D H61    1 
HETATM 581  H  H62    . DDL D 3 . ? -1.419  6.062   12.028  1.00 0.00 ? 2  DDL D H62    1 
HETATM 582  H  H63    . DDL D 3 . ? -1.461  5.405   12.471  1.00 0.00 ? 2  DDL D H63    1 
HETATM 583  H  HO4    . DDL D 3 . ? -4.063  3.636   10.485  1.00 0.00 ? 2  DDL D HO4    1 
HETATM 584  C  C1     . MDA D 3 . ? -3.787  3.167   7.568   1.00 0.00 ? 3  MDA D C1     1 
HETATM 585  C  C2     . MDA D 3 . ? -4.102  2.134   6.500   1.00 0.00 ? 3  MDA D C2     1 
HETATM 586  C  C3     . MDA D 3 . ? -4.711  2.738   5.246   1.00 0.00 ? 3  MDA D C3     1 
HETATM 587  C  C4     . MDA D 3 . ? -5.724  3.809   5.625   1.00 0.00 ? 3  MDA D C4     1 
HETATM 588  C  C5     . MDA D 3 . ? -5.261  4.778   6.697   1.00 0.00 ? 3  MDA D C5     1 
HETATM 589  C  C6     . MDA D 3 . ? -6.312  5.796   7.140   1.00 0.00 ? 3  MDA D C6     1 
HETATM 590  C  "C3'"  . MDA D 3 . ? -5.364  1.622   4.472   1.00 0.00 ? 3  MDA D "C3'"  1 
HETATM 591  O  O5     . MDA D 3 . ? -4.888  4.012   7.811   1.00 0.00 ? 3  MDA D O5     1 
HETATM 592  O  O3     . MDA D 3 . ? -3.691  3.265   4.432   1.00 0.00 ? 3  MDA D O3     1 
HETATM 593  O  O4     . MDA D 3 . ? -6.177  4.442   4.467   1.00 0.00 ? 3  MDA D O4     1 
HETATM 594  H  H1     . MDA D 3 . ? -3.082  3.827   7.074   1.00 0.00 ? 3  MDA D H1     1 
HETATM 595  H  H2     . MDA D 3 . ? -3.206  1.568   6.278   1.00 0.00 ? 3  MDA D H2     1 
HETATM 596  H  H22    . MDA D 3 . ? -4.795  1.441   6.958   1.00 0.00 ? 3  MDA D H22    1 
HETATM 597  H  H4     . MDA D 3 . ? -6.508  3.300   6.112   1.00 0.00 ? 3  MDA D H4     1 
HETATM 598  H  H5     . MDA D 3 . ? -4.392  5.323   6.345   1.00 0.00 ? 3  MDA D H5     1 
HETATM 599  H  H61    . MDA D 3 . ? -6.694  5.776   7.626   1.00 0.00 ? 3  MDA D H61    1 
HETATM 600  H  H62    . MDA D 3 . ? -6.254  6.387   7.291   1.00 0.00 ? 3  MDA D H62    1 
HETATM 601  H  H63    . MDA D 3 . ? -6.783  5.963   6.824   1.00 0.00 ? 3  MDA D H63    1 
HETATM 602  H  "H3'1" . MDA D 3 . ? -5.062  1.119   4.065   1.00 0.00 ? 3  MDA D "H3'1" 1 
HETATM 603  H  "H3'2" . MDA D 3 . ? -5.860  1.702   4.008   1.00 0.00 ? 3  MDA D "H3'2" 1 
HETATM 604  H  "H3'3" . MDA D 3 . ? -5.689  1.169   4.827   1.00 0.00 ? 3  MDA D "H3'3" 1 
HETATM 605  H  HO3    . MDA D 3 . ? -3.876  3.277   3.767   1.00 0.00 ? 3  MDA D HO3    1 
HETATM 606  H  HO4    . MDA D 3 . ? -6.269  4.692   4.408   1.00 0.00 ? 3  MDA D HO4    1 
HETATM 607  C  C1     . DDA E 2 . ? -9.634  2.307   1.135   1.00 0.00 ? 1  DDA E C1     1 
HETATM 608  C  C2     . DDA E 2 . ? -9.453  2.298   2.624   1.00 0.00 ? 1  DDA E C2     1 
HETATM 609  C  C3     . DDA E 2 . ? -10.797 2.274   3.350   1.00 0.00 ? 1  DDA E C3     1 
HETATM 610  C  C4     . DDA E 2 . ? -11.720 3.246   2.647   1.00 0.00 ? 1  DDA E C4     1 
HETATM 611  C  C5     . DDA E 2 . ? -11.850 2.986   1.181   1.00 0.00 ? 1  DDA E C5     1 
HETATM 612  C  C6     . DDA E 2 . ? -12.631 3.993   0.462   1.00 0.00 ? 1  DDA E C6     1 
HETATM 613  O  O5     . DDA E 2 . ? -10.557 3.250   0.753   1.00 0.00 ? 1  DDA E O5     1 
HETATM 614  O  O1     . DDA E 2 . ? -8.429  2.464   0.467   1.00 0.00 ? 1  DDA E O1     1 
HETATM 615  O  O3     . DDA E 2 . ? -10.578 2.741   4.668   1.00 0.00 ? 1  DDA E O3     1 
HETATM 616  O  O4     . DDA E 2 . ? -12.899 3.460   3.406   1.00 0.00 ? 1  DDA E O4     1 
HETATM 617  H  H1     . DDA E 2 . ? -10.103 1.327   1.088   1.00 0.00 ? 1  DDA E H1     1 
HETATM 618  H  H21    . DDA E 2 . ? -8.795  1.537   2.981   1.00 0.00 ? 1  DDA E H21    1 
HETATM 619  H  H22    . DDA E 2 . ? -8.975  3.242   2.784   1.00 0.00 ? 1  DDA E H22    1 
HETATM 620  H  H3     . DDA E 2 . ? -11.235 1.274   3.336   1.00 0.00 ? 1  DDA E H3     1 
HETATM 621  H  H4     . DDA E 2 . ? -11.073 4.102   2.595   1.00 0.00 ? 1  DDA E H4     1 
HETATM 622  H  H5     . DDA E 2 . ? -12.129 1.969   0.898   1.00 0.00 ? 1  DDA E H5     1 
HETATM 623  H  H61    . DDA E 2 . ? -12.909 4.181   0.364   1.00 0.00 ? 1  DDA E H61    1 
HETATM 624  H  H62    . DDA E 2 . ? -12.718 4.336   0.338   1.00 0.00 ? 1  DDA E H62    1 
HETATM 625  H  H63    . DDA E 2 . ? -12.766 4.177   0.161   1.00 0.00 ? 1  DDA E H63    1 
HETATM 626  H  HO4    . DDA E 2 . ? -12.721 3.371   4.317   1.00 0.00 ? 1  DDA E HO4    1 
HETATM 627  C  C1     . DDA E 2 . ? -10.277 1.788   5.580   1.00 0.00 ? 2  DDA E C1     1 
HETATM 628  C  C2     . DDA E 2 . ? -9.579  2.402   6.755   1.00 0.00 ? 2  DDA E C2     1 
HETATM 629  C  C3     . DDA E 2 . ? -9.280  1.402   7.777   1.00 0.00 ? 2  DDA E C3     1 
HETATM 630  C  C4     . DDA E 2 . ? -10.479 0.546   7.988   1.00 0.00 ? 2  DDA E C4     1 
HETATM 631  C  C5     . DDA E 2 . ? -10.987 0.038   6.691   1.00 0.00 ? 2  DDA E C5     1 
HETATM 632  C  C6     . DDA E 2 . ? -12.053 -0.945  6.656   1.00 0.00 ? 2  DDA E C6     1 
HETATM 633  O  O5     . DDA E 2 . ? -11.349 1.095   5.952   1.00 0.00 ? 2  DDA E O5     1 
HETATM 634  O  O3     . DDA E 2 . ? -8.818  1.998   8.957   1.00 0.00 ? 2  DDA E O3     1 
HETATM 635  O  O4     . DDA E 2 . ? -10.130 -0.504  8.792   1.00 0.00 ? 2  DDA E O4     1 
HETATM 636  H  H1     . DDA E 2 . ? -9.667  1.084   5.100   1.00 0.00 ? 2  DDA E H1     1 
HETATM 637  H  H21    . DDA E 2 . ? -10.210 3.132   7.133   1.00 0.00 ? 2  DDA E H21    1 
HETATM 638  H  H22    . DDA E 2 . ? -8.717  2.814   6.403   1.00 0.00 ? 2  DDA E H22    1 
HETATM 639  H  H3     . DDA E 2 . ? -8.521  0.813   7.326   1.00 0.00 ? 2  DDA E H3     1 
HETATM 640  H  H4     . DDA E 2 . ? -11.235 1.101   8.453   1.00 0.00 ? 2  DDA E H4     1 
HETATM 641  H  H5     . DDA E 2 . ? -10.148 -0.368  6.252   1.00 0.00 ? 2  DDA E H5     1 
HETATM 642  H  H61    . DDA E 2 . ? -12.438 -1.021  6.483   1.00 0.00 ? 2  DDA E H61    1 
HETATM 643  H  H62    . DDA E 2 . ? -12.184 -1.375  6.508   1.00 0.00 ? 2  DDA E H62    1 
HETATM 644  H  H63    . DDA E 2 . ? -12.281 -1.123  6.894   1.00 0.00 ? 2  DDA E H63    1 
HETATM 645  H  HO3    . DDA E 2 . ? -8.602  1.863   9.251   1.00 0.00 ? 2  DDA E HO3    1 
HETATM 646  H  HO4    . DDA E 2 . ? -9.578  -0.814  8.747   1.00 0.00 ? 2  DDA E HO4    1 
HETATM 647  C  C1     . DDA F 3 . ? -10.705 -3.925  -7.978  1.00 0.00 ? 1  DDA F C1     1 
HETATM 648  C  C2     . DDA F 3 . ? -10.986 -5.309  -8.521  1.00 0.00 ? 1  DDA F C2     1 
HETATM 649  C  C3     . DDA F 3 . ? -10.413 -5.525  -9.915  1.00 0.00 ? 1  DDA F C3     1 
HETATM 650  C  C4     . DDA F 3 . ? -11.011 -4.461  -10.864 1.00 0.00 ? 1  DDA F C4     1 
HETATM 651  C  C5     . DDA F 3 . ? -10.812 -3.049  -10.258 1.00 0.00 ? 1  DDA F C5     1 
HETATM 652  C  C6     . DDA F 3 . ? -11.655 -1.963  -10.880 1.00 0.00 ? 1  DDA F C6     1 
HETATM 653  O  O5     . DDA F 3 . ? -11.236 -3.041  -8.923  1.00 0.00 ? 1  DDA F O5     1 
HETATM 654  O  O1     . DDA F 3 . ? -11.277 -3.716  -6.705  1.00 0.00 ? 1  DDA F O1     1 
HETATM 655  O  O3     . DDA F 3 . ? -10.569 -6.864  -10.382 1.00 0.00 ? 1  DDA F O3     1 
HETATM 656  O  O4     . DDA F 3 . ? -10.435 -4.461  -12.163 1.00 0.00 ? 1  DDA F O4     1 
HETATM 657  H  H1     . DDA F 3 . ? -9.631  -3.779  -7.864  1.00 0.00 ? 1  DDA F H1     1 
HETATM 658  H  H21    . DDA F 3 . ? -10.606 -6.042  -7.825  1.00 0.00 ? 1  DDA F H21    1 
HETATM 659  H  H22    . DDA F 3 . ? -12.057 -5.485  -8.595  1.00 0.00 ? 1  DDA F H22    1 
HETATM 660  H  H3     . DDA F 3 . ? -9.353  -5.275  -9.849  1.00 0.00 ? 1  DDA F H3     1 
HETATM 661  H  H4     . DDA F 3 . ? -12.084 -4.648  -10.948 1.00 0.00 ? 1  DDA F H4     1 
HETATM 662  H  H5     . DDA F 3 . ? -9.757  -2.767  -10.358 1.00 0.00 ? 1  DDA F H5     1 
HETATM 663  H  H61    . DDA F 3 . ? -12.015 -1.553  -10.497 1.00 0.00 ? 1  DDA F H61    1 
HETATM 664  H  H62    . DDA F 3 . ? -11.432 -1.469  -11.219 1.00 0.00 ? 1  DDA F H62    1 
HETATM 665  H  H63    . DDA F 3 . ? -12.142 -2.020  -11.268 1.00 0.00 ? 1  DDA F H63    1 
HETATM 666  H  HO4    . DDA F 3 . ? -10.136 -5.350  -12.338 1.00 0.00 ? 1  DDA F HO4    1 
HETATM 667  C  C1     . DDL F 3 . ? -9.396  -7.416  -10.937 1.00 0.00 ? 2  DDL F C1     1 
HETATM 668  C  C2     . DDL F 3 . ? -9.181  -8.922  -10.902 1.00 0.00 ? 2  DDL F C2     1 
HETATM 669  C  C3     . DDL F 3 . ? -7.714  -9.302  -11.170 1.00 0.00 ? 2  DDL F C3     1 
HETATM 670  C  C4     . DDL F 3 . ? -7.338  -8.615  -12.486 1.00 0.00 ? 2  DDL F C4     1 
HETATM 671  C  C5     . DDL F 3 . ? -7.819  -7.135  -12.555 1.00 0.00 ? 2  DDL F C5     1 
HETATM 672  C  C6     . DDL F 3 . ? -7.367  -6.599  -13.878 1.00 0.00 ? 2  DDL F C6     1 
HETATM 673  O  O5     . DDL F 3 . ? -9.196  -7.010  -12.279 1.00 0.00 ? 2  DDL F O5     1 
HETATM 674  O  O3     . DDL F 3 . ? -7.411  -10.694 -11.271 1.00 0.00 ? 2  DDL F O3     1 
HETATM 675  O  O4     . DDL F 3 . ? -7.778  -9.418  -13.570 1.00 0.00 ? 2  DDL F O4     1 
HETATM 676  H  H1     . DDL F 3 . ? -8.566  -7.062  -10.322 1.00 0.00 ? 2  DDL F H1     1 
HETATM 677  H  H2     . DDL F 3 . ? -9.489  -9.314  -9.934  1.00 0.00 ? 2  DDL F H2     1 
HETATM 678  H  H22    . DDL F 3 . ? -9.838  -9.363  -11.651 1.00 0.00 ? 2  DDL F H22    1 
HETATM 679  H  H3     . DDL F 3 . ? -7.182  -8.833  -10.346 1.00 0.00 ? 2  DDL F H3     1 
HETATM 680  H  H4     . DDL F 3 . ? -6.251  -8.575  -12.536 1.00 0.00 ? 2  DDL F H4     1 
HETATM 681  H  H5     . DDL F 3 . ? -7.339  -6.489  -11.846 1.00 0.00 ? 2  DDL F H5     1 
HETATM 682  H  H61    . DDL F 3 . ? -6.901  -6.614  -14.107 1.00 0.00 ? 2  DDL F H61    1 
HETATM 683  H  H62    . DDL F 3 . ? -7.455  -6.653  -14.393 1.00 0.00 ? 2  DDL F H62    1 
HETATM 684  H  H63    . DDL F 3 . ? -7.318  -6.134  -14.009 1.00 0.00 ? 2  DDL F H63    1 
HETATM 685  H  HO4    . DDL F 3 . ? -7.597  -10.346 -13.435 1.00 0.00 ? 2  DDL F HO4    1 
HETATM 686  C  C1     . MDA F 3 . ? -6.319  -11.067 -10.436 1.00 0.00 ? 3  MDA F C1     1 
HETATM 687  C  C2     . MDA F 3 . ? -6.860  -11.999 -9.352  1.00 0.00 ? 3  MDA F C2     1 
HETATM 688  C  C3     . MDA F 3 . ? -5.776  -12.389 -8.336  1.00 0.00 ? 3  MDA F C3     1 
HETATM 689  C  C4     . MDA F 3 . ? -4.480  -12.732 -9.110  1.00 0.00 ? 3  MDA F C4     1 
HETATM 690  C  C5     . MDA F 3 . ? -4.094  -11.801 -10.266 1.00 0.00 ? 3  MDA F C5     1 
HETATM 691  C  C6     . MDA F 3 . ? -2.899  -12.344 -11.034 1.00 0.00 ? 3  MDA F C6     1 
HETATM 692  C  "C3'"  . MDA F 3 . ? -6.151  -13.575 -7.435  1.00 0.00 ? 3  MDA F "C3'"  1 
HETATM 693  O  O5     . MDA F 3 . ? -5.238  -11.681 -11.106 1.00 0.00 ? 3  MDA F O5     1 
HETATM 694  O  O3     . MDA F 3 . ? -5.617  -11.305 -7.460  1.00 0.00 ? 3  MDA F O3     1 
HETATM 695  O  O4     . MDA F 3 . ? -3.381  -13.135 -8.304  1.00 0.00 ? 3  MDA F O4     1 
HETATM 696  H  H1     . MDA F 3 . ? -5.860  -10.188 -10.024 1.00 0.00 ? 3  MDA F H1     1 
HETATM 697  H  H2     . MDA F 3 . ? -7.748  -11.554 -8.906  1.00 0.00 ? 3  MDA F H2     1 
HETATM 698  H  H22    . MDA F 3 . ? -7.198  -12.862 -9.900  1.00 0.00 ? 3  MDA F H22    1 
HETATM 699  H  H4     . MDA F 3 . ? -4.764  -13.603 -9.680  1.00 0.00 ? 3  MDA F H4     1 
HETATM 700  H  H5     . MDA F 3 . ? -3.768  -10.804 -9.946  1.00 0.00 ? 3  MDA F H5     1 
HETATM 701  H  H61    . MDA F 3 . ? -2.497  -12.437 -11.113 1.00 0.00 ? 3  MDA F H61    1 
HETATM 702  H  H62    . MDA F 3 . ? -2.651  -12.619 -11.188 1.00 0.00 ? 3  MDA F H62    1 
HETATM 703  H  H63    . MDA F 3 . ? -2.658  -12.398 -11.312 1.00 0.00 ? 3  MDA F H63    1 
HETATM 704  H  "H3'1" . MDA F 3 . ? -6.006  -13.765 -6.922  1.00 0.00 ? 3  MDA F "H3'1" 1 
HETATM 705  H  "H3'2" . MDA F 3 . ? -6.090  -14.127 -7.465  1.00 0.00 ? 3  MDA F "H3'2" 1 
HETATM 706  H  "H3'3" . MDA F 3 . ? -6.598  -13.768 -7.223  1.00 0.00 ? 3  MDA F "H3'3" 1 
HETATM 707  H  HO3    . MDA F 3 . ? -6.418  -11.113 -6.974  1.00 0.00 ? 3  MDA F HO3    1 
HETATM 708  H  HO4    . MDA F 3 . ? -3.124  -12.494 -7.651  1.00 0.00 ? 3  MDA F HO4    1 
HETATM 709  C  C1     . DDA G 3 . ? 8.426   5.665   9.689   1.00 0.00 ? 1  DDA G C1     1 
HETATM 710  C  C2     . DDA G 3 . ? 9.849   6.155   9.578   1.00 0.00 ? 1  DDA G C2     1 
HETATM 711  C  C3     . DDA G 3 . ? 10.853  5.055   9.846   1.00 0.00 ? 1  DDA G C3     1 
HETATM 712  C  C4     . DDA G 3 . ? 10.637  4.562   11.296  1.00 0.00 ? 1  DDA G C4     1 
HETATM 713  C  C5     . DDA G 3 . ? 9.149   4.158   11.487  1.00 0.00 ? 1  DDA G C5     1 
HETATM 714  C  C6     . DDA G 3 . ? 8.719   4.030   12.931  1.00 0.00 ? 1  DDA G C6     1 
HETATM 715  O  O5     . DDA G 3 . ? 8.300   5.160   10.992  1.00 0.00 ? 1  DDA G O5     1 
HETATM 716  O  O1     . DDA G 3 . ? 7.498   6.690   9.424   1.00 0.00 ? 1  DDA G O1     1 
HETATM 717  O  O3     . DDA G 3 . ? 12.192  5.430   9.521   1.00 0.00 ? 1  DDA G O3     1 
HETATM 718  O  O4     . DDA G 3 . ? 11.431  3.444   11.664  1.00 0.00 ? 1  DDA G O4     1 
HETATM 719  H  H1     . DDA G 3 . ? 8.237   4.886   8.953   1.00 0.00 ? 1  DDA G H1     1 
HETATM 720  H  H21    . DDA G 3 . ? 10.002  6.601   8.609   1.00 0.00 ? 1  DDA G H21    1 
HETATM 721  H  H22    . DDA G 3 . ? 10.044  6.945   10.301  1.00 0.00 ? 1  DDA G H22    1 
HETATM 722  H  H3     . DDA G 3 . ? 10.550  4.214   9.219   1.00 0.00 ? 1  DDA G H3     1 
HETATM 723  H  H4     . DDA G 3 . ? 10.857  5.391   11.972  1.00 0.00 ? 1  DDA G H4     1 
HETATM 724  H  H5     . DDA G 3 . ? 8.977   3.199   10.985  1.00 0.00 ? 1  DDA G H5     1 
HETATM 725  H  H61    . DDA G 3 . ? 8.606   4.162   13.295  1.00 0.00 ? 1  DDA G H61    1 
HETATM 726  H  H62    . DDA G 3 . ? 8.455   3.972   13.211  1.00 0.00 ? 1  DDA G H62    1 
HETATM 727  H  H63    . DDA G 3 . ? 8.688   3.914   13.321  1.00 0.00 ? 1  DDA G H63    1 
HETATM 728  H  HO4    . DDA G 3 . ? 12.226  3.482   11.139  1.00 0.00 ? 1  DDA G HO4    1 
HETATM 729  C  C1     . DDL G 3 . ? 12.903  4.440   8.813   1.00 0.00 ? 2  DDL G C1     1 
HETATM 730  C  C2     . DDL G 3 . ? 14.050  4.840   7.886   1.00 0.00 ? 2  DDL G C2     1 
HETATM 731  C  C3     . DDL G 3 . ? 14.513  3.680   6.975   1.00 0.00 ? 2  DDL G C3     1 
HETATM 732  C  C4     . DDL G 3 . ? 14.810  2.510   7.939   1.00 0.00 ? 2  DDL G C4     1 
HETATM 733  C  C5     . DDL G 3 . ? 13.654  2.288   8.960   1.00 0.00 ? 2  DDL G C5     1 
HETATM 734  C  C6     . DDL G 3 . ? 13.925  1.051   9.796   1.00 0.00 ? 2  DDL G C6     1 
HETATM 735  O  O5     . DDL G 3 . ? 13.400  3.456   9.700   1.00 0.00 ? 2  DDL G O5     1 
HETATM 736  O  O3     . DDL G 3 . ? 15.646  3.950   6.140   1.00 0.00 ? 2  DDL G O3     1 
HETATM 737  O  O4     . DDL G 3 . ? 16.082  2.683   8.539   1.00 0.00 ? 2  DDL G O4     1 
HETATM 738  H  H1     . DDL G 3 . ? 12.201  3.991   8.106   1.00 0.00 ? 2  DDL G H1     1 
HETATM 739  H  H2     . DDL G 3 . ? 13.745  5.685   7.271   1.00 0.00 ? 2  DDL G H2     1 
HETATM 740  H  H22    . DDL G 3 . ? 14.868  5.183   8.516   1.00 0.00 ? 2  DDL G H22    1 
HETATM 741  H  H3     . DDL G 3 . ? 13.638  3.437   6.381   1.00 0.00 ? 2  DDL G H3     1 
HETATM 742  H  H4     . DDL G 3 . ? 14.854  1.606   7.347   1.00 0.00 ? 2  DDL G H4     1 
HETATM 743  H  H5     . DDL G 3 . ? 12.729  2.071   8.468   1.00 0.00 ? 2  DDL G H5     1 
HETATM 744  H  H61    . DDL G 3 . ? 13.834  0.889   10.292  1.00 0.00 ? 2  DDL G H61    1 
HETATM 745  H  H62    . DDL G 3 . ? 13.750  0.517   9.765   1.00 0.00 ? 2  DDL G H62    1 
HETATM 746  H  H63    . DDL G 3 . ? 14.352  0.796   9.882   1.00 0.00 ? 2  DDL G H63    1 
HETATM 747  H  HO4    . DDL G 3 . ? 16.745  2.972   7.916   1.00 0.00 ? 2  DDL G HO4    1 
HETATM 748  C  C1     . MDA G 3 . ? 15.359  3.840   4.742   1.00 0.00 ? 3  MDA G C1     1 
HETATM 749  C  C2     . MDA G 3 . ? 15.516  5.207   4.086   1.00 0.00 ? 3  MDA G C2     1 
HETATM 750  C  C3     . MDA G 3 . ? 15.064  5.154   2.620   1.00 0.00 ? 3  MDA G C3     1 
HETATM 751  C  C4     . MDA G 3 . ? 15.733  3.929   1.956   1.00 0.00 ? 3  MDA G C4     1 
HETATM 752  C  C5     . MDA G 3 . ? 15.687  2.615   2.750   1.00 0.00 ? 3  MDA G C5     1 
HETATM 753  C  C6     . MDA G 3 . ? 16.507  1.533   2.061   1.00 0.00 ? 3  MDA G C6     1 
HETATM 754  C  "C3'"  . MDA G 3 . ? 15.393  6.420   1.814   1.00 0.00 ? 3  MDA G "C3'"  1 
HETATM 755  O  O5     . MDA G 3 . ? 16.163  2.889   4.064   1.00 0.00 ? 3  MDA G O5     1 
HETATM 756  O  O3     . MDA G 3 . ? 13.661  5.051   2.627   1.00 0.00 ? 3  MDA G O3     1 
HETATM 757  O  O4     . MDA G 3 . ? 15.480  3.772   0.566   1.00 0.00 ? 3  MDA G O4     1 
HETATM 758  H  H1     . MDA G 3 . ? 14.351  3.506   4.570   1.00 0.00 ? 3  MDA G H1     1 
HETATM 759  H  H2     . MDA G 3 . ? 14.993  5.952   4.681   1.00 0.00 ? 3  MDA G H2     1 
HETATM 760  H  H22    . MDA G 3 . ? 16.568  5.432   4.162   1.00 0.00 ? 3  MDA G H22    1 
HETATM 761  H  H4     . MDA G 3 . ? 16.787  4.147   2.039   1.00 0.00 ? 3  MDA G H4     1 
HETATM 762  H  H5     . MDA G 3 . ? 14.697  2.167   2.828   1.00 0.00 ? 3  MDA G H5     1 
HETATM 763  H  H61    . MDA G 3 . ? 16.509  1.058   1.915   1.00 0.00 ? 3  MDA G H61    1 
HETATM 764  H  H62    . MDA G 3 . ? 16.697  1.439   1.612   1.00 0.00 ? 3  MDA G H62    1 
HETATM 765  H  H63    . MDA G 3 . ? 16.909  1.347   2.087   1.00 0.00 ? 3  MDA G H63    1 
HETATM 766  H  "H3'1" . MDA G 3 . ? 15.208  6.816   1.571   1.00 0.00 ? 3  MDA G "H3'1" 1 
HETATM 767  H  "H3'2" . MDA G 3 . ? 15.609  6.581   1.379   1.00 0.00 ? 3  MDA G "H3'2" 1 
HETATM 768  H  "H3'3" . MDA G 3 . ? 15.640  6.818   1.825   1.00 0.00 ? 3  MDA G "H3'3" 1 
HETATM 769  H  HO3    . MDA G 3 . ? 13.251  5.826   3.005   1.00 0.00 ? 3  MDA G HO3    1 
HETATM 770  H  HO4    . MDA G 3 . ? 14.560  3.706   0.340   1.00 0.00 ? 3  MDA G HO4    1 
HETATM 771  C  C1     . DDA H 2 . ? -2.197  7.335   7.046   1.00 0.00 ? 1  DDA H C1     1 
HETATM 772  C  C2     . DDA H 2 . ? -3.082  8.106   6.097   1.00 0.00 ? 1  DDA H C2     1 
HETATM 773  C  C3     . DDA H 2 . ? -3.571  9.423   6.704   1.00 0.00 ? 1  DDA H C3     1 
HETATM 774  C  C4     . DDA H 2 . ? -3.853  9.192   8.165   1.00 0.00 ? 1  DDA H C4     1 
HETATM 775  C  C5     . DDA H 2 . ? -2.692  8.619   8.894   1.00 0.00 ? 1  DDA H C5     1 
HETATM 776  C  C6     . DDA H 2 . ? -2.934  8.331   10.304  1.00 0.00 ? 1  DDA H C6     1 
HETATM 777  O  O5     . DDA H 2 . ? -2.669  7.361   8.329   1.00 0.00 ? 1  DDA H O5     1 
HETATM 778  O  O1     . DDA H 2 . ? -1.957  6.032   6.629   1.00 0.00 ? 1  DDA H O1     1 
HETATM 779  O  O3     . DDA H 2 . ? -4.799  9.761   6.092   1.00 0.00 ? 1  DDA H O3     1 
HETATM 780  O  O4     . DDA H 2 . ? -4.521  10.306  8.720   1.00 0.00 ? 1  DDA H O4     1 
HETATM 781  H  H1     . DDA H 2 . ? -1.368  8.038   6.984   1.00 0.00 ? 1  DDA H H1     1 
HETATM 782  H  H21    . DDA H 2 . ? -2.647  8.262   5.133   1.00 0.00 ? 1  DDA H H21    1 
HETATM 783  H  H22    . DDA H 2 . ? -3.917  7.446   5.995   1.00 0.00 ? 1  DDA H H22    1 
HETATM 784  H  H3     . DDA H 2 . ? -2.828  10.211  6.592   1.00 0.00 ? 1  DDA H H3     1 
HETATM 785  H  H4     . DDA H 2 . ? -4.463  8.305   8.092   1.00 0.00 ? 1  DDA H H4     1 
HETATM 786  H  H5     . DDA H 2 . ? -1.733  9.114   8.740   1.00 0.00 ? 1  DDA H H5     1 
HETATM 787  H  H61    . DDA H 2 . ? -3.025  8.405   10.667  1.00 0.00 ? 1  DDA H H61    1 
HETATM 788  H  H62    . DDA H 2 . ? -3.104  8.132   10.604  1.00 0.00 ? 1  DDA H H62    1 
HETATM 789  H  H63    . DDA H 2 . ? -2.818  8.206   10.616  1.00 0.00 ? 1  DDA H H63    1 
HETATM 790  H  HO4    . DDA H 2 . ? -5.160  10.639  8.101   1.00 0.00 ? 1  DDA H HO4    1 
HETATM 791  C  C1     . DDA H 2 . ? -4.702  10.262  4.787   1.00 0.00 ? 2  DDA H C1     1 
HETATM 792  C  C2     . DDA H 2 . ? -5.852  9.815   3.962   1.00 0.00 ? 2  DDA H C2     1 
HETATM 793  C  C3     . DDA H 2 . ? -5.869  10.399  2.566   1.00 0.00 ? 2  DDA H C3     1 
HETATM 794  C  C4     . DDA H 2 . ? -5.564  11.853  2.664   1.00 0.00 ? 2  DDA H C4     1 
HETATM 795  C  C5     . DDA H 2 . ? -4.369  12.051  3.498   1.00 0.00 ? 2  DDA H C5     1 
HETATM 796  C  C6     . DDA H 2 . ? -3.799  13.380  3.592   1.00 0.00 ? 2  DDA H C6     1 
HETATM 797  O  O5     . DDA H 2 . ? -4.600  11.598  4.785   1.00 0.00 ? 2  DDA H O5     1 
HETATM 798  O  O3     . DDA H 2 . ? -7.053  10.172  1.896   1.00 0.00 ? 2  DDA H O3     1 
HETATM 799  O  O4     . DDA H 2 . ? -5.374  12.331  1.349   1.00 0.00 ? 2  DDA H O4     1 
HETATM 800  H  H1     . DDA H 2 . ? -3.822  9.929   4.356   1.00 0.00 ? 2  DDA H H1     1 
HETATM 801  H  H21    . DDA H 2 . ? -6.661  10.141  4.512   1.00 0.00 ? 2  DDA H H21    1 
HETATM 802  H  H22    . DDA H 2 . ? -5.821  8.782   3.892   1.00 0.00 ? 2  DDA H H22    1 
HETATM 803  H  H3     . DDA H 2 . ? -5.093  9.896   2.046   1.00 0.00 ? 2  DDA H H3     1 
HETATM 804  H  H4     . DDA H 2 . ? -6.336  12.383  3.132   1.00 0.00 ? 2  DDA H H4     1 
HETATM 805  H  H5     . DDA H 2 . ? -3.706  11.395  3.046   1.00 0.00 ? 2  DDA H H5     1 
HETATM 806  H  H61    . DDA H 2 . ? -3.240  13.393  3.965   1.00 0.00 ? 2  DDA H H61    1 
HETATM 807  H  H62    . DDA H 2 . ? -3.579  13.762  3.022   1.00 0.00 ? 2  DDA H H62    1 
HETATM 808  H  H63    . DDA H 2 . ? -4.139  13.892  3.903   1.00 0.00 ? 2  DDA H H63    1 
HETATM 809  H  HO3    . DDA H 2 . ? -7.053  9.862   1.595   1.00 0.00 ? 2  DDA H HO3    1 
HETATM 810  H  HO4    . DDA H 2 . ? -5.495  11.937  0.839   1.00 0.00 ? 2  DDA H HO4    1 
HETATM 811  C  C1     . DDA I 2 . ? -3.280  -8.229  -11.432 1.00 0.00 ? 1  DDA I C1     1 
HETATM 812  C  C2     . DDA I 2 . ? -1.983  -8.941  -11.333 1.00 0.00 ? 1  DDA I C2     1 
HETATM 813  C  C3     . DDA I 2 . ? -1.149  -8.672  -12.571 1.00 0.00 ? 1  DDA I C3     1 
HETATM 814  C  C4     . DDA I 2 . ? -2.072  -8.979  -13.747 1.00 0.00 ? 1  DDA I C4     1 
HETATM 815  C  C5     . DDA I 2 . ? -3.226  -8.034  -13.753 1.00 0.00 ? 1  DDA I C5     1 
HETATM 816  C  C6     . DDA I 2 . ? -4.198  -8.254  -14.826 1.00 0.00 ? 1  DDA I C6     1 
HETATM 817  O  O5     . DDA I 2 . ? -3.904  -8.480  -12.633 1.00 0.00 ? 1  DDA I O5     1 
HETATM 818  O  O1     . DDA I 2 . ? -4.134  -8.507  -10.378 1.00 0.00 ? 1  DDA I O1     1 
HETATM 819  O  O3     . DDA I 2 . ? -0.022  -9.523  -12.530 1.00 0.00 ? 1  DDA I O3     1 
HETATM 820  O  O4     . DDA I 2 . ? -1.361  -9.174  -14.960 1.00 0.00 ? 1  DDA I O4     1 
HETATM 821  H  H1     . DDA I 2 . ? -2.813  -7.229  -11.458 1.00 0.00 ? 1  DDA I H1     1 
HETATM 822  H  H21    . DDA I 2 . ? -1.471  -8.788  -10.419 1.00 0.00 ? 1  DDA I H21    1 
HETATM 823  H  H22    . DDA I 2 . ? -2.291  -9.953  -11.328 1.00 0.00 ? 1  DDA I H22    1 
HETATM 824  H  H3     . DDA I 2 . ? -0.882  -7.615  -12.582 1.00 0.00 ? 1  DDA I H3     1 
HETATM 825  H  H4     . DDA I 2 . ? -2.593  -9.871  -13.399 1.00 0.00 ? 1  DDA I H4     1 
HETATM 826  H  H5     . DDA I 2 . ? -2.972  -6.983  -13.621 1.00 0.00 ? 1  DDA I H5     1 
HETATM 827  H  H61    . DDA I 2 . ? -4.482  -7.969  -15.080 1.00 0.00 ? 1  DDA I H61    1 
HETATM 828  H  H62    . DDA I 2 . ? -4.220  -8.454  -15.267 1.00 0.00 ? 1  DDA I H62    1 
HETATM 829  H  H63    . DDA I 2 . ? -4.625  -8.492  -14.841 1.00 0.00 ? 1  DDA I H63    1 
HETATM 830  H  HO4    . DDA I 2 . ? -0.469  -8.871  -14.864 1.00 0.00 ? 1  DDA I HO4    1 
HETATM 831  C  C1     . DDA I 2 . ? 1.181   -8.888  -12.874 1.00 0.00 ? 2  DDA I C1     1 
HETATM 832  C  C2     . DDA I 2 . ? 2.317   -9.878  -12.910 1.00 0.00 ? 2  DDA I C2     1 
HETATM 833  C  C3     . DDA I 2 . ? 3.609   -9.215  -13.341 1.00 0.00 ? 2  DDA I C3     1 
HETATM 834  C  C4     . DDA I 2 . ? 3.349   -8.311  -14.562 1.00 0.00 ? 2  DDA I C4     1 
HETATM 835  C  C5     . DDA I 2 . ? 2.197   -7.422  -14.274 1.00 0.00 ? 2  DDA I C5     1 
HETATM 836  C  C6     . DDA I 2 . ? 1.846   -6.341  -15.242 1.00 0.00 ? 2  DDA I C6     1 
HETATM 837  O  O5     . DDA I 2 . ? 1.079   -8.200  -14.074 1.00 0.00 ? 2  DDA I O5     1 
HETATM 838  O  O3     . DDA I 2 . ? 4.637   -10.139 -13.583 1.00 0.00 ? 2  DDA I O3     1 
HETATM 839  O  O4     . DDA I 2 . ? 4.500   -7.544  -14.755 1.00 0.00 ? 2  DDA I O4     1 
HETATM 840  H  H1     . DDA I 2 . ? 1.375   -8.139  -12.133 1.00 0.00 ? 2  DDA I H1     1 
HETATM 841  H  H21    . DDA I 2 . ? 1.999   -10.599 -13.617 1.00 0.00 ? 2  DDA I H21    1 
HETATM 842  H  H22    . DDA I 2 . ? 2.427   -10.300 -11.928 1.00 0.00 ? 2  DDA I H22    1 
HETATM 843  H  H3     . DDA I 2 . ? 3.876   -8.604  -12.480 1.00 0.00 ? 2  DDA I H3     1 
HETATM 844  H  H4     . DDA I 2 . ? 3.122   -8.863  -15.447 1.00 0.00 ? 2  DDA I H4     1 
HETATM 845  H  H5     . DDA I 2 . ? 2.474   -7.020  -13.331 1.00 0.00 ? 2  DDA I H5     1 
HETATM 846  H  H62    . DDA I 2 . ? 2.164   -6.123  -15.687 1.00 0.00 ? 2  DDA I H62    1 
HETATM 847  H  H63    . DDA I 2 . ? 1.349   -6.334  -15.610 1.00 0.00 ? 2  DDA I H63    1 
HETATM 848  H  HO3    . DDA I 2 . ? 4.955   -10.235 -13.465 1.00 0.00 ? 2  DDA I HO3    1 
HETATM 849  H  HO4    . DDA I 2 . ? 4.914   -7.647  -14.900 1.00 0.00 ? 2  DDA I HO4    1 
HETATM 850  C  C1     . DDA J 3 . ? -7.686  1.414   -8.788  1.00 0.00 ? 1  DDA J C1     1 
HETATM 851  C  C2     . DDA J 3 . ? -7.449  2.772   -8.232  1.00 0.00 ? 1  DDA J C2     1 
HETATM 852  C  C3     . DDA J 3 . ? -8.613  3.218   -7.405  1.00 0.00 ? 1  DDA J C3     1 
HETATM 853  C  C4     . DDA J 3 . ? -9.851  3.322   -8.306  1.00 0.00 ? 1  DDA J C4     1 
HETATM 854  C  C5     . DDA J 3 . ? -10.062 1.961   -9.026  1.00 0.00 ? 1  DDA J C5     1 
HETATM 855  C  C6     . DDA J 3 . ? -10.948 2.022   -10.242 1.00 0.00 ? 1  DDA J C6     1 
HETATM 856  O  O5     . DDA J 3 . ? -8.846  1.502   -9.567  1.00 0.00 ? 1  DDA J O5     1 
HETATM 857  O  O1     . DDA J 3 . ? -6.576  0.962   -9.515  1.00 0.00 ? 1  DDA J O1     1 
HETATM 858  O  O3     . DDA J 3 . ? -8.314  4.382   -6.676  1.00 0.00 ? 1  DDA J O3     1 
HETATM 859  O  O4     . DDA J 3 . ? -11.035 3.649   -7.584  1.00 0.00 ? 1  DDA J O4     1 
HETATM 860  H  H1     . DDA J 3 . ? -7.849  0.721   -7.970  1.00 0.00 ? 1  DDA J H1     1 
HETATM 861  H  H21    . DDA J 3 . ? -6.533  2.770   -7.653  1.00 0.00 ? 1  DDA J H21    1 
HETATM 862  H  H22    . DDA J 3 . ? -7.311  3.506   -9.025  1.00 0.00 ? 1  DDA J H22    1 
HETATM 863  H  H3     . DDA J 3 . ? -8.847  2.395   -6.726  1.00 0.00 ? 1  DDA J H3     1 
HETATM 864  H  H4     . DDA J 3 . ? -9.666  4.093   -9.058  1.00 0.00 ? 1  DDA J H4     1 
HETATM 865  H  H5     . DDA J 3 . ? -10.494 1.248   -8.310  1.00 0.00 ? 1  DDA J H5     1 
HETATM 866  H  H61    . DDA J 3 . ? -11.116 1.878   -10.584 1.00 0.00 ? 1  DDA J H61    1 
HETATM 867  H  H62    . DDA J 3 . ? -11.245 2.054   -10.471 1.00 0.00 ? 1  DDA J H62    1 
HETATM 868  H  H63    . DDA J 3 . ? -11.043 2.104   -10.607 1.00 0.00 ? 1  DDA J H63    1 
HETATM 869  H  HO4    . DDA J 3 . ? -10.762 4.116   -6.794  1.00 0.00 ? 1  DDA J HO4    1 
HETATM 870  C  C1     . DDL J 3 . ? -8.534  4.252   -5.302  1.00 0.00 ? 2  DDL J C1     1 
HETATM 871  C  C2     . DDL J 3 . ? -7.619  5.044   -4.410  1.00 0.00 ? 2  DDL J C2     1 
HETATM 872  C  C3     . DDL J 3 . ? -7.760  4.709   -2.932  1.00 0.00 ? 2  DDL J C3     1 
HETATM 873  C  C4     . DDL J 3 . ? -9.265  4.892   -2.627  1.00 0.00 ? 2  DDL J C4     1 
HETATM 874  C  C5     . DDL J 3 . ? -10.162 4.176   -3.688  1.00 0.00 ? 2  DDL J C5     1 
HETATM 875  C  C6     . DDL J 3 . ? -11.587 4.448   -3.293  1.00 0.00 ? 2  DDL J C6     1 
HETATM 876  O  O5     . DDL J 3 . ? -9.865  4.604   -4.998  1.00 0.00 ? 2  DDL J O5     1 
HETATM 877  O  O3     . DDL J 3 . ? -6.900  5.540   -2.186  1.00 0.00 ? 2  DDL J O3     1 
HETATM 878  O  O4     . DDL J 3 . ? -9.547  6.273   -2.460  1.00 0.00 ? 2  DDL J O4     1 
HETATM 879  H  H1     . DDL J 3 . ? -8.339  3.215   -4.999  1.00 0.00 ? 2  DDL J H1     1 
HETATM 880  H  H2     . DDL J 3 . ? -6.586  4.883   -4.717  1.00 0.00 ? 2  DDL J H2     1 
HETATM 881  H  H22    . DDL J 3 . ? -7.830  6.103   -4.580  1.00 0.00 ? 2  DDL J H22    1 
HETATM 882  H  H3     . DDL J 3 . ? -7.454  3.668   -2.831  1.00 0.00 ? 2  DDL J H3     1 
HETATM 883  H  H4     . DDL J 3 . ? -9.514  4.408   -1.683  1.00 0.00 ? 2  DDL J H4     1 
HETATM 884  H  H5     . DDL J 3 . ? -10.043 3.094   -3.683  1.00 0.00 ? 2  DDL J H5     1 
HETATM 885  H  H61    . DDL J 3 . ? -12.019 4.596   -3.520  1.00 0.00 ? 2  DDL J H61    1 
HETATM 886  H  H62    . DDL J 3 . ? -11.967 4.163   -3.053  1.00 0.00 ? 2  DDL J H62    1 
HETATM 887  H  H63    . DDL J 3 . ? -11.762 4.768   -2.958  1.00 0.00 ? 2  DDL J H63    1 
HETATM 888  H  HO4    . DDL J 3 . ? -9.004  6.664   -1.777  1.00 0.00 ? 2  DDL J HO4    1 
HETATM 889  C  C1     . MDA J 3 . ? -6.957  5.325   -0.790  1.00 0.00 ? 3  MDA J C1     1 
HETATM 890  C  C2     . MDA J 3 . ? -5.564  5.579   -0.234  1.00 0.00 ? 3  MDA J C2     1 
HETATM 891  C  C3     . MDA J 3 . ? -5.558  5.595   1.288   1.00 0.00 ? 3  MDA J C3     1 
HETATM 892  C  C4     . MDA J 3 . ? -6.725  6.477   1.751   1.00 0.00 ? 3  MDA J C4     1 
HETATM 893  C  C5     . MDA J 3 . ? -8.035  5.985   1.164   1.00 0.00 ? 3  MDA J C5     1 
HETATM 894  C  C6     . MDA J 3 . ? -9.295  6.699   1.650   1.00 0.00 ? 3  MDA J C6     1 
HETATM 895  C  "C3'"  . MDA J 3 . ? -4.213  6.101   1.739   1.00 0.00 ? 3  MDA J "C3'"  1 
HETATM 896  O  O5     . MDA J 3 . ? -7.915  6.178   -0.220  1.00 0.00 ? 3  MDA J O5     1 
HETATM 897  O  O3     . MDA J 3 . ? -5.674  4.273   1.774   1.00 0.00 ? 3  MDA J O3     1 
HETATM 898  O  O4     . MDA J 3 . ? -6.778  6.677   3.154   1.00 0.00 ? 3  MDA J O4     1 
HETATM 899  H  H1     . MDA J 3 . ? -7.254  4.328   -0.486  1.00 0.00 ? 3  MDA J H1     1 
HETATM 900  H  H2     . MDA J 3 . ? -4.857  4.864   -0.644  1.00 0.00 ? 3  MDA J H2     1 
HETATM 901  H  H22    . MDA J 3 . ? -5.250  6.545   -0.629  1.00 0.00 ? 3  MDA J H22    1 
HETATM 902  H  H4     . MDA J 3 . ? -6.585  7.429   1.263   1.00 0.00 ? 3  MDA J H4     1 
HETATM 903  H  H5     . MDA J 3 . ? -8.123  4.905   1.358   1.00 0.00 ? 3  MDA J H5     1 
HETATM 904  H  H61    . MDA J 3 . ? -9.590  6.854   1.952   1.00 0.00 ? 3  MDA J H61    1 
HETATM 905  H  H62    . MDA J 3 . ? -9.541  7.045   1.688   1.00 0.00 ? 3  MDA J H62    1 
HETATM 906  H  H63    . MDA J 3 . ? -9.680  6.745   1.643   1.00 0.00 ? 3  MDA J H63    1 
HETATM 907  H  "H3'1" . MDA J 3 . ? -3.852  6.196   1.892   1.00 0.00 ? 3  MDA J "H3'1" 1 
HETATM 908  H  "H3'2" . MDA J 3 . ? -3.916  6.291   1.835   1.00 0.00 ? 3  MDA J "H3'2" 1 
HETATM 909  H  "H3'3" . MDA J 3 . ? -3.844  6.221   1.762   1.00 0.00 ? 3  MDA J "H3'3" 1 
HETATM 910  H  HO3    . MDA J 3 . ? -5.861  4.291   2.697   1.00 0.00 ? 3  MDA J HO3    1 
HETATM 911  H  HO4    . MDA J 3 . ? -6.739  6.094   3.634   1.00 0.00 ? 3  MDA J HO4    1 
HETATM 912  MG MG     . MG  K 4 . ? 6.127   3.150   6.722   1.00 0.00 ? 17 MG  A MG     1 
HETATM 913  MG MG     . MG  L 4 . ? -6.876  -2.623  -6.360  1.00 0.00 ? 18 MG  A MG     1 
HETATM 914  C  C1     . DXB M 5 . ? 6.883   1.051   8.850   1.00 0.00 ? 21 DXB A C1     1 
HETATM 915  O  O1     . DXB M 5 . ? 6.053   1.734   8.316   1.00 0.00 ? 21 DXB A O1     1 
HETATM 916  C  C9A    . DXB M 5 . ? 8.236   1.011   8.308   1.00 0.00 ? 21 DXB A C9A    1 
HETATM 917  C  C2     . DXB M 5 . ? 6.556   0.132   10.056  1.00 0.00 ? 21 DXB A C2     1 
HETATM 918  C  C3     . DXB M 5 . ? 7.414   -1.135  9.869   1.00 0.00 ? 21 DXB A C3     1 
HETATM 919  C  C4     . DXB M 5 . ? 8.912   -0.790  9.982   1.00 0.00 ? 21 DXB A C4     1 
HETATM 920  C  C4A    . DXB M 5 . ? 9.221   0.122   8.828   1.00 0.00 ? 21 DXB A C4A    1 
HETATM 921  C  C10    . DXB M 5 . ? 10.502  0.063   8.246   1.00 0.00 ? 21 DXB A C10    1 
HETATM 922  C  C5A    . DXB M 5 . ? 10.774  0.914   7.177   1.00 0.00 ? 21 DXB A C5A    1 
HETATM 923  C  C5     . DXB M 5 . ? 11.978  0.788   6.520   1.00 0.00 ? 21 DXB A C5     1 
HETATM 924  C  C6     . DXB M 5 . ? 12.244  1.526   5.389   1.00 0.00 ? 21 DXB A C6     1 
HETATM 925  C  C7     . DXB M 5 . ? 11.351  2.462   4.941   1.00 0.00 ? 21 DXB A C7     1 
HETATM 926  C  CC7    . DXB M 5 . ? 11.651  3.324   3.786   1.00 0.00 ? 21 DXB A CC7    1 
HETATM 927  C  C8     . DXB M 5 . ? 10.154  2.610   5.569   1.00 0.00 ? 21 DXB A C8     1 
HETATM 928  O  O8     . DXB M 5 . ? 9.329   3.596   5.110   1.00 0.00 ? 21 DXB A O8     1 
HETATM 929  C  C8A    . DXB M 5 . ? 9.826   1.810   6.683   1.00 0.00 ? 21 DXB A C8A    1 
HETATM 930  C  C9     . DXB M 5 . ? 8.562   1.832   7.229   1.00 0.00 ? 21 DXB A C9     1 
HETATM 931  O  O9     . DXB M 5 . ? 7.647   2.538   6.504   1.00 0.00 ? 21 DXB A O9     1 
HETATM 932  C  CME    . DXB M 5 . ? 6.132   -1.468  12.782  1.00 0.00 ? 21 DXB A CME    1 
HETATM 933  C  C1S    . DXB M 5 . ? 6.999   -2.326  10.729  1.00 0.00 ? 21 DXB A C1S    1 
HETATM 934  O  O1S    . DXB M 5 . ? 7.197   -2.105  12.115  1.00 0.00 ? 21 DXB A O1S    1 
HETATM 935  C  C2S    . DXB M 5 . ? 7.774   -3.584  10.291  1.00 0.00 ? 21 DXB A C2S    1 
HETATM 936  O  O2S    . DXB M 5 . ? 8.307   -3.641  9.218   1.00 0.00 ? 21 DXB A O2S    1 
HETATM 937  C  C3S    . DXB M 5 . ? 7.864   -4.710  11.269  1.00 0.00 ? 21 DXB A C3S    1 
HETATM 938  O  O3S    . DXB M 5 . ? 7.474   -5.971  10.735  1.00 0.00 ? 21 DXB A O3S    1 
HETATM 939  C  C4S    . DXB M 5 . ? 9.299   -4.761  11.831  1.00 0.00 ? 21 DXB A C4S    1 
HETATM 940  O  O4S    . DXB M 5 . ? 10.247  -4.850  10.784  1.00 0.00 ? 21 DXB A O4S    1 
HETATM 941  C  C5S    . DXB M 5 . ? 9.656   -3.503  12.639  1.00 0.00 ? 21 DXB A C5S    1 
HETATM 942  H  H21    . DXB M 5 . ? 6.820   0.686   10.986  1.00 0.00 ? 21 DXB A H21    1 
HETATM 943  H  H3     . DXB M 5 . ? 7.249   -1.560  8.892   1.00 0.00 ? 21 DXB A H3     1 
HETATM 944  H  H4A    . DXB M 5 . ? 9.574   -1.654  9.918   1.00 0.00 ? 21 DXB A H4A    1 
HETATM 945  H  H4E    . DXB M 5 . ? 9.122   -0.265  10.916  1.00 0.00 ? 21 DXB A H4E    1 
HETATM 946  H  H10    . DXB M 5 . ? 11.313  -0.652  8.482   1.00 0.00 ? 21 DXB A H10    1 
HETATM 947  H  H5     . DXB M 5 . ? 12.804  0.171   6.840   1.00 0.00 ? 21 DXB A H5     1 
HETATM 948  H  HM71   . DXB M 5 . ? 11.689  3.315   3.334   1.00 0.00 ? 21 DXB A HM71   1 
HETATM 949  H  HM72   . DXB M 5 . ? 11.478  3.677   3.612   1.00 0.00 ? 21 DXB A HM72   1 
HETATM 950  H  HM73   . DXB M 5 . ? 11.986  3.618   3.601   1.00 0.00 ? 21 DXB A HM73   1 
HETATM 951  H  HO8    . DXB M 5 . ? 8.573   3.331   5.211   1.00 0.00 ? 21 DXB A HO8    1 
HETATM 952  H  HM11   . DXB M 5 . ? 5.554   -1.329  12.604  1.00 0.00 ? 21 DXB A HM11   1 
HETATM 953  H  HM12   . DXB M 5 . ? 5.871   -1.650  13.272  1.00 0.00 ? 21 DXB A HM12   1 
HETATM 954  H  HM13   . DXB M 5 . ? 6.109   -0.916  13.033  1.00 0.00 ? 21 DXB A HM13   1 
HETATM 955  H  HS1    . DXB M 5 . ? 5.961   -2.657  10.571  1.00 0.00 ? 21 DXB A HS1    1 
HETATM 956  H  HS3    . DXB M 5 . ? 7.192   -4.424  12.060  1.00 0.00 ? 21 DXB A HS3    1 
HETATM 957  H  HO3    . DXB M 5 . ? 7.280   -5.785  9.833   1.00 0.00 ? 21 DXB A HO3    1 
HETATM 958  H  HS4    . DXB M 5 . ? 9.437   -5.674  12.412  1.00 0.00 ? 21 DXB A HS4    1 
HETATM 959  H  HO4    . DXB M 5 . ? 9.858   -4.458  10.006  1.00 0.00 ? 21 DXB A HO4    1 
HETATM 960  H  HM51   . DXB M 5 . ? 9.368   -3.236  12.933  1.00 0.00 ? 21 DXB A HM51   1 
HETATM 961  H  HM52   . DXB M 5 . ? 9.821   -3.010  12.521  1.00 0.00 ? 21 DXB A HM52   1 
HETATM 962  H  HM53   . DXB M 5 . ? 10.007  -3.351  13.035  1.00 0.00 ? 21 DXB A HM53   1 
HETATM 963  C  C1     . DXB N 5 . ? -9.843  -1.947  -5.785  1.00 0.00 ? 22 DXB A C1     1 
HETATM 964  O  O1     . DXB N 5 . ? -8.892  -2.561  -6.126  1.00 0.00 ? 22 DXB A O1     1 
HETATM 965  C  C9A    . DXB N 5 . ? -9.726  -0.912  -4.743  1.00 0.00 ? 22 DXB A C9A    1 
HETATM 966  C  C2     . DXB N 5 . ? -11.238 -2.330  -6.350  1.00 0.00 ? 22 DXB A C2     1 
HETATM 967  C  C3     . DXB N 5 . ? -12.296 -2.090  -5.238  1.00 0.00 ? 22 DXB A C3     1 
HETATM 968  C  C4     . DXB N 5 . ? -12.263 -0.625  -4.767  1.00 0.00 ? 22 DXB A C4     1 
HETATM 969  C  C4A    . DXB N 5 . ? -10.907 -0.366  -4.170  1.00 0.00 ? 22 DXB A C4A    1 
HETATM 970  C  C10    . DXB N 5 . ? -10.835 0.470   -3.050  1.00 0.00 ? 22 DXB A C10    1 
HETATM 971  C  C5A    . DXB N 5 . ? -9.593  0.782   -2.534  1.00 0.00 ? 22 DXB A C5A    1 
HETATM 972  C  C5     . DXB N 5 . ? -9.592  1.536   -1.384  1.00 0.00 ? 22 DXB A C5     1 
HETATM 973  C  C6     . DXB N 5 . ? -8.425  1.865   -0.749  1.00 0.00 ? 22 DXB A C6     1 
HETATM 974  C  C7     . DXB N 5 . ? -7.210  1.499   -1.283  1.00 0.00 ? 22 DXB A C7     1 
HETATM 975  C  CC7    . DXB N 5 . ? -5.959  1.987   -0.618  1.00 0.00 ? 22 DXB A CC7    1 
HETATM 976  C  C8     . DXB N 5 . ? -7.183  0.717   -2.453  1.00 0.00 ? 22 DXB A C8     1 
HETATM 977  O  O8     . DXB N 5 . ? -5.980  0.358   -3.005  1.00 0.00 ? 22 DXB A O8     1 
HETATM 978  C  C8A    . DXB N 5 . ? -8.394  0.322   -3.092  1.00 0.00 ? 22 DXB A C8A    1 
HETATM 979  C  C9     . DXB N 5 . ? -8.458  -0.546  -4.211  1.00 0.00 ? 22 DXB A C9     1 
HETATM 980  O  O9     . DXB N 5 . ? -7.262  -1.023  -4.746  1.00 0.00 ? 22 DXB A O9     1 
HETATM 981  C  CME    . DXB N 5 . ? -14.298 -2.940  -7.910  1.00 0.00 ? 22 DXB A CME    1 
HETATM 982  C  C1S    . DXB N 5 . ? -13.729 -2.522  -5.669  1.00 0.00 ? 22 DXB A C1S    1 
HETATM 983  O  O1S    . DXB N 5 . ? -14.068 -2.020  -6.935  1.00 0.00 ? 22 DXB A O1S    1 
HETATM 984  C  C2S    . DXB N 5 . ? -14.821 -2.106  -4.675  1.00 0.00 ? 22 DXB A C2S    1 
HETATM 985  O  O2S    . DXB N 5 . ? -15.377 -1.198  -4.811  1.00 0.00 ? 22 DXB A O2S    1 
HETATM 986  C  C3S    . DXB N 5 . ? -15.213 -2.974  -3.585  1.00 0.00 ? 22 DXB A C3S    1 
HETATM 987  O  O3S    . DXB N 5 . ? -14.445 -2.861  -2.508  1.00 0.00 ? 22 DXB A O3S    1 
HETATM 988  C  C4S    . DXB N 5 . ? -16.597 -2.627  -3.197  1.00 0.00 ? 22 DXB A C4S    1 
HETATM 989  O  O4S    . DXB N 5 . ? -17.229 -2.171  -3.878  1.00 0.00 ? 22 DXB A O4S    1 
HETATM 990  C  C5S    . DXB N 5 . ? -17.312 -3.496  -2.890  1.00 0.00 ? 22 DXB A C5S    1 
HETATM 991  H  H21    . DXB N 5 . ? -11.381 -1.694  -7.250  1.00 0.00 ? 22 DXB A H21    1 
HETATM 992  H  H3     . DXB N 5 . ? -12.045 -2.715  -4.384  1.00 0.00 ? 22 DXB A H3     1 
HETATM 993  H  H4A    . DXB N 5 . ? -13.011 -0.393  -4.010  1.00 0.00 ? 22 DXB A H4A    1 
HETATM 994  H  H4E    . DXB N 5 . ? -12.408 0.051   -5.615  1.00 0.00 ? 22 DXB A H4E    1 
HETATM 995  H  H10    . DXB N 5 . ? -11.664 0.923   -2.475  1.00 0.00 ? 22 DXB A H10    1 
HETATM 996  H  H5     . DXB N 5 . ? -10.489 1.929   -0.943  1.00 0.00 ? 22 DXB A H5     1 
HETATM 997  H  HM71   . DXB N 5 . ? -5.403  1.851   -0.670  1.00 0.00 ? 22 DXB A HM71   1 
HETATM 998  H  HM72   . DXB N 5 . ? -5.757  2.546   -0.613  1.00 0.00 ? 22 DXB A HM72   1 
HETATM 999  H  HM73   . DXB N 5 . ? -5.816  2.033   -0.035  1.00 0.00 ? 22 DXB A HM73   1 
HETATM 1000 H  HO8    . DXB N 5 . ? -6.229  -0.187  -3.746  1.00 0.00 ? 22 DXB A HO8    1 
HETATM 1001 H  HM11   . DXB N 5 . ? -14.116 -2.969  -8.322  1.00 0.00 ? 22 DXB A HM11   1 
HETATM 1002 H  HM12   . DXB N 5 . ? -14.238 -3.489  -8.010  1.00 0.00 ? 22 DXB A HM12   1 
HETATM 1003 H  HM13   . DXB N 5 . ? -14.713 -3.093  -8.185  1.00 0.00 ? 22 DXB A HM13   1 
HETATM 1004 H  HS1    . DXB N 5 . ? -13.839 -3.611  -5.668  1.00 0.00 ? 22 DXB A HS1    1 
HETATM 1005 H  HS3    . DXB N 5 . ? -15.213 -3.985  -3.940  1.00 0.00 ? 22 DXB A HS3    1 
HETATM 1006 H  HO3    . DXB N 5 . ? -13.982 -3.360  -2.261  1.00 0.00 ? 22 DXB A HO3    1 
HETATM 1007 H  HS4    . DXB N 5 . ? -16.659 -2.063  -2.606  1.00 0.00 ? 22 DXB A HS4    1 
HETATM 1008 H  HO4    . DXB N 5 . ? -16.811 -1.665  -4.514  1.00 0.00 ? 22 DXB A HO4    1 
HETATM 1009 H  HM51   . DXB N 5 . ? -17.500 -3.647  -2.791  1.00 0.00 ? 22 DXB A HM51   1 
HETATM 1010 H  HM52   . DXB N 5 . ? -17.316 -3.616  -2.817  1.00 0.00 ? 22 DXB A HM52   1 
HETATM 1011 H  HM53   . DXB N 5 . ? -17.625 -3.829  -2.847  1.00 0.00 ? 22 DXB A HM53   1 
HETATM 1012 C  C1     . DXB O 5 . ? 5.480   5.368   8.865   1.00 0.00 ? 19 DXB B C1     1 
HETATM 1013 O  O1     . DXB O 5 . ? 6.108   4.572   8.230   1.00 0.00 ? 19 DXB B O1     1 
HETATM 1014 C  C9A    . DXB O 5 . ? 4.021   5.493   8.678   1.00 0.00 ? 19 DXB B C9A    1 
HETATM 1015 C  C2     . DXB O 5 . ? 6.196   6.322   9.875   1.00 0.00 ? 19 DXB B C2     1 
HETATM 1016 C  C3     . DXB O 5 . ? 5.347   7.601   9.972   1.00 0.00 ? 19 DXB B C3     1 
HETATM 1017 C  C4     . DXB O 5 . ? 3.950   7.257   10.514  1.00 0.00 ? 19 DXB B C4     1 
HETATM 1018 C  C4A    . DXB O 5 . ? 3.283   6.430   9.458   1.00 0.00 ? 19 DXB B C4A    1 
HETATM 1019 C  C10    . DXB O 5 . ? 1.912   6.628   9.241   1.00 0.00 ? 19 DXB B C10    1 
HETATM 1020 C  C5A    . DXB O 5 . ? 1.285   5.887   8.257   1.00 0.00 ? 19 DXB B C5A    1 
HETATM 1021 C  C5     . DXB O 5 . ? -0.034  6.189   8.010   1.00 0.00 ? 19 DXB B C5     1 
HETATM 1022 C  C6     . DXB O 5 . ? -0.730  5.590   6.999   1.00 0.00 ? 19 DXB B C6     1 
HETATM 1023 C  C7     . DXB O 5 . ? -0.140  4.609   6.239   1.00 0.00 ? 19 DXB B C7     1 
HETATM 1024 C  CC7    . DXB O 5 . ? -0.975  3.885   5.237   1.00 0.00 ? 19 DXB B CC7    1 
HETATM 1025 C  C8     . DXB O 5 . ? 1.205   4.282   6.460   1.00 0.00 ? 19 DXB B C8     1 
HETATM 1026 O  O8     . DXB O 5 . ? 1.791   3.313   5.692   1.00 0.00 ? 19 DXB B O8     1 
HETATM 1027 C  C8A    . DXB O 5 . ? 1.957   4.942   7.475   1.00 0.00 ? 19 DXB B C8A    1 
HETATM 1028 C  C9     . DXB O 5 . ? 3.344   4.746   7.687   1.00 0.00 ? 19 DXB B C9     1 
HETATM 1029 O  O9     . DXB O 5 . ? 3.986   3.849   6.845   1.00 0.00 ? 19 DXB B O9     1 
HETATM 1030 C  CME    . DXB O 5 . ? 7.407   7.942   12.495  1.00 0.00 ? 19 DXB B CME    1 
HETATM 1031 C  C1S    . DXB O 5 . ? 6.001   8.747   10.742  1.00 0.00 ? 19 DXB B C1S    1 
HETATM 1032 O  O1S    . DXB O 5 . ? 6.144   8.445   12.120  1.00 0.00 ? 19 DXB B O1S    1 
HETATM 1033 C  C2S    . DXB O 5 . ? 5.167   10.040  10.573  1.00 0.00 ? 19 DXB B C2S    1 
HETATM 1034 O  O2S    . DXB O 5 . ? 4.312   10.123  9.736   1.00 0.00 ? 19 DXB B O2S    1 
HETATM 1035 C  C3S    . DXB O 5 . ? 5.416   11.145  11.549  1.00 0.00 ? 19 DXB B C3S    1 
HETATM 1036 O  O3S    . DXB O 5 . ? 5.715   12.414  10.965  1.00 0.00 ? 19 DXB B O3S    1 
HETATM 1037 C  C4S    . DXB O 5 . ? 4.207   11.234  12.504  1.00 0.00 ? 19 DXB B C4S    1 
HETATM 1038 O  O4S    . DXB O 5 . ? 3.004   11.407  11.780  1.00 0.00 ? 19 DXB B O4S    1 
HETATM 1039 C  C5S    . DXB O 5 . ? 4.030   9.957   13.343  1.00 0.00 ? 19 DXB B C5S    1 
HETATM 1040 H  H21    . DXB O 5 . ? 6.241   5.783   10.846  1.00 0.00 ? 19 DXB B H21    1 
HETATM 1041 H  H3     . DXB O 5 . ? 5.251   8.062   9.003   1.00 0.00 ? 19 DXB B H3     1 
HETATM 1042 H  H4A    . DXB O 5 . ? 4.020   6.670   11.434  1.00 0.00 ? 19 DXB B H4A    1 
HETATM 1043 H  H4E    . DXB O 5 . ? 3.327   8.127   10.710  1.00 0.00 ? 19 DXB B H4E    1 
HETATM 1044 H  H10    . DXB O 5 . ? 1.241   7.355   9.736   1.00 0.00 ? 19 DXB B H10    1 
HETATM 1045 H  H5     . DXB O 5 . ? -0.610  6.862   8.608   1.00 0.00 ? 19 DXB B H5     1 
HETATM 1046 H  HM71   . DXB O 5 . ? -1.310  3.772   5.051   1.00 0.00 ? 19 DXB B HM71   1 
HETATM 1047 H  HM72   . DXB O 5 . ? -1.112  3.775   4.927   1.00 0.00 ? 19 DXB B HM72   1 
HETATM 1048 H  HM73   . DXB O 5 . ? -1.211  3.580   5.037   1.00 0.00 ? 19 DXB B HM73   1 
HETATM 1049 H  HO8    . DXB O 5 . ? 2.710   3.371   5.924   1.00 0.00 ? 19 DXB B HO8    1 
HETATM 1050 H  HM11   . DXB O 5 . ? 7.952   7.982   12.031  1.00 0.00 ? 19 DXB B HM11   1 
HETATM 1051 H  HM12   . DXB O 5 . ? 7.773   8.218   13.072  1.00 0.00 ? 19 DXB B HM12   1 
HETATM 1052 H  HM13   . DXB O 5 . ? 7.529   7.231   12.697  1.00 0.00 ? 19 DXB B HM13   1 
HETATM 1053 H  HS1    . DXB O 5 . ? 6.975   9.079   10.349  1.00 0.00 ? 19 DXB B HS1    1 
HETATM 1054 H  HS3    . DXB O 5 . ? 6.267   10.803  12.111  1.00 0.00 ? 19 DXB B HS3    1 
HETATM 1055 H  HO3    . DXB O 5 . ? 5.573   12.300  10.029  1.00 0.00 ? 19 DXB B HO3    1 
HETATM 1056 H  HS4    . DXB O 5 . ? 4.290   12.127  13.127  1.00 0.00 ? 19 DXB B HS4    1 
HETATM 1057 H  HO4    . DXB O 5 . ? 3.126   11.012  10.918  1.00 0.00 ? 19 DXB B HO4    1 
HETATM 1058 H  HM51   . DXB O 5 . ? 3.876   9.763   13.593  1.00 0.00 ? 19 DXB B HM51   1 
HETATM 1059 H  HM52   . DXB O 5 . ? 4.133   9.654   13.595  1.00 0.00 ? 19 DXB B HM52   1 
HETATM 1060 H  HM53   . DXB O 5 . ? 3.949   9.538   13.434  1.00 0.00 ? 19 DXB B HM53   1 
HETATM 1061 C  C1     . DXB P 5 . ? -6.865  -1.443  -9.177  1.00 0.00 ? 20 DXB B C1     1 
HETATM 1062 O  O1     . DXB P 5 . ? -7.064  -1.311  -8.004  1.00 0.00 ? 20 DXB B O1     1 
HETATM 1063 C  C9A    . DXB P 5 . ? -6.496  -2.753  -9.688  1.00 0.00 ? 20 DXB B C9A    1 
HETATM 1064 C  C2     . DXB P 5 . ? -6.893  -0.246  -10.173 1.00 0.00 ? 20 DXB B C2     1 
HETATM 1065 C  C3     . DXB P 5 . ? -5.808  -0.525  -11.235 1.00 0.00 ? 20 DXB B C3     1 
HETATM 1066 C  C4     . DXB P 5 . ? -6.169  -1.796  -12.024 1.00 0.00 ? 20 DXB B C4     1 
HETATM 1067 C  C4A    . DXB P 5 . ? -6.103  -2.927  -11.043 1.00 0.00 ? 20 DXB B C4A    1 
HETATM 1068 C  C10    . DXB P 5 . ? -5.643  -4.173  -11.491 1.00 0.00 ? 20 DXB B C10    1 
HETATM 1069 C  C5A    . DXB P 5 . ? -5.623  -5.224  -10.586 1.00 0.00 ? 20 DXB B C5A    1 
HETATM 1070 C  C5     . DXB P 5 . ? -5.041  -6.404  -10.971 1.00 0.00 ? 20 DXB B C5     1 
HETATM 1071 C  C6     . DXB P 5 . ? -4.913  -7.450  -10.088 1.00 0.00 ? 20 DXB B C6     1 
HETATM 1072 C  C7     . DXB P 5 . ? -5.459  -7.363  -8.825  1.00 0.00 ? 20 DXB B C7     1 
HETATM 1073 C  CC7    . DXB P 5 . ? -5.441  -8.511  -7.908  1.00 0.00 ? 20 DXB B CC7    1 
HETATM 1074 C  C8     . DXB P 5 . ? -6.042  -6.199  -8.414  1.00 0.00 ? 20 DXB B C8     1 
HETATM 1075 O  O8     . DXB P 5 . ? -6.713  -6.193  -7.209  1.00 0.00 ? 20 DXB B O8     1 
HETATM 1076 C  C8A    . DXB P 5 . ? -6.079  -5.090  -9.280  1.00 0.00 ? 20 DXB B C8A    1 
HETATM 1077 C  C9     . DXB P 5 . ? -6.472  -3.856  -8.827  1.00 0.00 ? 20 DXB B C9     1 
HETATM 1078 O  O9     . DXB P 5 . ? -6.633  -3.818  -7.482  1.00 0.00 ? 20 DXB B O9     1 
HETATM 1079 C  CME    . DXB P 5 . ? -7.390  2.087   -12.398 1.00 0.00 ? 20 DXB B CME    1 
HETATM 1080 C  C1S    . DXB P 5 . ? -5.491  0.659   -12.141 1.00 0.00 ? 20 DXB B C1S    1 
HETATM 1081 O  O1S    . DXB P 5 . ? -6.599  1.051   -12.935 1.00 0.00 ? 20 DXB B O1S    1 
HETATM 1082 C  C2S    . DXB P 5 . ? -4.295  0.336   -13.062 1.00 0.00 ? 20 DXB B C2S    1 
HETATM 1083 O  O2S    . DXB P 5 . ? -3.645  -0.661  -12.915 1.00 0.00 ? 20 DXB B O2S    1 
HETATM 1084 C  C3S    . DXB P 5 . ? -4.031  1.301   -14.179 1.00 0.00 ? 20 DXB B C3S    1 
HETATM 1085 O  O3S    . DXB P 5 . ? -2.712  1.844   -14.196 1.00 0.00 ? 20 DXB B O3S    1 
HETATM 1086 C  C4S    . DXB P 5 . ? -4.373  0.606   -15.513 1.00 0.00 ? 20 DXB B C4S    1 
HETATM 1087 O  O4S    . DXB P 5 . ? -3.639  -0.594  -15.656 1.00 0.00 ? 20 DXB B O4S    1 
HETATM 1088 C  C5S    . DXB P 5 . ? -5.859  0.215   -15.600 1.00 0.00 ? 20 DXB B C5S    1 
HETATM 1089 H  H21    . DXB P 5 . ? -7.915  -0.191  -10.617 1.00 0.00 ? 20 DXB B H21    1 
HETATM 1090 H  H3     . DXB P 5 . ? -4.842  -0.655  -10.773 1.00 0.00 ? 20 DXB B H3     1 
HETATM 1091 H  H4A    . DXB P 5 . ? -7.183  -1.731  -12.420 1.00 0.00 ? 20 DXB B H4A    1 
HETATM 1092 H  H4E    . DXB P 5 . ? -5.503  -2.024  -12.854 1.00 0.00 ? 20 DXB B H4E    1 
HETATM 1093 H  H10    . DXB P 5 . ? -5.261  -4.430  -12.493 1.00 0.00 ? 20 DXB B H10    1 
HETATM 1094 H  H5     . DXB P 5 . ? -4.705  -6.618  -11.970 1.00 0.00 ? 20 DXB B H5     1 
HETATM 1095 H  HM71   . DXB P 5 . ? -5.854  -8.945  -7.873  1.00 0.00 ? 20 DXB B HM71   1 
HETATM 1096 H  HM72   . DXB P 5 . ? -5.034  -8.905  -7.920  1.00 0.00 ? 20 DXB B HM72   1 
HETATM 1097 H  HM73   . DXB P 5 . ? -5.423  -8.513  -7.314  1.00 0.00 ? 20 DXB B HM73   1 
HETATM 1098 H  HO8    . DXB P 5 . ? -7.194  -5.376  -7.180  1.00 0.00 ? 20 DXB B HO8    1 
HETATM 1099 H  HM11   . DXB P 5 . ? -7.837  2.352   -12.511 1.00 0.00 ? 20 DXB B HM11   1 
HETATM 1100 H  HM12   . DXB P 5 . ? -7.647  2.161   -11.989 1.00 0.00 ? 20 DXB B HM12   1 
HETATM 1101 H  HM13   . DXB P 5 . ? -7.349  2.585   -12.269 1.00 0.00 ? 20 DXB B HM13   1 
HETATM 1102 H  HS1    . DXB P 5 . ? -5.098  1.540   -11.606 1.00 0.00 ? 20 DXB B HS1    1 
HETATM 1103 H  HS3    . DXB P 5 . ? -4.745  2.093   -14.011 1.00 0.00 ? 20 DXB B HS3    1 
HETATM 1104 H  HO3    . DXB P 5 . ? -2.370  1.646   -13.327 1.00 0.00 ? 20 DXB B HO3    1 
HETATM 1105 H  HS4    . DXB P 5 . ? -4.058  1.231   -16.351 1.00 0.00 ? 20 DXB B HS4    1 
HETATM 1106 H  HO4    . DXB P 5 . ? -3.455  -0.925  -14.777 1.00 0.00 ? 20 DXB B HO4    1 
HETATM 1107 H  HM51   . DXB P 5 . ? -6.075  -0.146  -15.665 1.00 0.00 ? 20 DXB B HM51   1 
HETATM 1108 H  HM52   . DXB P 5 . ? -6.261  0.288   -15.840 1.00 0.00 ? 20 DXB B HM52   1 
HETATM 1109 H  HM53   . DXB P 5 . ? -6.292  0.197   -15.351 1.00 0.00 ? 20 DXB B HM53   1 
# 
